data_9C0E
#
_entry.id   9C0E
#
_cell.length_a   1.00
_cell.length_b   1.00
_cell.length_c   1.00
_cell.angle_alpha   90.00
_cell.angle_beta   90.00
_cell.angle_gamma   90.00
#
_symmetry.space_group_name_H-M   'P 1'
#
loop_
_entity.id
_entity.type
_entity.pdbx_description
1 polymer 'Solute carrier family 12 member 2'
2 non-polymer "ADENOSINE-5'-TRIPHOSPHATE"
3 non-polymer '5-(AMINOSULFONYL)-4-CHLORO-2-[(2-FURYLMETHYL)AMINO]BENZOIC ACID'
4 non-polymer 'POTASSIUM ION'
5 non-polymer 'CHLORIDE ION'
6 non-polymer 'SODIUM ION'
7 non-polymer 'MAGNESIUM ION'
#
_entity_poly.entity_id   1
_entity_poly.type   'polypeptide(L)'
_entity_poly.pdbx_seq_one_letter_code
;MEPRPTAPSSGAPGLAGVGETPSAAALAAARVELPGTAVPSVPEDAAPASRDGGGVRDEGPAAAGDGLGRPLGPTPSQSR
FQVDLVSENAGRAAAAAAAAAAAAAAAGAGAGAKQTPADGEASGESEPAKGSEEAKGRFRVNFVDPAASSSAEDSLSDAA
GVGVDGPNVSFQNGGDTVLSEGSSLHSGGGGGSGHHQHYYYDTHTNTYYLR(TPO)FGHN(TPO)MDAVPRIDHYRH
(TPO)AAQLGEKLLRPSLAELHDELEKEPFEDGFANGEESTPTRDAVVTYTAESKGVVKFGWINGVLVRCMLNIWGVMLF
IRLSWIVGQAGIGLSVLVIMMATVVTTITGLSTSAIATNGFVRGGGAYYLISRSLGPEFGGAIGLIFAFANAVAVAMYVV
GFAETVVELLKEHSILMIDEINDIRIIGAITVVILLGISVAGMEWEAKAQIVLLVILLLAIGDFVIGTFIPLESKKPKGF
FGYKSEIFNENFGPDFREEETFFSVFEIFFPAATGILAGANISGDLADPQSAIPKGTLLAILITTLVYVGIAVSVGSCVV
RDATGNVNDTIVTELTNCTSAACKLNFDFSSCESSPCSYGLMNNFQVMSMVSGFTPLISAGIFSATLSSALASLVSAPKI
FQALCKDNIYPAFQMFAKGYGKNNEPLRGYILTFLIALGFILIAELNVIAPIISNFFLASYALINFSVFHASLAKSPGWR
PAFKYYNMWISLLGAILCCIVMFVINWWAALLTYVIVLGLYIYVTYKKPDVNWGSSTQALTYLNALQHSIRLSGVEDHVK
NFRPQCLVMTGAPNSRPALLHLVHDFTKNVGLMICGHVHMGPRRQAMKEMSIDQAKYQRWLIKNKMKAFYAPVHADDLRE
GAQYLMQAAGLGRMKPNTLVLGFKKDWLQADMRDVDMYINLFHDAFDIQYGVVVIRLKEGLDISHLQGQEELLSSQEKSP
GTKDVVVSVEYSKKSDLDTSKPLSEKPITHKVEEEDGKTATQPLLKKESKGPIVPLNVADQKLLEASTQFQKKQGKNTID
VWWLFDDGGLTLLIPYLLTTKKKWKDCKIRVFIGGKINRIDHDRRAMATLLSKFRIDFSDIMVLGDINTKPKKENIIAFE
EIIEPYRLHEDDKEQDIADKMKEDEPWRITDNELELYKTKTYRQIRLNELLKEHSSTANIIVMSLPVARKGAVSSALYMA
WLEALSKDLPPILLVRGNHQSVLTFYS
;
_entity_poly.pdbx_strand_id   A,B
#
# COMPACT_ATOMS: atom_id res chain seq x y z
N THR A 203 15.68 64.37 3.18
CA THR A 203 16.70 64.00 4.16
C THR A 203 17.88 63.32 3.49
N HIS A 204 17.74 63.03 2.20
CA HIS A 204 18.80 62.39 1.44
C HIS A 204 18.68 62.79 -0.02
N THR A 205 19.79 62.66 -0.74
CA THR A 205 19.82 63.04 -2.15
C THR A 205 18.93 62.12 -2.98
N ASN A 206 18.41 62.66 -4.08
CA ASN A 206 17.56 61.87 -4.95
C ASN A 206 18.27 60.64 -5.49
N THR A 207 19.60 60.71 -5.63
CA THR A 207 20.35 59.55 -6.09
C THR A 207 20.24 58.39 -5.09
N TYR A 208 20.27 58.71 -3.79
CA TYR A 208 20.15 57.66 -2.79
C TYR A 208 18.81 56.94 -2.89
N TYR A 209 17.73 57.69 -3.13
CA TYR A 209 16.41 57.08 -3.20
C TYR A 209 16.27 56.13 -4.39
N LEU A 210 17.18 56.19 -5.35
CA LEU A 210 17.10 55.36 -6.55
C LEU A 210 18.19 54.30 -6.59
N ARG A 211 18.76 53.95 -5.44
CA ARG A 211 19.81 52.95 -5.38
C ARG A 211 19.26 51.55 -5.68
N PHE A 213 17.69 48.11 -5.04
CA PHE A 213 16.74 47.62 -4.05
C PHE A 213 17.36 46.50 -3.21
N GLY A 214 17.28 46.65 -1.89
CA GLY A 214 17.84 45.67 -0.97
C GLY A 214 19.18 46.04 -0.38
N HIS A 215 19.70 47.24 -0.69
CA HIS A 215 20.99 47.66 -0.14
C HIS A 215 20.88 48.21 1.28
N ASN A 216 19.66 48.53 1.73
CA ASN A 216 19.49 49.10 3.05
C ASN A 216 18.79 48.13 4.00
N MET A 218 19.21 43.80 5.64
CA MET A 218 19.96 42.55 5.72
C MET A 218 19.33 41.48 4.82
N ASP A 219 18.04 41.65 4.53
CA ASP A 219 17.35 40.71 3.67
C ASP A 219 17.88 40.81 2.24
N ALA A 220 17.95 39.67 1.56
CA ALA A 220 18.54 39.58 0.24
C ALA A 220 17.46 39.33 -0.81
N VAL A 221 17.64 39.92 -1.98
CA VAL A 221 16.75 39.70 -3.12
C VAL A 221 17.05 38.34 -3.72
N PRO A 222 16.10 37.69 -4.37
CA PRO A 222 16.36 36.36 -4.93
C PRO A 222 17.35 36.45 -6.09
N ARG A 223 18.39 35.63 -6.04
CA ARG A 223 19.44 35.63 -7.05
C ARG A 223 19.88 34.20 -7.34
N ILE A 224 20.40 33.98 -8.54
CA ILE A 224 20.84 32.66 -8.95
C ILE A 224 21.92 32.12 -8.01
N ASP A 225 22.82 33.00 -7.56
CA ASP A 225 23.90 32.56 -6.69
C ASP A 225 23.37 31.96 -5.39
N HIS A 226 22.17 32.36 -4.97
CA HIS A 226 21.61 31.82 -3.74
C HIS A 226 21.27 30.34 -3.87
N TYR A 227 21.07 29.85 -5.10
CA TYR A 227 20.68 28.46 -5.33
C TYR A 227 21.77 27.63 -5.99
N ARG A 228 22.77 28.25 -6.59
CA ARG A 228 23.90 27.52 -7.14
C ARG A 228 24.72 26.91 -6.01
N HIS A 229 25.13 25.65 -6.17
CA HIS A 229 25.96 25.01 -5.16
C HIS A 229 27.39 24.86 -5.66
N ALA A 231 31.09 25.65 -6.48
CA ALA A 231 32.07 26.43 -5.73
C ALA A 231 32.67 27.52 -6.60
N ALA A 232 31.85 28.47 -7.03
CA ALA A 232 32.28 29.57 -7.88
C ALA A 232 32.62 30.76 -7.00
N GLN A 233 33.92 30.99 -6.78
CA GLN A 233 34.41 32.10 -5.96
C GLN A 233 33.88 32.03 -4.53
N LEU A 234 33.44 30.87 -4.08
CA LEU A 234 32.90 30.68 -2.74
C LEU A 234 31.66 31.52 -2.48
N GLY A 235 31.01 32.01 -3.53
CA GLY A 235 29.82 32.83 -3.36
C GLY A 235 30.07 34.06 -2.52
N GLU A 236 30.88 34.99 -3.03
CA GLU A 236 31.19 36.19 -2.27
C GLU A 236 29.94 37.01 -1.97
N LYS A 237 29.06 37.16 -2.96
CA LYS A 237 27.83 37.92 -2.80
C LYS A 237 26.58 37.06 -2.88
N LEU A 238 26.71 35.78 -3.25
CA LEU A 238 25.55 34.90 -3.38
C LEU A 238 25.34 34.10 -2.09
N LEU A 239 25.15 34.85 -1.00
CA LEU A 239 24.92 34.27 0.32
C LEU A 239 23.65 34.90 0.90
N ARG A 240 22.54 34.19 0.78
CA ARG A 240 21.30 34.67 1.39
C ARG A 240 21.38 34.48 2.90
N PRO A 241 21.02 35.49 3.69
CA PRO A 241 21.10 35.35 5.14
C PRO A 241 20.11 34.29 5.63
N SER A 242 20.51 33.60 6.70
CA SER A 242 19.63 32.63 7.31
C SER A 242 18.51 33.33 8.07
N LEU A 243 17.48 32.55 8.41
CA LEU A 243 16.35 33.11 9.15
C LEU A 243 16.82 33.59 10.53
N ALA A 244 17.72 32.85 11.17
CA ALA A 244 18.20 33.24 12.49
C ALA A 244 18.90 34.60 12.44
N GLU A 245 19.70 34.85 11.40
CA GLU A 245 20.40 36.12 11.30
C GLU A 245 19.43 37.29 11.24
N LEU A 246 18.35 37.14 10.47
CA LEU A 246 17.36 38.21 10.36
C LEU A 246 16.41 38.27 11.55
N HIS A 247 16.35 37.21 12.35
CA HIS A 247 15.36 37.13 13.42
C HIS A 247 15.97 37.17 14.82
N ASP A 248 17.16 36.63 15.01
CA ASP A 248 17.75 36.58 16.34
C ASP A 248 18.02 37.99 16.87
N GLU A 249 17.91 38.13 18.20
CA GLU A 249 18.13 39.42 18.82
C GLU A 249 19.57 39.90 18.63
N LEU A 250 19.72 41.20 18.43
CA LEU A 250 21.04 41.79 18.23
C LEU A 250 21.77 41.95 19.56
N VAL A 282 35.46 21.04 -21.37
CA VAL A 282 36.08 22.18 -22.03
C VAL A 282 35.47 22.39 -23.40
N VAL A 283 35.03 21.30 -24.02
CA VAL A 283 34.41 21.33 -25.35
C VAL A 283 32.95 20.95 -25.21
N LYS A 284 32.08 21.79 -25.75
CA LYS A 284 30.64 21.57 -25.72
C LYS A 284 30.09 21.59 -27.13
N PHE A 285 29.12 20.72 -27.42
CA PHE A 285 28.52 20.62 -28.72
C PHE A 285 27.11 21.20 -28.71
N GLY A 286 26.69 21.72 -29.86
CA GLY A 286 25.34 22.18 -30.03
C GLY A 286 24.38 21.02 -30.23
N TRP A 287 23.09 21.36 -30.29
CA TRP A 287 22.07 20.32 -30.44
C TRP A 287 22.18 19.64 -31.81
N ILE A 288 22.54 20.39 -32.85
CA ILE A 288 22.62 19.81 -34.18
C ILE A 288 23.73 18.77 -34.26
N ASN A 289 24.97 19.21 -34.00
CA ASN A 289 26.12 18.32 -34.10
C ASN A 289 26.20 17.32 -32.95
N GLY A 290 25.80 17.71 -31.75
CA GLY A 290 25.98 16.86 -30.58
C GLY A 290 24.90 15.82 -30.34
N VAL A 291 23.71 16.04 -30.88
CA VAL A 291 22.56 15.15 -30.64
C VAL A 291 21.95 14.66 -31.94
N LEU A 292 21.53 15.58 -32.82
CA LEU A 292 20.83 15.19 -34.03
C LEU A 292 21.70 14.28 -34.90
N VAL A 293 22.93 14.72 -35.20
CA VAL A 293 23.80 13.93 -36.05
C VAL A 293 24.14 12.60 -35.40
N ARG A 294 24.45 12.63 -34.09
CA ARG A 294 24.79 11.39 -33.40
C ARG A 294 23.63 10.40 -33.44
N CYS A 295 22.42 10.87 -33.15
CA CYS A 295 21.27 9.98 -33.15
C CYS A 295 20.99 9.43 -34.54
N MET A 296 21.05 10.27 -35.57
CA MET A 296 20.83 9.79 -36.93
C MET A 296 21.87 8.75 -37.32
N LEU A 297 23.14 9.01 -37.02
CA LEU A 297 24.18 8.07 -37.40
C LEU A 297 24.04 6.76 -36.65
N ASN A 298 23.69 6.81 -35.37
CA ASN A 298 23.53 5.59 -34.59
C ASN A 298 22.35 4.76 -35.09
N ILE A 299 21.23 5.42 -35.38
CA ILE A 299 20.03 4.69 -35.80
C ILE A 299 20.27 3.97 -37.11
N TRP A 300 20.87 4.65 -38.08
CA TRP A 300 21.13 4.07 -39.39
C TRP A 300 22.32 3.12 -39.30
N GLY A 301 22.11 1.86 -39.64
CA GLY A 301 23.16 0.87 -39.55
C GLY A 301 23.22 -0.08 -40.72
N VAL A 302 23.27 -1.38 -40.43
CA VAL A 302 23.44 -2.38 -41.48
C VAL A 302 22.20 -2.46 -42.37
N MET A 303 21.01 -2.47 -41.77
CA MET A 303 19.80 -2.76 -42.52
C MET A 303 19.44 -1.66 -43.51
N LEU A 304 20.07 -0.49 -43.42
CA LEU A 304 19.68 0.61 -44.29
C LEU A 304 19.86 0.26 -45.76
N PHE A 305 20.97 -0.38 -46.11
CA PHE A 305 21.28 -0.69 -47.49
C PHE A 305 21.30 -2.18 -47.82
N ILE A 306 21.18 -3.06 -46.83
CA ILE A 306 21.36 -4.50 -47.04
C ILE A 306 20.05 -5.25 -46.89
N ARG A 307 19.44 -5.20 -45.70
CA ARG A 307 18.33 -6.08 -45.37
C ARG A 307 16.96 -5.42 -45.52
N LEU A 308 16.90 -4.15 -45.88
CA LEU A 308 15.60 -3.51 -46.09
C LEU A 308 14.87 -4.14 -47.26
N SER A 309 15.57 -4.40 -48.37
CA SER A 309 14.95 -5.04 -49.52
C SER A 309 14.43 -6.43 -49.16
N TRP A 310 15.21 -7.19 -48.41
CA TRP A 310 14.77 -8.52 -48.01
C TRP A 310 13.52 -8.44 -47.15
N ILE A 311 13.46 -7.47 -46.24
CA ILE A 311 12.29 -7.30 -45.39
C ILE A 311 11.07 -6.96 -46.24
N VAL A 312 11.23 -6.00 -47.17
CA VAL A 312 10.12 -5.62 -48.03
C VAL A 312 9.70 -6.76 -48.96
N GLY A 313 10.60 -7.71 -49.21
CA GLY A 313 10.26 -8.87 -49.99
C GLY A 313 9.48 -9.90 -49.21
N GLN A 314 10.09 -10.41 -48.13
CA GLN A 314 9.43 -11.45 -47.35
C GLN A 314 8.06 -11.02 -46.84
N ALA A 315 7.90 -9.74 -46.53
CA ALA A 315 6.62 -9.17 -46.17
C ALA A 315 6.31 -8.02 -47.12
N GLY A 316 5.04 -7.92 -47.51
CA GLY A 316 4.67 -6.93 -48.50
C GLY A 316 4.98 -5.51 -48.09
N ILE A 317 4.67 -4.56 -48.97
CA ILE A 317 4.93 -3.16 -48.65
C ILE A 317 4.19 -2.76 -47.38
N GLY A 318 2.91 -3.15 -47.28
CA GLY A 318 2.13 -2.75 -46.13
C GLY A 318 2.66 -3.34 -44.83
N LEU A 319 2.98 -4.63 -44.84
CA LEU A 319 3.46 -5.28 -43.62
C LEU A 319 4.82 -4.73 -43.20
N SER A 320 5.72 -4.50 -44.15
CA SER A 320 7.01 -3.91 -43.82
C SER A 320 6.84 -2.51 -43.25
N VAL A 321 5.96 -1.71 -43.85
CA VAL A 321 5.70 -0.38 -43.32
C VAL A 321 5.12 -0.47 -41.91
N LEU A 322 4.27 -1.47 -41.67
CA LEU A 322 3.70 -1.64 -40.34
C LEU A 322 4.77 -1.99 -39.31
N VAL A 323 5.70 -2.87 -39.69
CA VAL A 323 6.79 -3.23 -38.76
C VAL A 323 7.64 -2.00 -38.46
N ILE A 324 7.97 -1.24 -39.50
CA ILE A 324 8.75 -0.01 -39.28
C ILE A 324 7.99 0.93 -38.36
N MET A 325 6.68 1.08 -38.58
CA MET A 325 5.89 2.00 -37.77
C MET A 325 5.80 1.54 -36.32
N MET A 326 5.72 0.23 -36.09
CA MET A 326 5.68 -0.27 -34.72
C MET A 326 6.99 0.00 -34.00
N ALA A 327 8.11 -0.30 -34.65
CA ALA A 327 9.40 -0.01 -34.03
C ALA A 327 9.55 1.49 -33.77
N THR A 328 9.12 2.31 -34.73
CA THR A 328 9.19 3.75 -34.57
C THR A 328 8.30 4.23 -33.44
N VAL A 329 7.14 3.59 -33.25
CA VAL A 329 6.25 3.98 -32.16
C VAL A 329 6.92 3.69 -30.82
N VAL A 330 7.54 2.52 -30.68
CA VAL A 330 8.25 2.21 -29.45
C VAL A 330 9.35 3.23 -29.19
N THR A 331 10.17 3.50 -30.21
CA THR A 331 11.27 4.43 -30.04
C THR A 331 10.78 5.85 -29.79
N THR A 332 9.64 6.23 -30.37
CA THR A 332 9.12 7.58 -30.17
C THR A 332 8.59 7.76 -28.76
N ILE A 333 7.90 6.75 -28.23
CA ILE A 333 7.47 6.82 -26.82
C ILE A 333 8.69 6.91 -25.92
N THR A 334 9.73 6.11 -26.21
CA THR A 334 10.94 6.19 -25.41
C THR A 334 11.59 7.56 -25.50
N GLY A 335 11.59 8.15 -26.70
CA GLY A 335 12.17 9.47 -26.86
C GLY A 335 11.41 10.55 -26.13
N LEU A 336 10.07 10.46 -26.15
CA LEU A 336 9.27 11.39 -25.37
C LEU A 336 9.56 11.28 -23.89
N SER A 337 9.65 10.04 -23.38
CA SER A 337 9.98 9.86 -21.97
C SER A 337 11.36 10.41 -21.64
N THR A 338 12.34 10.16 -22.51
CA THR A 338 13.69 10.67 -22.28
C THR A 338 13.71 12.19 -22.28
N SER A 339 13.00 12.81 -23.23
CA SER A 339 12.94 14.26 -23.28
C SER A 339 12.28 14.83 -22.03
N ALA A 340 11.24 14.17 -21.52
CA ALA A 340 10.63 14.61 -20.28
C ALA A 340 11.60 14.51 -19.11
N ILE A 341 12.30 13.38 -19.01
CA ILE A 341 13.22 13.19 -17.88
C ILE A 341 14.39 14.15 -17.95
N ALA A 342 14.84 14.51 -19.15
CA ALA A 342 16.03 15.34 -19.31
C ALA A 342 15.76 16.83 -19.16
N THR A 343 14.50 17.24 -19.07
CA THR A 343 14.15 18.65 -18.95
C THR A 343 13.76 19.04 -17.52
N ASN A 344 14.06 18.19 -16.54
CA ASN A 344 13.74 18.51 -15.16
C ASN A 344 14.86 19.34 -14.52
N GLY A 345 16.06 18.77 -14.44
CA GLY A 345 17.18 19.47 -13.85
C GLY A 345 18.37 19.51 -14.78
N PHE A 346 19.54 19.83 -14.24
CA PHE A 346 20.77 19.86 -15.02
C PHE A 346 21.39 18.47 -15.02
N VAL A 347 21.47 17.86 -16.19
CA VAL A 347 22.11 16.55 -16.34
C VAL A 347 23.62 16.73 -16.40
N ARG A 348 24.35 15.76 -15.84
CA ARG A 348 25.79 15.90 -15.66
C ARG A 348 26.59 15.00 -16.57
N GLY A 349 26.36 13.68 -16.53
CA GLY A 349 27.15 12.77 -17.33
C GLY A 349 26.62 11.35 -17.34
N GLY A 350 26.47 10.80 -18.54
CA GLY A 350 25.87 9.48 -18.70
C GLY A 350 24.43 9.64 -19.12
N GLY A 351 24.15 9.51 -20.41
CA GLY A 351 22.85 9.86 -20.92
C GLY A 351 21.71 9.13 -20.25
N ALA A 352 21.59 7.82 -20.52
CA ALA A 352 20.48 7.07 -19.96
C ALA A 352 20.69 6.79 -18.47
N TYR A 353 21.92 6.48 -18.08
CA TYR A 353 22.17 6.10 -16.69
C TYR A 353 21.89 7.26 -15.75
N TYR A 354 22.42 8.45 -16.04
CA TYR A 354 22.25 9.57 -15.12
C TYR A 354 20.78 9.93 -14.99
N LEU A 355 20.07 10.01 -16.11
CA LEU A 355 18.65 10.34 -16.06
C LEU A 355 17.87 9.29 -15.27
N ILE A 356 18.06 8.02 -15.59
CA ILE A 356 17.30 6.97 -14.93
C ILE A 356 17.61 6.95 -13.44
N SER A 357 18.89 7.05 -13.08
CA SER A 357 19.25 7.02 -11.66
C SER A 357 18.64 8.20 -10.92
N ARG A 358 18.87 9.42 -11.41
CA ARG A 358 18.39 10.60 -10.69
C ARG A 358 16.87 10.68 -10.67
N SER A 359 16.18 9.97 -11.57
CA SER A 359 14.73 10.00 -11.58
C SER A 359 14.08 8.80 -10.89
N LEU A 360 14.83 7.73 -10.64
CA LEU A 360 14.21 6.53 -10.10
C LEU A 360 14.85 6.02 -8.82
N GLY A 361 16.17 6.05 -8.72
CA GLY A 361 16.84 5.49 -7.56
C GLY A 361 18.11 4.75 -7.93
N PRO A 362 19.02 4.61 -6.96
CA PRO A 362 20.31 3.98 -7.26
C PRO A 362 20.20 2.53 -7.73
N GLU A 363 19.22 1.77 -7.26
CA GLU A 363 19.12 0.36 -7.65
C GLU A 363 18.84 0.23 -9.14
N PHE A 364 17.71 0.77 -9.59
CA PHE A 364 17.39 0.76 -11.01
C PHE A 364 18.50 1.44 -11.80
N GLY A 365 19.05 2.53 -11.27
CA GLY A 365 20.08 3.24 -12.00
C GLY A 365 21.30 2.37 -12.29
N GLY A 366 21.81 1.67 -11.27
CA GLY A 366 22.95 0.82 -11.47
C GLY A 366 22.65 -0.35 -12.37
N ALA A 367 21.48 -0.99 -12.18
CA ALA A 367 21.13 -2.12 -13.03
C ALA A 367 21.07 -1.71 -14.49
N ILE A 368 20.33 -0.65 -14.80
CA ILE A 368 20.22 -0.19 -16.18
C ILE A 368 21.56 0.29 -16.70
N GLY A 369 22.37 0.91 -15.84
CA GLY A 369 23.67 1.36 -16.30
C GLY A 369 24.53 0.21 -16.77
N LEU A 370 24.63 -0.85 -15.96
CA LEU A 370 25.38 -2.03 -16.37
C LEU A 370 24.81 -2.60 -17.67
N ILE A 371 23.49 -2.79 -17.72
CA ILE A 371 22.87 -3.42 -18.87
C ILE A 371 23.14 -2.62 -20.14
N PHE A 372 22.91 -1.31 -20.08
CA PHE A 372 23.05 -0.44 -21.24
C PHE A 372 24.50 -0.36 -21.69
N ALA A 373 25.44 -0.25 -20.75
CA ALA A 373 26.85 -0.18 -21.12
C ALA A 373 27.27 -1.46 -21.83
N PHE A 374 26.89 -2.62 -21.28
CA PHE A 374 27.25 -3.87 -21.93
C PHE A 374 26.60 -3.98 -23.30
N ALA A 375 25.34 -3.54 -23.41
CA ALA A 375 24.65 -3.61 -24.69
C ALA A 375 25.35 -2.77 -25.74
N ASN A 376 25.79 -1.56 -25.38
CA ASN A 376 26.49 -0.72 -26.34
C ASN A 376 27.84 -1.33 -26.71
N ALA A 377 28.55 -1.90 -25.72
CA ALA A 377 29.83 -2.54 -26.02
C ALA A 377 29.65 -3.68 -27.01
N VAL A 378 28.60 -4.49 -26.84
CA VAL A 378 28.35 -5.59 -27.77
C VAL A 378 27.89 -5.07 -29.12
N ALA A 379 27.11 -3.99 -29.14
CA ALA A 379 26.68 -3.42 -30.41
C ALA A 379 27.85 -2.90 -31.22
N VAL A 380 28.90 -2.42 -30.55
CA VAL A 380 30.10 -2.03 -31.27
C VAL A 380 30.63 -3.22 -32.07
N ALA A 381 30.73 -4.38 -31.41
CA ALA A 381 31.23 -5.57 -32.08
C ALA A 381 30.30 -5.98 -33.21
N MET A 382 28.99 -5.89 -33.00
CA MET A 382 28.06 -6.27 -34.06
C MET A 382 28.21 -5.39 -35.29
N TYR A 383 28.33 -4.07 -35.09
CA TYR A 383 28.51 -3.18 -36.23
C TYR A 383 29.84 -3.45 -36.93
N VAL A 384 30.90 -3.67 -36.16
CA VAL A 384 32.19 -3.97 -36.77
C VAL A 384 32.10 -5.25 -37.59
N VAL A 385 31.41 -6.26 -37.07
CA VAL A 385 31.26 -7.52 -37.78
C VAL A 385 30.47 -7.33 -39.07
N GLY A 386 29.42 -6.51 -39.02
CA GLY A 386 28.68 -6.22 -40.24
C GLY A 386 29.55 -5.57 -41.30
N PHE A 387 30.34 -4.56 -40.89
CA PHE A 387 31.26 -3.93 -41.83
C PHE A 387 32.26 -4.93 -42.40
N ALA A 388 32.82 -5.77 -41.54
CA ALA A 388 33.80 -6.75 -41.99
C ALA A 388 33.19 -7.73 -42.98
N GLU A 389 31.98 -8.20 -42.70
CA GLU A 389 31.32 -9.14 -43.62
C GLU A 389 31.03 -8.48 -44.95
N THR A 390 30.60 -7.21 -44.94
CA THR A 390 30.35 -6.52 -46.20
C THR A 390 31.64 -6.38 -47.01
N VAL A 391 32.75 -6.00 -46.35
CA VAL A 391 34.00 -5.85 -47.07
C VAL A 391 34.50 -7.19 -47.57
N VAL A 392 34.28 -8.27 -46.79
CA VAL A 392 34.70 -9.59 -47.23
C VAL A 392 33.90 -10.03 -48.45
N GLU A 393 32.60 -9.75 -48.47
CA GLU A 393 31.80 -10.04 -49.66
C GLU A 393 32.29 -9.24 -50.86
N LEU A 394 32.64 -7.97 -50.65
CA LEU A 394 33.18 -7.17 -51.73
C LEU A 394 34.47 -7.78 -52.27
N LEU A 395 35.35 -8.24 -51.38
CA LEU A 395 36.57 -8.91 -51.83
C LEU A 395 36.24 -10.18 -52.60
N LYS A 396 35.30 -10.98 -52.09
CA LYS A 396 34.91 -12.20 -52.78
C LYS A 396 34.34 -11.92 -54.16
N GLU A 397 33.76 -10.73 -54.35
CA GLU A 397 33.35 -10.32 -55.69
C GLU A 397 34.54 -10.25 -56.64
N HIS A 398 35.75 -10.17 -56.10
CA HIS A 398 36.99 -10.23 -56.87
C HIS A 398 37.78 -11.46 -56.42
N SER A 399 39.00 -11.59 -56.92
CA SER A 399 39.84 -12.73 -56.56
C SER A 399 40.57 -12.54 -55.24
N ILE A 400 40.48 -11.36 -54.63
CA ILE A 400 41.22 -11.09 -53.40
C ILE A 400 40.68 -11.95 -52.27
N LEU A 401 41.59 -12.60 -51.54
CA LEU A 401 41.24 -13.40 -50.38
C LEU A 401 42.52 -13.80 -49.66
N MET A 402 42.43 -13.90 -48.33
CA MET A 402 43.57 -14.24 -47.50
C MET A 402 43.41 -15.59 -46.82
N ILE A 403 42.33 -15.79 -46.09
CA ILE A 403 42.02 -17.04 -45.39
C ILE A 403 40.55 -17.35 -45.60
N ASP A 404 40.06 -18.37 -44.91
CA ASP A 404 38.65 -18.72 -44.98
C ASP A 404 37.79 -17.51 -44.64
N GLU A 405 36.51 -17.55 -45.01
CA GLU A 405 35.66 -16.37 -44.86
C GLU A 405 35.60 -15.91 -43.41
N ILE A 406 35.45 -16.84 -42.47
CA ILE A 406 35.36 -16.47 -41.06
C ILE A 406 36.64 -15.80 -40.59
N ASN A 407 37.79 -16.36 -40.97
CA ASN A 407 39.06 -15.79 -40.53
C ASN A 407 39.29 -14.41 -41.14
N ASP A 408 38.94 -14.22 -42.41
CA ASP A 408 39.06 -12.91 -43.01
C ASP A 408 38.15 -11.90 -42.32
N ILE A 409 36.93 -12.34 -41.97
CA ILE A 409 36.02 -11.47 -41.23
C ILE A 409 36.64 -11.07 -39.90
N ARG A 410 37.24 -12.03 -39.20
CA ARG A 410 37.87 -11.72 -37.91
C ARG A 410 39.01 -10.74 -38.08
N ILE A 411 39.85 -10.92 -39.10
CA ILE A 411 40.97 -10.02 -39.31
C ILE A 411 40.47 -8.60 -39.58
N ILE A 412 39.50 -8.48 -40.49
CA ILE A 412 38.98 -7.16 -40.83
C ILE A 412 38.32 -6.51 -39.62
N GLY A 413 37.59 -7.30 -38.83
CA GLY A 413 36.97 -6.76 -37.63
C GLY A 413 37.98 -6.27 -36.62
N ALA A 414 39.06 -7.02 -36.41
CA ALA A 414 40.09 -6.58 -35.48
C ALA A 414 40.72 -5.28 -35.96
N ILE A 415 41.05 -5.19 -37.24
CA ILE A 415 41.66 -3.97 -37.76
C ILE A 415 40.70 -2.79 -37.60
N THR A 416 39.44 -2.99 -37.96
CA THR A 416 38.45 -1.91 -37.86
C THR A 416 38.26 -1.47 -36.43
N VAL A 417 38.20 -2.41 -35.49
CA VAL A 417 38.01 -2.06 -34.09
C VAL A 417 39.21 -1.30 -33.56
N VAL A 418 40.42 -1.68 -33.98
CA VAL A 418 41.60 -0.94 -33.56
C VAL A 418 41.55 0.50 -34.10
N ILE A 419 41.16 0.65 -35.36
CA ILE A 419 41.07 1.99 -35.95
C ILE A 419 40.04 2.83 -35.21
N LEU A 420 38.88 2.23 -34.91
CA LEU A 420 37.83 2.96 -34.20
C LEU A 420 38.29 3.37 -32.82
N LEU A 421 38.98 2.47 -32.11
CA LEU A 421 39.49 2.81 -30.78
C LEU A 421 40.48 3.96 -30.87
N GLY A 422 41.37 3.93 -31.86
CA GLY A 422 42.31 5.03 -32.02
C GLY A 422 41.60 6.34 -32.28
N ILE A 423 40.61 6.33 -33.18
CA ILE A 423 39.88 7.56 -33.49
C ILE A 423 39.19 8.09 -32.24
N SER A 424 38.54 7.20 -31.48
CA SER A 424 37.83 7.64 -30.29
C SER A 424 38.78 8.22 -29.25
N VAL A 425 39.92 7.56 -29.03
CA VAL A 425 40.88 8.05 -28.05
C VAL A 425 41.49 9.36 -28.50
N ALA A 426 41.57 9.59 -29.80
CA ALA A 426 42.16 10.83 -30.31
C ALA A 426 41.50 12.05 -29.68
N GLY A 427 40.20 12.00 -29.48
CA GLY A 427 39.48 13.12 -28.90
C GLY A 427 38.06 13.19 -29.45
N MET A 428 37.24 14.00 -28.78
CA MET A 428 35.84 14.11 -29.15
C MET A 428 35.63 14.96 -30.40
N GLU A 429 36.45 16.00 -30.59
CA GLU A 429 36.31 16.82 -31.79
C GLU A 429 36.64 16.03 -33.05
N TRP A 430 37.69 15.20 -32.98
CA TRP A 430 38.02 14.35 -34.12
C TRP A 430 36.88 13.39 -34.41
N GLU A 431 36.27 12.82 -33.37
CA GLU A 431 35.13 11.94 -33.56
C GLU A 431 33.98 12.68 -34.22
N ALA A 432 33.73 13.92 -33.81
CA ALA A 432 32.65 14.70 -34.42
C ALA A 432 32.92 14.94 -35.90
N LYS A 433 34.16 15.31 -36.25
CA LYS A 433 34.48 15.55 -37.65
C LYS A 433 34.33 14.27 -38.47
N ALA A 434 34.81 13.14 -37.95
CA ALA A 434 34.66 11.88 -38.64
C ALA A 434 33.19 11.52 -38.82
N GLN A 435 32.38 11.78 -37.79
CA GLN A 435 30.94 11.51 -37.90
C GLN A 435 30.30 12.38 -38.96
N ILE A 436 30.71 13.64 -39.07
CA ILE A 436 30.17 14.51 -40.10
C ILE A 436 30.52 13.98 -41.49
N VAL A 437 31.78 13.54 -41.66
CA VAL A 437 32.19 13.00 -42.96
C VAL A 437 31.37 11.75 -43.30
N LEU A 438 31.21 10.86 -42.32
CA LEU A 438 30.45 9.65 -42.56
C LEU A 438 28.99 9.96 -42.88
N LEU A 439 28.42 10.97 -42.20
CA LEU A 439 27.04 11.34 -42.46
C LEU A 439 26.87 11.88 -43.87
N VAL A 440 27.80 12.73 -44.32
CA VAL A 440 27.69 13.24 -45.68
C VAL A 440 27.83 12.11 -46.69
N ILE A 441 28.73 11.15 -46.43
CA ILE A 441 28.86 10.01 -47.33
C ILE A 441 27.56 9.21 -47.38
N LEU A 442 26.95 8.98 -46.21
CA LEU A 442 25.70 8.22 -46.17
C LEU A 442 24.58 8.93 -46.92
N LEU A 443 24.49 10.25 -46.74
CA LEU A 443 23.46 11.01 -47.48
C LEU A 443 23.70 10.92 -48.97
N LEU A 444 24.97 11.01 -49.39
CA LEU A 444 25.29 10.84 -50.81
C LEU A 444 24.85 9.47 -51.31
N ALA A 445 25.09 8.43 -50.52
CA ALA A 445 24.68 7.09 -50.92
C ALA A 445 23.16 6.99 -51.08
N ILE A 446 22.42 7.56 -50.14
CA ILE A 446 20.95 7.51 -50.23
C ILE A 446 20.48 8.25 -51.47
N GLY A 447 21.05 9.43 -51.71
CA GLY A 447 20.69 10.19 -52.91
C GLY A 447 21.03 9.44 -54.18
N ASP A 448 22.17 8.75 -54.18
CA ASP A 448 22.56 7.96 -55.35
C ASP A 448 21.54 6.86 -55.61
N PHE A 449 21.11 6.17 -54.55
CA PHE A 449 20.10 5.13 -54.74
C PHE A 449 18.81 5.72 -55.29
N VAL A 450 18.37 6.86 -54.74
CA VAL A 450 17.10 7.44 -55.18
C VAL A 450 17.20 7.91 -56.62
N ILE A 451 18.36 8.44 -57.01
CA ILE A 451 18.55 8.84 -58.41
C ILE A 451 18.54 7.61 -59.32
N GLY A 452 19.23 6.55 -58.91
CA GLY A 452 19.28 5.35 -59.72
C GLY A 452 17.91 4.73 -59.96
N THR A 453 17.07 4.71 -58.92
CA THR A 453 15.76 4.10 -59.07
C THR A 453 14.89 4.84 -60.09
N PHE A 454 15.24 6.06 -60.45
CA PHE A 454 14.47 6.84 -61.42
C PHE A 454 15.08 6.82 -62.82
N ILE A 455 16.14 6.06 -63.03
CA ILE A 455 16.79 6.00 -64.35
C ILE A 455 16.92 4.53 -64.76
N PRO A 456 15.82 3.89 -65.17
CA PRO A 456 15.90 2.48 -65.56
C PRO A 456 16.85 2.27 -66.73
N LEU A 457 17.53 1.12 -66.71
CA LEU A 457 18.43 0.73 -67.78
C LEU A 457 18.08 -0.69 -68.22
N GLU A 458 18.11 -0.93 -69.53
CA GLU A 458 17.76 -2.25 -70.04
C GLU A 458 18.68 -3.33 -69.48
N SER A 459 19.91 -2.98 -69.14
CA SER A 459 20.83 -3.98 -68.59
C SER A 459 20.31 -4.55 -67.28
N LYS A 460 19.75 -3.70 -66.42
CA LYS A 460 19.20 -4.15 -65.16
C LYS A 460 17.85 -4.86 -65.30
N LYS A 461 17.22 -4.77 -66.47
CA LYS A 461 15.95 -5.44 -66.68
C LYS A 461 16.02 -6.94 -66.41
N PRO A 462 17.04 -7.67 -66.86
CA PRO A 462 17.11 -9.10 -66.52
C PRO A 462 17.07 -9.35 -65.03
N LYS A 463 17.71 -8.49 -64.24
CA LYS A 463 17.56 -8.54 -62.80
C LYS A 463 16.16 -8.06 -62.41
N GLY A 464 15.89 -8.03 -61.11
CA GLY A 464 14.57 -7.65 -60.65
C GLY A 464 14.18 -6.23 -60.98
N PHE A 465 15.15 -5.36 -61.23
CA PHE A 465 14.87 -3.95 -61.42
C PHE A 465 14.07 -3.74 -62.71
N PHE A 466 13.00 -2.95 -62.60
CA PHE A 466 12.15 -2.65 -63.75
C PHE A 466 11.70 -1.20 -63.80
N GLY A 467 12.21 -0.33 -62.94
CA GLY A 467 11.66 1.00 -62.82
C GLY A 467 10.40 1.01 -61.97
N TYR A 468 9.70 2.15 -62.00
CA TYR A 468 8.47 2.31 -61.24
C TYR A 468 7.30 1.85 -62.09
N LYS A 469 6.75 0.69 -61.77
CA LYS A 469 5.58 0.15 -62.46
C LYS A 469 4.52 -0.20 -61.43
N SER A 470 3.29 0.27 -61.66
CA SER A 470 2.21 0.00 -60.72
C SER A 470 1.94 -1.49 -60.59
N GLU A 471 2.24 -2.27 -61.64
CA GLU A 471 2.06 -3.71 -61.55
C GLU A 471 2.93 -4.30 -60.46
N ILE A 472 4.19 -3.88 -60.38
CA ILE A 472 5.09 -4.38 -59.35
C ILE A 472 4.61 -3.95 -57.98
N PHE A 473 4.17 -2.69 -57.85
CA PHE A 473 3.67 -2.21 -56.56
C PHE A 473 2.49 -3.05 -56.09
N ASN A 474 1.53 -3.31 -56.98
CA ASN A 474 0.38 -4.11 -56.60
C ASN A 474 0.79 -5.54 -56.27
N GLU A 475 1.72 -6.11 -57.03
CA GLU A 475 2.20 -7.46 -56.76
C GLU A 475 3.00 -7.52 -55.47
N ASN A 476 3.89 -6.55 -55.24
CA ASN A 476 4.76 -6.57 -54.08
C ASN A 476 4.02 -6.33 -52.77
N PHE A 477 2.81 -5.78 -52.83
CA PHE A 477 1.96 -5.74 -51.65
C PHE A 477 1.70 -7.15 -51.14
N GLY A 478 1.24 -7.25 -49.89
CA GLY A 478 0.88 -8.52 -49.31
C GLY A 478 2.08 -9.34 -48.89
N PRO A 479 1.90 -10.13 -47.83
CA PRO A 479 3.00 -10.92 -47.20
C PRO A 479 3.32 -12.24 -47.89
N ASP A 480 4.17 -12.16 -48.92
CA ASP A 480 4.65 -13.36 -49.60
C ASP A 480 5.86 -13.86 -48.81
N PHE A 481 5.58 -14.58 -47.72
CA PHE A 481 6.62 -15.13 -46.85
C PHE A 481 7.18 -16.39 -47.49
N ARG A 482 8.09 -16.19 -48.45
CA ARG A 482 8.66 -17.29 -49.21
C ARG A 482 9.78 -17.97 -48.44
N GLU A 483 9.50 -18.36 -47.20
CA GLU A 483 10.49 -19.08 -46.41
C GLU A 483 9.89 -19.52 -45.08
N GLU A 484 10.67 -20.24 -44.27
CA GLU A 484 10.23 -20.64 -42.93
C GLU A 484 10.38 -19.49 -41.95
N GLU A 485 9.76 -18.36 -42.32
CA GLU A 485 9.81 -17.14 -41.52
C GLU A 485 8.41 -16.55 -41.44
N THR A 486 8.17 -15.81 -40.35
CA THR A 486 6.86 -15.24 -40.07
C THR A 486 7.01 -13.73 -39.86
N PHE A 487 5.87 -13.08 -39.64
CA PHE A 487 5.88 -11.63 -39.42
C PHE A 487 6.69 -11.26 -38.18
N PHE A 488 6.54 -12.03 -37.10
CA PHE A 488 7.30 -11.74 -35.88
C PHE A 488 8.79 -11.89 -36.10
N SER A 489 9.20 -12.87 -36.91
CA SER A 489 10.62 -13.01 -37.21
C SER A 489 11.14 -11.81 -37.98
N VAL A 490 10.36 -11.30 -38.93
CA VAL A 490 10.76 -10.11 -39.66
C VAL A 490 10.88 -8.92 -38.72
N PHE A 491 9.93 -8.77 -37.80
CA PHE A 491 9.99 -7.68 -36.84
C PHE A 491 11.25 -7.79 -35.96
N GLU A 492 11.57 -9.01 -35.52
CA GLU A 492 12.76 -9.21 -34.71
C GLU A 492 14.02 -8.86 -35.50
N ILE A 493 14.06 -9.24 -36.78
CA ILE A 493 15.21 -8.92 -37.61
C ILE A 493 15.36 -7.41 -37.76
N PHE A 494 14.24 -6.71 -37.94
CA PHE A 494 14.31 -5.27 -38.21
C PHE A 494 14.60 -4.45 -36.95
N PHE A 495 14.12 -4.89 -35.79
CA PHE A 495 14.13 -4.01 -34.62
C PHE A 495 15.48 -3.37 -34.31
N PRO A 496 16.61 -4.07 -34.39
CA PRO A 496 17.89 -3.42 -34.09
C PRO A 496 18.15 -2.17 -34.92
N ALA A 497 17.37 -1.98 -35.98
CA ALA A 497 17.51 -0.83 -36.86
C ALA A 497 17.04 0.47 -36.22
N ALA A 498 16.39 0.41 -35.06
CA ALA A 498 15.85 1.59 -34.40
C ALA A 498 16.36 1.74 -32.98
N THR A 499 17.59 1.31 -32.72
CA THR A 499 18.14 1.27 -31.37
C THR A 499 19.38 2.14 -31.24
N GLY A 500 19.32 3.36 -31.79
CA GLY A 500 20.39 4.32 -31.63
C GLY A 500 19.87 5.66 -31.16
N ILE A 501 18.68 5.65 -30.56
CA ILE A 501 17.99 6.90 -30.23
C ILE A 501 18.62 7.62 -29.06
N LEU A 502 19.41 6.94 -28.24
CA LEU A 502 20.00 7.52 -27.04
C LEU A 502 21.44 7.93 -27.24
N ALA A 503 21.94 7.97 -28.47
CA ALA A 503 23.33 8.36 -28.71
C ALA A 503 23.58 9.79 -28.26
N GLY A 504 22.66 10.70 -28.56
CA GLY A 504 22.82 12.08 -28.13
C GLY A 504 22.73 12.24 -26.63
N ALA A 505 21.81 11.52 -25.99
CA ALA A 505 21.65 11.64 -24.54
C ALA A 505 22.90 11.20 -23.81
N ASN A 506 23.55 10.13 -24.28
CA ASN A 506 24.74 9.61 -23.63
C ASN A 506 25.91 10.58 -23.69
N ILE A 507 25.82 11.63 -24.52
CA ILE A 507 26.83 12.66 -24.57
C ILE A 507 26.43 13.88 -23.74
N SER A 508 25.50 13.69 -22.79
CA SER A 508 25.02 14.80 -21.98
C SER A 508 26.15 15.53 -21.27
N GLY A 509 27.19 14.79 -20.84
CA GLY A 509 28.30 15.42 -20.16
C GLY A 509 29.07 16.40 -21.03
N ASP A 510 28.94 16.31 -22.35
CA ASP A 510 29.66 17.16 -23.28
C ASP A 510 28.73 18.07 -24.08
N LEU A 511 27.45 18.12 -23.73
CA LEU A 511 26.52 18.99 -24.44
C LEU A 511 26.60 20.41 -23.88
N ALA A 512 26.51 21.39 -24.79
CA ALA A 512 26.57 22.78 -24.35
C ALA A 512 25.42 23.12 -23.42
N ASP A 513 24.22 22.64 -23.73
CA ASP A 513 23.04 22.96 -22.96
C ASP A 513 22.01 21.85 -23.11
N PRO A 514 22.13 20.79 -22.31
CA PRO A 514 21.03 19.82 -22.23
C PRO A 514 19.76 20.49 -21.72
N GLN A 515 18.66 19.77 -21.78
CA GLN A 515 17.31 20.24 -21.53
C GLN A 515 16.79 21.07 -22.69
N SER A 516 17.62 21.36 -23.69
CA SER A 516 17.18 22.00 -24.92
C SER A 516 17.69 21.32 -26.17
N ALA A 517 18.78 20.55 -26.09
CA ALA A 517 19.32 19.84 -27.23
C ALA A 517 18.81 18.41 -27.30
N ILE A 518 18.78 17.71 -26.16
CA ILE A 518 18.41 16.30 -26.17
C ILE A 518 17.01 16.09 -26.73
N PRO A 519 15.96 16.76 -26.23
CA PRO A 519 14.60 16.46 -26.71
C PRO A 519 14.43 16.69 -28.20
N LYS A 520 14.67 17.93 -28.64
CA LYS A 520 14.43 18.26 -30.04
C LYS A 520 15.33 17.45 -30.95
N GLY A 521 16.61 17.31 -30.60
CA GLY A 521 17.52 16.55 -31.44
C GLY A 521 17.09 15.11 -31.58
N THR A 522 16.78 14.45 -30.46
CA THR A 522 16.39 13.05 -30.50
C THR A 522 15.10 12.86 -31.30
N LEU A 523 14.10 13.71 -31.06
CA LEU A 523 12.84 13.56 -31.77
C LEU A 523 13.01 13.78 -33.26
N LEU A 524 13.75 14.82 -33.65
CA LEU A 524 13.98 15.07 -35.06
C LEU A 524 14.74 13.94 -35.71
N ALA A 525 15.76 13.40 -35.03
CA ALA A 525 16.50 12.28 -35.59
C ALA A 525 15.61 11.08 -35.79
N ILE A 526 14.76 10.76 -34.81
CA ILE A 526 13.85 9.62 -34.95
C ILE A 526 12.92 9.84 -36.13
N LEU A 527 12.37 11.04 -36.25
CA LEU A 527 11.44 11.31 -37.35
C LEU A 527 12.13 11.15 -38.70
N ILE A 528 13.33 11.72 -38.83
CA ILE A 528 14.04 11.66 -40.11
C ILE A 528 14.37 10.22 -40.47
N THR A 529 14.89 9.46 -39.49
CA THR A 529 15.27 8.07 -39.77
C THR A 529 14.06 7.23 -40.15
N THR A 530 12.94 7.42 -39.45
CA THR A 530 11.74 6.66 -39.79
C THR A 530 11.23 7.02 -41.19
N LEU A 531 11.22 8.30 -41.52
CA LEU A 531 10.80 8.70 -42.87
C LEU A 531 11.69 8.08 -43.92
N VAL A 532 13.01 8.10 -43.72
CA VAL A 532 13.91 7.53 -44.70
C VAL A 532 13.70 6.04 -44.84
N TYR A 533 13.54 5.34 -43.70
CA TYR A 533 13.30 3.89 -43.75
C TYR A 533 12.05 3.59 -44.55
N VAL A 534 10.93 4.25 -44.23
CA VAL A 534 9.68 3.95 -44.90
C VAL A 534 9.78 4.27 -46.39
N GLY A 535 10.36 5.43 -46.73
CA GLY A 535 10.48 5.79 -48.13
C GLY A 535 11.32 4.81 -48.92
N ILE A 536 12.46 4.40 -48.37
CA ILE A 536 13.32 3.45 -49.06
C ILE A 536 12.61 2.11 -49.22
N ALA A 537 11.92 1.66 -48.18
CA ALA A 537 11.20 0.39 -48.27
C ALA A 537 10.18 0.44 -49.39
N VAL A 538 9.35 1.49 -49.41
CA VAL A 538 8.31 1.58 -50.43
C VAL A 538 8.93 1.68 -51.83
N SER A 539 9.99 2.48 -51.97
CA SER A 539 10.61 2.64 -53.27
C SER A 539 11.18 1.33 -53.79
N VAL A 540 11.87 0.58 -52.93
CA VAL A 540 12.44 -0.70 -53.35
C VAL A 540 11.32 -1.69 -53.67
N GLY A 541 10.22 -1.65 -52.92
CA GLY A 541 9.12 -2.54 -53.20
C GLY A 541 8.32 -2.19 -54.43
N SER A 542 8.43 -0.96 -54.92
CA SER A 542 7.70 -0.51 -56.09
C SER A 542 8.47 -0.65 -57.39
N CYS A 543 9.74 -1.09 -57.34
CA CYS A 543 10.54 -1.14 -58.56
C CYS A 543 11.40 -2.40 -58.66
N VAL A 544 11.07 -3.46 -57.93
CA VAL A 544 11.84 -4.69 -58.00
C VAL A 544 10.90 -5.86 -57.75
N VAL A 545 11.15 -6.98 -58.43
CA VAL A 545 10.33 -8.18 -58.33
C VAL A 545 10.93 -9.11 -57.29
N ARG A 546 10.06 -9.88 -56.62
CA ARG A 546 10.51 -10.77 -55.57
C ARG A 546 11.51 -11.80 -56.10
N ASP A 547 11.22 -12.38 -57.25
CA ASP A 547 12.08 -13.38 -57.88
C ASP A 547 12.41 -12.95 -59.30
N ALA A 548 13.68 -13.13 -59.68
CA ALA A 548 14.12 -12.74 -61.01
C ALA A 548 15.35 -13.57 -61.37
N THR A 549 15.19 -14.49 -62.31
CA THR A 549 16.29 -15.37 -62.74
C THR A 549 17.13 -14.61 -63.76
N GLY A 550 18.23 -14.03 -63.29
CA GLY A 550 19.10 -13.25 -64.16
C GLY A 550 19.62 -14.05 -65.32
N ASN A 551 19.13 -13.75 -66.52
CA ASN A 551 19.56 -14.45 -67.72
C ASN A 551 19.24 -13.56 -68.91
N VAL A 552 20.28 -13.11 -69.62
CA VAL A 552 20.07 -12.21 -70.75
C VAL A 552 19.18 -12.85 -71.79
N ASN A 553 19.42 -14.12 -72.09
CA ASN A 553 18.61 -14.84 -73.08
C ASN A 553 17.32 -15.34 -72.45
N ASP A 554 16.60 -14.46 -71.76
CA ASP A 554 15.31 -14.82 -71.18
C ASP A 554 14.26 -13.72 -71.30
N THR A 555 14.57 -12.60 -71.95
CA THR A 555 13.64 -11.49 -72.05
C THR A 555 12.81 -11.63 -73.32
N ILE A 556 12.01 -10.59 -73.63
CA ILE A 556 11.16 -10.61 -74.81
C ILE A 556 9.91 -11.45 -74.53
N VAL A 557 10.10 -12.64 -73.98
CA VAL A 557 8.99 -13.55 -73.69
C VAL A 557 8.18 -13.77 -74.96
N THR A 558 8.87 -13.95 -76.09
CA THR A 558 8.23 -14.16 -77.38
C THR A 558 7.42 -12.90 -77.71
N GLU A 559 6.18 -13.01 -78.17
CA GLU A 559 5.35 -11.86 -78.48
C GLU A 559 4.10 -11.78 -77.60
N LEU A 560 3.31 -12.85 -77.55
CA LEU A 560 2.09 -12.89 -76.76
C LEU A 560 2.25 -13.91 -75.63
N THR A 561 1.81 -13.53 -74.43
CA THR A 561 1.95 -14.38 -73.26
C THR A 561 0.62 -14.47 -72.52
N ASN A 562 0.40 -15.63 -71.89
CA ASN A 562 -0.76 -15.86 -71.04
C ASN A 562 -0.39 -15.79 -69.55
N CYS A 563 0.71 -15.13 -69.23
CA CYS A 563 1.23 -15.11 -67.88
C CYS A 563 0.63 -13.94 -67.09
N THR A 564 0.16 -14.24 -65.88
CA THR A 564 -0.40 -13.24 -64.99
C THR A 564 0.60 -12.74 -63.96
N SER A 565 1.85 -13.18 -64.03
CA SER A 565 2.85 -12.75 -63.06
C SER A 565 3.16 -11.27 -63.24
N ALA A 566 3.61 -10.65 -62.15
CA ALA A 566 3.92 -9.22 -62.20
C ALA A 566 5.01 -8.92 -63.21
N ALA A 567 6.07 -9.73 -63.23
CA ALA A 567 7.12 -9.55 -64.22
C ALA A 567 6.59 -9.77 -65.63
N CYS A 568 5.75 -10.78 -65.81
CA CYS A 568 5.25 -11.12 -67.15
C CYS A 568 4.52 -9.93 -67.76
N LYS A 569 3.70 -9.23 -66.97
CA LYS A 569 2.95 -8.09 -67.51
C LYS A 569 3.88 -7.07 -68.15
N LEU A 570 5.11 -6.94 -67.66
CA LEU A 570 6.09 -6.01 -68.21
C LEU A 570 6.98 -6.67 -69.26
N ASN A 571 7.66 -7.75 -68.89
CA ASN A 571 8.56 -8.44 -69.81
C ASN A 571 8.75 -9.87 -69.32
N PHE A 572 9.27 -10.71 -70.21
CA PHE A 572 9.50 -12.11 -69.88
C PHE A 572 10.57 -12.30 -68.81
N ASP A 573 11.35 -11.27 -68.51
CA ASP A 573 12.43 -11.41 -67.54
C ASP A 573 11.87 -11.78 -66.18
N PHE A 574 12.69 -12.49 -65.38
CA PHE A 574 12.29 -12.96 -64.06
C PHE A 574 11.09 -13.92 -64.17
N SER A 575 11.32 -15.02 -64.90
CA SER A 575 10.29 -16.01 -65.15
C SER A 575 10.84 -17.41 -64.89
N SER A 576 9.93 -18.32 -64.54
CA SER A 576 10.29 -19.72 -64.27
C SER A 576 11.28 -19.83 -63.12
N CYS A 577 10.93 -19.20 -61.98
CA CYS A 577 11.79 -19.18 -60.82
C CYS A 577 11.26 -20.04 -59.68
N GLU A 578 10.00 -20.48 -59.75
CA GLU A 578 9.41 -21.24 -58.65
C GLU A 578 10.10 -22.59 -58.45
N SER A 579 10.43 -23.28 -59.55
CA SER A 579 11.00 -24.61 -59.46
C SER A 579 12.51 -24.56 -59.28
N SER A 580 13.22 -23.96 -60.22
CA SER A 580 14.66 -23.83 -60.11
C SER A 580 15.00 -22.62 -59.25
N PRO A 581 15.78 -22.77 -58.18
CA PRO A 581 16.14 -21.61 -57.36
C PRO A 581 17.05 -20.68 -58.15
N CYS A 582 16.50 -19.53 -58.54
CA CYS A 582 17.22 -18.60 -59.40
C CYS A 582 18.14 -17.69 -58.59
N SER A 583 19.09 -17.08 -59.30
CA SER A 583 20.27 -16.51 -58.66
C SER A 583 19.89 -15.43 -57.64
N TYR A 584 19.06 -14.48 -58.04
CA TYR A 584 18.79 -13.33 -57.19
C TYR A 584 17.41 -12.77 -57.50
N GLY A 585 17.14 -11.58 -56.99
CA GLY A 585 15.82 -10.97 -57.01
C GLY A 585 15.56 -10.31 -55.67
N LEU A 586 14.35 -9.78 -55.47
CA LEU A 586 14.03 -9.16 -54.19
C LEU A 586 13.93 -10.17 -53.06
N MET A 587 13.89 -11.46 -53.36
CA MET A 587 13.81 -12.50 -52.34
C MET A 587 15.14 -13.14 -52.01
N ASN A 588 16.11 -13.11 -52.92
CA ASN A 588 17.34 -13.88 -52.75
C ASN A 588 18.61 -13.06 -52.86
N ASN A 589 18.55 -11.81 -53.31
CA ASN A 589 19.73 -10.97 -53.44
C ASN A 589 19.77 -9.94 -52.32
N PHE A 590 20.93 -9.80 -51.69
CA PHE A 590 21.13 -8.84 -50.63
C PHE A 590 21.88 -7.60 -51.09
N GLN A 591 22.05 -7.44 -52.40
CA GLN A 591 22.71 -6.27 -52.96
C GLN A 591 21.81 -5.50 -53.93
N VAL A 592 20.49 -5.65 -53.79
CA VAL A 592 19.57 -5.03 -54.73
C VAL A 592 19.71 -3.53 -54.72
N MET A 593 19.94 -2.95 -53.54
CA MET A 593 20.11 -1.49 -53.46
C MET A 593 21.31 -1.04 -54.28
N SER A 594 22.42 -1.78 -54.20
CA SER A 594 23.59 -1.44 -55.01
C SER A 594 23.28 -1.52 -56.49
N MET A 595 22.57 -2.57 -56.92
CA MET A 595 22.25 -2.71 -58.32
C MET A 595 21.34 -1.58 -58.81
N VAL A 596 20.32 -1.23 -58.04
CA VAL A 596 19.39 -0.19 -58.45
C VAL A 596 20.11 1.15 -58.58
N SER A 597 21.03 1.43 -57.66
CA SER A 597 21.71 2.72 -57.66
C SER A 597 22.50 2.93 -58.94
N GLY A 598 22.55 4.17 -59.39
CA GLY A 598 23.31 4.49 -60.59
C GLY A 598 24.79 4.16 -60.46
N PHE A 599 25.35 4.34 -59.25
CA PHE A 599 26.75 4.06 -58.98
C PHE A 599 26.82 3.05 -57.84
N THR A 600 27.47 1.92 -58.08
CA THR A 600 27.55 0.85 -57.10
C THR A 600 28.57 1.16 -56.00
N PRO A 601 29.79 1.54 -56.36
CA PRO A 601 30.78 1.86 -55.33
C PRO A 601 30.31 2.95 -54.38
N LEU A 602 29.49 3.88 -54.86
CA LEU A 602 28.94 4.90 -53.96
C LEU A 602 28.08 4.27 -52.88
N ILE A 603 27.24 3.30 -53.26
CA ILE A 603 26.41 2.61 -52.28
C ILE A 603 27.27 1.77 -51.35
N SER A 604 28.34 1.17 -51.87
CA SER A 604 29.26 0.44 -51.00
C SER A 604 29.87 1.34 -49.95
N ALA A 605 30.33 2.53 -50.37
CA ALA A 605 30.87 3.50 -49.43
C ALA A 605 29.81 3.94 -48.43
N GLY A 606 28.57 4.10 -48.89
CA GLY A 606 27.50 4.44 -47.97
C GLY A 606 27.28 3.38 -46.91
N ILE A 607 27.30 2.11 -47.31
CA ILE A 607 27.17 1.02 -46.34
C ILE A 607 28.31 1.07 -45.34
N PHE A 608 29.54 1.22 -45.84
CA PHE A 608 30.70 1.31 -44.96
C PHE A 608 30.53 2.44 -43.95
N SER A 609 30.13 3.61 -44.43
CA SER A 609 30.00 4.77 -43.56
C SER A 609 28.91 4.56 -42.52
N ALA A 610 27.77 4.01 -42.93
CA ALA A 610 26.69 3.76 -41.98
C ALA A 610 27.15 2.83 -40.86
N THR A 611 27.75 1.70 -41.24
CA THR A 611 28.17 0.74 -40.23
C THR A 611 29.24 1.32 -39.32
N LEU A 612 30.21 2.03 -39.90
CA LEU A 612 31.30 2.59 -39.10
C LEU A 612 30.78 3.67 -38.15
N SER A 613 29.86 4.48 -38.65
CA SER A 613 29.25 5.56 -37.83
C SER A 613 28.51 4.95 -36.64
N SER A 614 27.72 3.90 -36.89
CA SER A 614 26.99 3.25 -35.80
C SER A 614 27.96 2.65 -34.78
N ALA A 615 29.01 1.98 -35.25
CA ALA A 615 29.98 1.39 -34.33
C ALA A 615 30.67 2.47 -33.50
N LEU A 616 31.06 3.57 -34.13
CA LEU A 616 31.71 4.66 -33.41
C LEU A 616 30.79 5.26 -32.35
N ALA A 617 29.52 5.46 -32.71
CA ALA A 617 28.56 6.01 -31.75
C ALA A 617 28.42 5.09 -30.54
N SER A 618 28.28 3.79 -30.79
CA SER A 618 28.14 2.86 -29.67
C SER A 618 29.41 2.84 -28.81
N LEU A 619 30.58 2.85 -29.46
CA LEU A 619 31.84 2.78 -28.73
C LEU A 619 32.07 4.04 -27.90
N VAL A 620 31.60 5.19 -28.38
CA VAL A 620 31.69 6.40 -27.55
C VAL A 620 30.68 6.34 -26.42
N SER A 621 29.47 5.87 -26.70
CA SER A 621 28.41 5.89 -25.70
C SER A 621 28.75 5.01 -24.51
N ALA A 622 29.27 3.80 -24.75
CA ALA A 622 29.47 2.86 -23.65
C ALA A 622 30.37 3.42 -22.56
N PRO A 623 31.57 3.91 -22.85
CA PRO A 623 32.45 4.41 -21.77
C PRO A 623 31.86 5.55 -20.97
N LYS A 624 31.09 6.44 -21.61
CA LYS A 624 30.50 7.56 -20.86
C LYS A 624 29.53 7.04 -19.80
N ILE A 625 28.65 6.12 -20.19
CA ILE A 625 27.71 5.55 -19.24
C ILE A 625 28.45 4.82 -18.14
N PHE A 626 29.48 4.04 -18.51
CA PHE A 626 30.20 3.28 -17.50
C PHE A 626 30.91 4.21 -16.51
N GLN A 627 31.52 5.28 -17.00
CA GLN A 627 32.20 6.21 -16.11
C GLN A 627 31.21 6.93 -15.20
N ALA A 628 30.06 7.32 -15.74
CA ALA A 628 29.04 7.93 -14.89
C ALA A 628 28.58 6.97 -13.80
N LEU A 629 28.39 5.69 -14.16
CA LEU A 629 27.98 4.71 -13.17
C LEU A 629 29.05 4.50 -12.11
N CYS A 630 30.32 4.50 -12.52
CA CYS A 630 31.41 4.25 -11.58
C CYS A 630 31.67 5.45 -10.68
N LYS A 631 31.38 6.66 -11.15
CA LYS A 631 31.59 7.84 -10.32
C LYS A 631 30.70 7.82 -9.09
N ASP A 632 29.54 7.16 -9.18
CA ASP A 632 28.62 7.09 -8.05
C ASP A 632 29.00 6.01 -7.05
N ASN A 633 29.97 5.15 -7.38
CA ASN A 633 30.41 4.09 -6.47
C ASN A 633 29.29 3.12 -6.15
N ILE A 634 28.38 2.90 -7.10
CA ILE A 634 27.32 1.92 -6.89
C ILE A 634 27.90 0.52 -6.77
N TYR A 635 28.86 0.18 -7.64
CA TYR A 635 29.61 -1.07 -7.53
C TYR A 635 31.05 -0.72 -7.19
N PRO A 636 31.47 -0.87 -5.93
CA PRO A 636 32.83 -0.43 -5.56
C PRO A 636 33.92 -1.13 -6.34
N ALA A 637 33.70 -2.37 -6.78
CA ALA A 637 34.73 -3.09 -7.50
C ALA A 637 35.11 -2.40 -8.80
N PHE A 638 34.23 -1.57 -9.36
CA PHE A 638 34.47 -0.91 -10.63
C PHE A 638 34.92 0.54 -10.47
N GLN A 639 35.31 0.95 -9.26
CA GLN A 639 35.70 2.34 -9.05
C GLN A 639 36.88 2.75 -9.92
N MET A 640 37.67 1.79 -10.40
CA MET A 640 38.82 2.13 -11.22
C MET A 640 38.41 2.79 -12.52
N PHE A 641 37.33 2.33 -13.14
CA PHE A 641 36.92 2.84 -14.44
C PHE A 641 36.12 4.13 -14.30
N ALA A 642 36.69 5.11 -13.59
CA ALA A 642 36.07 6.41 -13.43
C ALA A 642 37.03 7.58 -13.62
N LYS A 643 38.33 7.36 -13.52
CA LYS A 643 39.29 8.46 -13.68
C LYS A 643 39.24 9.00 -15.10
N GLY A 644 39.32 10.32 -15.23
CA GLY A 644 39.36 10.97 -16.51
C GLY A 644 40.76 11.39 -16.90
N TYR A 645 40.95 11.67 -18.18
CA TYR A 645 42.23 12.08 -18.71
C TYR A 645 42.05 13.27 -19.63
N GLY A 646 43.01 14.19 -19.61
CA GLY A 646 42.98 15.35 -20.46
C GLY A 646 42.09 16.46 -19.94
N LYS A 647 41.99 17.51 -20.74
CA LYS A 647 41.17 18.66 -20.37
C LYS A 647 39.73 18.23 -20.10
N ASN A 648 39.12 17.54 -21.07
CA ASN A 648 37.80 16.96 -20.87
C ASN A 648 37.97 15.54 -20.33
N ASN A 649 37.37 15.27 -19.17
CA ASN A 649 37.52 13.95 -18.55
C ASN A 649 37.12 12.86 -19.52
N GLU A 650 38.09 12.05 -19.95
CA GLU A 650 37.85 11.01 -20.95
C GLU A 650 38.07 9.64 -20.31
N PRO A 651 37.05 8.80 -20.26
CA PRO A 651 37.24 7.48 -19.64
C PRO A 651 38.10 6.56 -20.49
N LEU A 652 39.41 6.80 -20.51
CA LEU A 652 40.30 5.97 -21.32
C LEU A 652 40.22 4.51 -20.89
N ARG A 653 40.17 4.25 -19.58
CA ARG A 653 40.00 2.88 -19.12
C ARG A 653 38.70 2.29 -19.64
N GLY A 654 37.62 3.07 -19.62
CA GLY A 654 36.37 2.60 -20.19
C GLY A 654 36.48 2.32 -21.67
N TYR A 655 37.21 3.17 -22.40
CA TYR A 655 37.42 2.92 -23.82
C TYR A 655 38.16 1.61 -24.04
N ILE A 656 39.19 1.35 -23.25
CA ILE A 656 39.96 0.11 -23.39
C ILE A 656 39.09 -1.09 -23.06
N LEU A 657 38.28 -1.00 -22.00
CA LEU A 657 37.41 -2.11 -21.64
C LEU A 657 36.39 -2.39 -22.74
N THR A 658 35.77 -1.33 -23.28
CA THR A 658 34.81 -1.51 -24.37
C THR A 658 35.49 -2.12 -25.59
N PHE A 659 36.70 -1.66 -25.91
CA PHE A 659 37.44 -2.22 -27.03
C PHE A 659 37.72 -3.69 -26.81
N LEU A 660 38.09 -4.07 -25.58
CA LEU A 660 38.35 -5.48 -25.29
C LEU A 660 37.09 -6.32 -25.49
N ILE A 661 35.96 -5.85 -24.96
CA ILE A 661 34.72 -6.61 -25.08
C ILE A 661 34.32 -6.75 -26.55
N ALA A 662 34.40 -5.65 -27.29
CA ALA A 662 34.03 -5.68 -28.71
C ALA A 662 34.97 -6.59 -29.50
N LEU A 663 36.27 -6.56 -29.17
CA LEU A 663 37.22 -7.43 -29.86
C LEU A 663 36.93 -8.89 -29.58
N GLY A 664 36.58 -9.22 -28.34
CA GLY A 664 36.21 -10.60 -28.04
C GLY A 664 34.99 -11.04 -28.81
N PHE A 665 33.95 -10.21 -28.82
CA PHE A 665 32.74 -10.59 -29.54
C PHE A 665 32.96 -10.64 -31.05
N ILE A 666 33.89 -9.84 -31.57
CA ILE A 666 34.25 -9.94 -32.98
C ILE A 666 35.00 -11.23 -33.25
N LEU A 667 35.93 -11.59 -32.36
CA LEU A 667 36.63 -12.86 -32.51
C LEU A 667 35.67 -14.04 -32.51
N ILE A 668 34.58 -13.94 -31.74
CA ILE A 668 33.52 -14.93 -31.87
C ILE A 668 33.01 -14.96 -33.30
N ALA A 669 32.74 -13.79 -33.88
CA ALA A 669 32.47 -13.64 -35.30
C ALA A 669 31.11 -14.17 -35.71
N GLU A 670 30.38 -14.79 -34.78
CA GLU A 670 29.04 -15.32 -35.04
C GLU A 670 28.10 -14.71 -34.01
N LEU A 671 27.56 -13.53 -34.33
CA LEU A 671 26.73 -12.78 -33.41
C LEU A 671 25.24 -12.96 -33.67
N ASN A 672 24.85 -13.93 -34.52
CA ASN A 672 23.43 -14.13 -34.80
C ASN A 672 22.66 -14.48 -33.53
N VAL A 673 23.22 -15.36 -32.70
CA VAL A 673 22.57 -15.70 -31.44
C VAL A 673 22.62 -14.51 -30.47
N ILE A 674 23.72 -13.75 -30.50
CA ILE A 674 23.90 -12.67 -29.54
C ILE A 674 22.89 -11.55 -29.77
N ALA A 675 22.52 -11.28 -31.02
CA ALA A 675 21.71 -10.11 -31.35
C ALA A 675 20.43 -10.01 -30.53
N PRO A 676 19.64 -11.07 -30.36
CA PRO A 676 18.41 -10.94 -29.57
C PRO A 676 18.66 -10.48 -28.14
N ILE A 677 19.75 -10.93 -27.53
CA ILE A 677 20.04 -10.54 -26.16
C ILE A 677 20.29 -9.04 -26.06
N ILE A 678 21.09 -8.50 -26.98
CA ILE A 678 21.37 -7.06 -26.96
C ILE A 678 20.10 -6.27 -27.28
N SER A 679 19.29 -6.78 -28.21
CA SER A 679 18.01 -6.12 -28.49
C SER A 679 17.14 -6.06 -27.25
N ASN A 680 17.10 -7.15 -26.49
CA ASN A 680 16.31 -7.16 -25.27
C ASN A 680 16.90 -6.25 -24.20
N PHE A 681 18.22 -6.13 -24.16
CA PHE A 681 18.85 -5.16 -23.25
C PHE A 681 18.41 -3.74 -23.58
N PHE A 682 18.44 -3.39 -24.87
CA PHE A 682 17.99 -2.07 -25.29
C PHE A 682 16.53 -1.86 -24.93
N LEU A 683 15.69 -2.87 -25.16
CA LEU A 683 14.27 -2.75 -24.84
C LEU A 683 14.06 -2.56 -23.35
N ALA A 684 14.84 -3.26 -22.52
CA ALA A 684 14.73 -3.09 -21.08
C ALA A 684 15.10 -1.67 -20.66
N SER A 685 16.16 -1.12 -21.25
CA SER A 685 16.53 0.26 -20.94
C SER A 685 15.41 1.22 -21.32
N TYR A 686 14.84 1.04 -22.52
CA TYR A 686 13.74 1.91 -22.95
C TYR A 686 12.55 1.78 -22.01
N ALA A 687 12.22 0.55 -21.63
CA ALA A 687 11.06 0.33 -20.76
C ALA A 687 11.28 0.96 -19.40
N LEU A 688 12.49 0.90 -18.87
CA LEU A 688 12.73 1.52 -17.56
C LEU A 688 12.73 3.04 -17.65
N ILE A 689 13.16 3.60 -18.79
CA ILE A 689 13.01 5.05 -18.96
C ILE A 689 11.54 5.44 -18.93
N ASN A 690 10.72 4.70 -19.67
CA ASN A 690 9.28 4.97 -19.69
C ASN A 690 8.68 4.82 -18.31
N PHE A 691 9.05 3.75 -17.61
CA PHE A 691 8.53 3.51 -16.27
C PHE A 691 9.01 4.57 -15.29
N SER A 692 10.22 5.09 -15.46
CA SER A 692 10.68 6.18 -14.61
C SER A 692 9.82 7.41 -14.82
N VAL A 693 9.49 7.74 -16.07
CA VAL A 693 8.61 8.88 -16.31
C VAL A 693 7.25 8.66 -15.65
N PHE A 694 6.69 7.46 -15.84
CA PHE A 694 5.38 7.16 -15.27
C PHE A 694 5.42 7.21 -13.74
N HIS A 695 6.47 6.66 -13.14
CA HIS A 695 6.60 6.65 -11.69
C HIS A 695 6.73 8.07 -11.15
N ALA A 696 7.53 8.91 -11.81
CA ALA A 696 7.64 10.30 -11.37
C ALA A 696 6.30 11.01 -11.45
N SER A 697 5.56 10.78 -12.54
CA SER A 697 4.23 11.36 -12.63
C SER A 697 3.26 10.79 -11.61
N LEU A 698 3.51 9.58 -11.11
CA LEU A 698 2.65 8.98 -10.10
C LEU A 698 2.86 9.64 -8.75
N ALA A 699 4.09 9.63 -8.25
CA ALA A 699 4.43 10.37 -7.05
C ALA A 699 4.40 11.86 -7.38
N LYS A 700 3.37 12.55 -6.89
CA LYS A 700 3.14 13.94 -7.26
C LYS A 700 4.07 14.88 -6.50
N SER A 701 5.36 14.63 -6.64
CA SER A 701 6.36 15.47 -6.02
C SER A 701 6.36 16.84 -6.68
N PRO A 702 6.28 17.93 -5.92
CA PRO A 702 6.28 19.26 -6.54
C PRO A 702 7.55 19.56 -7.30
N GLY A 703 8.64 18.84 -7.04
CA GLY A 703 9.88 19.03 -7.77
C GLY A 703 9.94 18.36 -9.11
N TRP A 704 8.90 17.61 -9.50
CA TRP A 704 8.89 16.98 -10.81
C TRP A 704 9.05 18.02 -11.93
N ARG A 705 8.09 18.94 -12.04
CA ARG A 705 8.21 20.15 -12.84
C ARG A 705 9.03 19.99 -14.11
N PRO A 706 8.68 19.06 -15.00
CA PRO A 706 9.47 18.90 -16.23
C PRO A 706 9.21 20.02 -17.22
N ALA A 707 10.29 20.46 -17.87
CA ALA A 707 10.18 21.56 -18.84
C ALA A 707 9.51 21.11 -20.13
N PHE A 708 9.81 19.90 -20.59
CA PHE A 708 9.17 19.36 -21.78
C PHE A 708 7.71 19.04 -21.47
N LYS A 709 6.80 19.54 -22.30
CA LYS A 709 5.37 19.44 -22.05
C LYS A 709 4.64 18.75 -23.19
N TYR A 710 5.21 17.67 -23.72
CA TYR A 710 4.60 16.89 -24.78
C TYR A 710 4.70 15.41 -24.45
N TYR A 711 4.37 15.06 -23.22
CA TYR A 711 4.40 13.69 -22.73
C TYR A 711 3.12 13.42 -21.95
N ASN A 712 2.98 12.18 -21.50
CA ASN A 712 1.83 11.78 -20.70
C ASN A 712 2.21 10.58 -19.86
N MET A 713 1.74 10.56 -18.61
CA MET A 713 2.04 9.44 -17.73
C MET A 713 1.46 8.14 -18.27
N TRP A 714 0.24 8.18 -18.79
CA TRP A 714 -0.38 6.99 -19.34
C TRP A 714 0.30 6.56 -20.63
N ILE A 715 0.68 7.52 -21.47
CA ILE A 715 1.43 7.18 -22.68
C ILE A 715 2.75 6.52 -22.32
N SER A 716 3.43 7.04 -21.30
CA SER A 716 4.71 6.46 -20.90
C SER A 716 4.53 5.07 -20.31
N LEU A 717 3.48 4.85 -19.51
CA LEU A 717 3.21 3.52 -18.99
C LEU A 717 2.90 2.54 -20.12
N LEU A 718 2.11 2.98 -21.10
CA LEU A 718 1.85 2.15 -22.27
C LEU A 718 3.13 1.85 -23.02
N GLY A 719 4.03 2.84 -23.13
CA GLY A 719 5.30 2.59 -23.80
C GLY A 719 6.15 1.57 -23.07
N ALA A 720 6.18 1.65 -21.74
CA ALA A 720 6.94 0.66 -20.97
C ALA A 720 6.36 -0.73 -21.16
N ILE A 721 5.03 -0.85 -21.09
CA ILE A 721 4.40 -2.15 -21.28
C ILE A 721 4.68 -2.68 -22.68
N LEU A 722 4.62 -1.79 -23.69
CA LEU A 722 4.91 -2.21 -25.06
C LEU A 722 6.36 -2.66 -25.20
N CYS A 723 7.29 -1.96 -24.54
CA CYS A 723 8.68 -2.38 -24.59
C CYS A 723 8.85 -3.77 -24.00
N CYS A 724 8.21 -4.03 -22.86
CA CYS A 724 8.29 -5.36 -22.27
C CYS A 724 7.69 -6.41 -23.19
N ILE A 725 6.52 -6.12 -23.77
CA ILE A 725 5.86 -7.10 -24.63
C ILE A 725 6.68 -7.37 -25.88
N VAL A 726 7.26 -6.32 -26.47
CA VAL A 726 8.08 -6.48 -27.66
C VAL A 726 9.33 -7.29 -27.35
N MET A 727 9.98 -7.01 -26.21
CA MET A 727 11.15 -7.78 -25.85
C MET A 727 10.81 -9.24 -25.61
N PHE A 728 9.61 -9.51 -25.09
CA PHE A 728 9.20 -10.89 -24.88
C PHE A 728 8.81 -11.57 -26.19
N VAL A 729 8.29 -10.79 -27.15
CA VAL A 729 7.84 -11.38 -28.42
C VAL A 729 9.00 -12.01 -29.15
N ILE A 730 10.14 -11.33 -29.22
CA ILE A 730 11.32 -11.83 -29.89
C ILE A 730 12.23 -12.48 -28.85
N ASN A 731 12.51 -13.77 -29.04
CA ASN A 731 13.43 -14.50 -28.18
C ASN A 731 12.96 -14.46 -26.71
N TRP A 732 11.82 -15.12 -26.49
CA TRP A 732 11.21 -15.14 -25.17
C TRP A 732 12.21 -15.53 -24.09
N TRP A 733 13.07 -16.51 -24.38
CA TRP A 733 14.05 -16.91 -23.37
C TRP A 733 15.10 -15.83 -23.15
N ALA A 734 15.44 -15.07 -24.20
CA ALA A 734 16.30 -13.92 -24.00
C ALA A 734 15.64 -12.89 -23.10
N ALA A 735 14.33 -12.67 -23.27
CA ALA A 735 13.62 -11.75 -22.41
C ALA A 735 13.63 -12.22 -20.96
N LEU A 736 13.41 -13.52 -20.75
CA LEU A 736 13.47 -14.06 -19.39
C LEU A 736 14.85 -13.87 -18.79
N LEU A 737 15.90 -14.13 -19.57
CA LEU A 737 17.26 -13.95 -19.07
C LEU A 737 17.53 -12.50 -18.70
N THR A 738 17.08 -11.56 -19.54
CA THR A 738 17.30 -10.15 -19.25
C THR A 738 16.54 -9.73 -18.00
N TYR A 739 15.31 -10.21 -17.83
CA TYR A 739 14.56 -9.91 -16.62
C TYR A 739 15.26 -10.47 -15.39
N VAL A 740 15.79 -11.68 -15.49
CA VAL A 740 16.49 -12.28 -14.36
C VAL A 740 17.72 -11.46 -14.00
N ILE A 741 18.48 -11.03 -15.02
CA ILE A 741 19.68 -10.24 -14.77
C ILE A 741 19.31 -8.91 -14.11
N VAL A 742 18.26 -8.25 -14.62
CA VAL A 742 17.84 -6.98 -14.05
C VAL A 742 17.42 -7.16 -12.60
N LEU A 743 16.64 -8.20 -12.32
CA LEU A 743 16.19 -8.45 -10.95
C LEU A 743 17.36 -8.73 -10.02
N GLY A 744 18.32 -9.53 -10.49
CA GLY A 744 19.48 -9.81 -9.66
C GLY A 744 20.30 -8.57 -9.36
N LEU A 745 20.52 -7.74 -10.37
CA LEU A 745 21.26 -6.49 -10.13
C LEU A 745 20.49 -5.58 -9.18
N TYR A 746 19.17 -5.50 -9.35
CA TYR A 746 18.35 -4.67 -8.45
C TYR A 746 18.46 -5.17 -7.02
N ILE A 747 18.37 -6.48 -6.82
CA ILE A 747 18.47 -7.04 -5.47
C ILE A 747 19.84 -6.77 -4.87
N TYR A 748 20.90 -6.96 -5.67
CA TYR A 748 22.23 -6.69 -5.16
C TYR A 748 22.39 -5.24 -4.74
N VAL A 749 21.89 -4.32 -5.56
CA VAL A 749 22.04 -2.90 -5.23
C VAL A 749 21.23 -2.55 -3.99
N THR A 750 20.00 -3.06 -3.90
CA THR A 750 19.18 -2.75 -2.73
C THR A 750 19.80 -3.30 -1.46
N TYR A 751 20.36 -4.51 -1.51
CA TYR A 751 21.06 -5.05 -0.35
C TYR A 751 22.28 -4.21 0.00
N LYS A 752 23.04 -3.79 -1.02
CA LYS A 752 24.22 -2.96 -0.76
C LYS A 752 23.83 -1.64 -0.13
N LYS A 753 22.75 -1.02 -0.61
CA LYS A 753 22.29 0.26 -0.09
C LYS A 753 23.41 1.29 -0.11
N PRO A 754 23.80 1.77 -1.28
CA PRO A 754 24.89 2.76 -1.35
C PRO A 754 24.50 4.04 -0.61
N ASP A 755 25.50 4.66 0.01
CA ASP A 755 25.29 5.86 0.82
C ASP A 755 25.18 7.06 -0.11
N VAL A 756 23.96 7.26 -0.64
CA VAL A 756 23.68 8.38 -1.52
C VAL A 756 22.18 8.54 -1.67
N ASN A 757 21.71 9.79 -1.74
CA ASN A 757 20.30 10.07 -1.99
C ASN A 757 20.21 11.23 -2.96
N TRP A 758 19.44 11.03 -4.03
CA TRP A 758 19.31 12.01 -5.10
C TRP A 758 17.91 12.58 -5.22
N GLY A 759 17.03 12.32 -4.26
CA GLY A 759 15.67 12.78 -4.37
C GLY A 759 14.89 12.09 -5.45
N SER A 760 15.01 10.77 -5.53
CA SER A 760 14.31 10.00 -6.54
C SER A 760 12.82 9.98 -6.27
N SER A 761 12.05 9.64 -7.32
CA SER A 761 10.60 9.55 -7.17
C SER A 761 10.19 8.41 -6.25
N THR A 762 11.09 7.49 -5.93
CA THR A 762 10.77 6.43 -4.99
C THR A 762 10.49 7.00 -3.60
N GLN A 763 11.31 7.94 -3.14
CA GLN A 763 11.10 8.55 -1.84
C GLN A 763 9.83 9.38 -1.81
N ALA A 764 9.57 10.13 -2.89
CA ALA A 764 8.33 10.88 -2.99
C ALA A 764 7.13 9.95 -2.94
N LEU A 765 7.22 8.82 -3.63
CA LEU A 765 6.13 7.85 -3.61
C LEU A 765 5.95 7.27 -2.21
N THR A 766 7.05 7.03 -1.50
CA THR A 766 6.95 6.57 -0.12
C THR A 766 6.16 7.56 0.72
N TYR A 767 6.51 8.85 0.64
CA TYR A 767 5.79 9.85 1.40
C TYR A 767 4.32 9.90 1.01
N LEU A 768 4.04 9.87 -0.29
CA LEU A 768 2.65 9.99 -0.75
C LEU A 768 1.83 8.78 -0.30
N ASN A 769 2.42 7.58 -0.37
CA ASN A 769 1.71 6.39 0.09
C ASN A 769 1.42 6.47 1.58
N ALA A 770 2.39 6.91 2.37
CA ALA A 770 2.14 7.06 3.81
C ALA A 770 1.02 8.05 4.05
N LEU A 771 1.03 9.18 3.36
CA LEU A 771 -0.01 10.19 3.55
C LEU A 771 -1.37 9.66 3.17
N GLN A 772 -1.47 8.98 2.03
CA GLN A 772 -2.75 8.46 1.57
C GLN A 772 -3.29 7.41 2.54
N HIS A 773 -2.42 6.51 3.02
CA HIS A 773 -2.87 5.51 3.97
C HIS A 773 -3.31 6.14 5.28
N SER A 774 -2.60 7.16 5.75
CA SER A 774 -3.02 7.85 6.96
C SER A 774 -4.38 8.52 6.77
N ILE A 775 -4.58 9.17 5.63
CA ILE A 775 -5.86 9.81 5.36
C ILE A 775 -6.98 8.78 5.33
N ARG A 776 -6.72 7.63 4.69
CA ARG A 776 -7.71 6.56 4.68
C ARG A 776 -8.04 6.10 6.10
N LEU A 777 -7.02 5.85 6.91
CA LEU A 777 -7.26 5.38 8.27
C LEU A 777 -8.00 6.43 9.08
N SER A 778 -7.85 7.71 8.75
CA SER A 778 -8.54 8.75 9.49
C SER A 778 -10.06 8.59 9.45
N GLY A 779 -10.59 7.89 8.45
CA GLY A 779 -12.03 7.76 8.31
C GLY A 779 -12.59 6.44 8.80
N VAL A 780 -11.84 5.73 9.64
CA VAL A 780 -12.23 4.43 10.16
C VAL A 780 -12.75 4.60 11.57
N GLU A 781 -13.97 4.12 11.82
CA GLU A 781 -14.56 4.20 13.15
C GLU A 781 -13.89 3.21 14.10
N ASP A 782 -13.87 3.55 15.38
CA ASP A 782 -13.21 2.74 16.38
C ASP A 782 -14.11 1.61 16.86
N HIS A 783 -13.49 0.48 17.16
CA HIS A 783 -14.21 -0.68 17.71
C HIS A 783 -13.34 -1.33 18.78
N VAL A 784 -14.01 -1.97 19.73
CA VAL A 784 -13.30 -2.55 20.86
C VAL A 784 -12.36 -3.67 20.41
N LYS A 785 -12.83 -4.53 19.51
CA LYS A 785 -12.00 -5.63 19.05
C LYS A 785 -10.90 -5.19 18.10
N ASN A 786 -10.94 -3.95 17.61
CA ASN A 786 -9.86 -3.39 16.82
C ASN A 786 -8.95 -2.46 17.64
N PHE A 787 -9.11 -2.46 18.97
CA PHE A 787 -8.28 -1.61 19.81
C PHE A 787 -6.84 -2.08 19.78
N ARG A 788 -5.91 -1.12 19.69
CA ARG A 788 -4.49 -1.39 19.78
C ARG A 788 -3.85 -0.46 20.78
N PRO A 789 -2.82 -0.91 21.49
CA PRO A 789 -2.12 -0.05 22.45
C PRO A 789 -1.15 0.88 21.73
N GLN A 790 -1.51 2.16 21.67
CA GLN A 790 -0.66 3.19 21.08
C GLN A 790 0.03 3.90 22.22
N CYS A 791 1.25 3.47 22.53
CA CYS A 791 1.94 3.88 23.76
C CYS A 791 2.91 5.02 23.47
N LEU A 792 2.80 6.08 24.27
CA LEU A 792 3.76 7.19 24.26
C LEU A 792 4.74 6.93 25.40
N VAL A 793 5.93 6.45 25.05
CA VAL A 793 6.93 6.05 26.04
C VAL A 793 7.77 7.26 26.40
N MET A 794 7.80 7.58 27.69
CA MET A 794 8.64 8.66 28.21
C MET A 794 10.02 8.07 28.48
N THR A 795 10.85 8.05 27.44
CA THR A 795 12.14 7.36 27.50
C THR A 795 13.33 8.30 27.53
N GLY A 796 13.14 9.60 27.34
CA GLY A 796 14.30 10.48 27.19
C GLY A 796 15.07 10.09 25.95
N ALA A 797 16.37 9.94 26.08
CA ALA A 797 17.18 9.47 24.97
C ALA A 797 16.81 8.02 24.66
N PRO A 798 16.51 7.69 23.40
CA PRO A 798 16.06 6.33 23.09
C PRO A 798 17.03 5.25 23.53
N ASN A 799 18.33 5.53 23.51
CA ASN A 799 19.32 4.56 23.96
C ASN A 799 19.63 4.65 25.45
N SER A 800 19.13 5.69 26.13
CA SER A 800 19.45 5.86 27.55
C SER A 800 18.87 4.73 28.39
N ARG A 801 17.62 4.37 28.14
CA ARG A 801 16.94 3.31 28.90
C ARG A 801 16.59 2.17 27.96
N PRO A 802 17.40 1.12 27.89
CA PRO A 802 17.14 0.04 26.93
C PRO A 802 16.06 -0.92 27.40
N ALA A 803 16.01 -1.18 28.71
CA ALA A 803 15.04 -2.12 29.22
C ALA A 803 13.61 -1.65 28.96
N LEU A 804 13.33 -0.39 29.28
CA LEU A 804 11.99 0.15 29.06
C LEU A 804 11.64 0.14 27.57
N LEU A 805 12.58 0.55 26.72
CA LEU A 805 12.32 0.61 25.29
C LEU A 805 12.00 -0.77 24.74
N HIS A 806 12.81 -1.78 25.11
CA HIS A 806 12.58 -3.13 24.60
C HIS A 806 11.29 -3.72 25.16
N LEU A 807 10.99 -3.46 26.43
CA LEU A 807 9.75 -3.98 27.00
C LEU A 807 8.54 -3.40 26.27
N VAL A 808 8.55 -2.09 26.02
CA VAL A 808 7.43 -1.49 25.31
C VAL A 808 7.37 -1.99 23.88
N HIS A 809 8.53 -2.21 23.26
CA HIS A 809 8.58 -2.73 21.90
C HIS A 809 8.00 -4.14 21.81
N ASP A 810 8.16 -4.94 22.87
CA ASP A 810 7.74 -6.33 22.82
C ASP A 810 6.23 -6.44 22.60
N PHE A 811 5.44 -5.62 23.29
CA PHE A 811 3.99 -5.66 23.15
C PHE A 811 3.46 -4.56 22.23
N THR A 812 4.33 -3.91 21.47
CA THR A 812 3.92 -2.90 20.51
C THR A 812 4.31 -3.21 19.08
N LYS A 813 5.34 -4.03 18.86
CA LYS A 813 5.81 -4.29 17.51
C LYS A 813 4.77 -5.07 16.72
N ASN A 814 4.42 -4.55 15.54
CA ASN A 814 3.46 -5.18 14.65
C ASN A 814 2.04 -5.06 15.19
N VAL A 815 1.88 -4.49 16.39
CA VAL A 815 0.58 -4.28 17.01
C VAL A 815 0.64 -2.95 17.73
N GLY A 816 0.00 -1.92 17.18
CA GLY A 816 -0.07 -0.63 17.82
C GLY A 816 1.14 0.26 17.54
N LEU A 817 0.98 1.53 17.89
CA LEU A 817 1.99 2.55 17.67
C LEU A 817 2.88 2.70 18.89
N MET A 818 4.08 3.23 18.66
CA MET A 818 5.08 3.43 19.71
C MET A 818 5.84 4.71 19.41
N ILE A 819 5.67 5.72 20.26
CA ILE A 819 6.36 7.00 20.13
C ILE A 819 7.29 7.18 21.31
N CYS A 820 8.57 7.39 21.03
CA CYS A 820 9.57 7.62 22.06
C CYS A 820 9.65 9.11 22.32
N GLY A 821 9.13 9.55 23.47
CA GLY A 821 9.10 10.97 23.80
C GLY A 821 10.30 11.38 24.61
N HIS A 822 10.96 12.46 24.17
CA HIS A 822 12.14 12.99 24.82
C HIS A 822 11.93 14.49 25.06
N VAL A 823 12.17 14.93 26.29
CA VAL A 823 11.99 16.31 26.70
C VAL A 823 13.36 16.92 26.91
N HIS A 824 13.64 18.02 26.21
CA HIS A 824 14.90 18.73 26.34
C HIS A 824 14.71 19.98 27.18
N MET A 825 15.63 20.19 28.12
CA MET A 825 15.63 21.37 28.97
C MET A 825 16.88 22.20 28.70
N GLY A 826 16.89 23.41 29.26
CA GLY A 826 18.01 24.31 29.09
C GLY A 826 17.68 25.51 28.23
N PRO A 827 18.69 26.32 27.93
CA PRO A 827 18.45 27.51 27.10
C PRO A 827 17.84 27.13 25.76
N ARG A 828 16.86 27.94 25.34
CA ARG A 828 16.15 27.63 24.09
C ARG A 828 17.07 27.74 22.89
N ARG A 829 17.96 28.74 22.88
CA ARG A 829 18.83 28.95 21.73
C ARG A 829 19.66 27.71 21.44
N GLN A 830 20.32 27.17 22.46
CA GLN A 830 21.11 25.96 22.27
C GLN A 830 20.23 24.72 22.18
N ALA A 831 19.10 24.70 22.88
CA ALA A 831 18.21 23.54 22.85
C ALA A 831 17.66 23.29 21.46
N MET A 832 17.45 24.36 20.68
CA MET A 832 16.96 24.18 19.32
C MET A 832 17.94 23.35 18.49
N LYS A 833 19.22 23.74 18.50
CA LYS A 833 20.22 22.97 17.76
C LYS A 833 20.38 21.58 18.34
N GLU A 834 20.32 21.46 19.68
CA GLU A 834 20.41 20.15 20.30
C GLU A 834 19.33 19.22 19.78
N MET A 835 18.08 19.70 19.75
CA MET A 835 16.98 18.88 19.26
C MET A 835 17.12 18.61 17.77
N SER A 836 17.61 19.59 17.01
CA SER A 836 17.79 19.37 15.57
C SER A 836 18.78 18.24 15.31
N ILE A 837 19.88 18.22 16.05
CA ILE A 837 20.83 17.11 15.90
C ILE A 837 20.23 15.81 16.40
N ASP A 838 19.55 15.86 17.56
CA ASP A 838 19.02 14.64 18.17
C ASP A 838 17.99 13.96 17.28
N GLN A 839 17.15 14.75 16.60
CA GLN A 839 16.16 14.16 15.71
C GLN A 839 16.81 13.15 14.76
N ALA A 840 17.74 13.63 13.93
CA ALA A 840 18.39 12.75 12.97
C ALA A 840 19.15 11.64 13.67
N LYS A 841 19.95 11.98 14.69
CA LYS A 841 20.78 10.97 15.33
C LYS A 841 19.94 9.82 15.84
N TYR A 842 18.89 10.12 16.61
CA TYR A 842 18.12 9.07 17.26
C TYR A 842 17.17 8.37 16.31
N GLN A 843 16.62 9.06 15.31
CA GLN A 843 15.83 8.33 14.31
C GLN A 843 16.71 7.33 13.56
N ARG A 844 17.92 7.73 13.18
CA ARG A 844 18.83 6.80 12.54
C ARG A 844 19.19 5.65 13.47
N TRP A 845 19.43 5.95 14.75
CA TRP A 845 19.75 4.90 15.72
C TRP A 845 18.60 3.89 15.84
N LEU A 846 17.37 4.39 15.94
CA LEU A 846 16.22 3.51 16.04
C LEU A 846 16.08 2.64 14.79
N ILE A 847 16.24 3.24 13.61
CA ILE A 847 16.11 2.47 12.38
C ILE A 847 17.20 1.39 12.31
N LYS A 848 18.43 1.77 12.64
CA LYS A 848 19.53 0.81 12.58
C LYS A 848 19.39 -0.29 13.63
N ASN A 849 18.69 -0.02 14.72
CA ASN A 849 18.55 -1.00 15.80
C ASN A 849 17.32 -1.89 15.62
N LYS A 850 16.58 -1.75 14.53
CA LYS A 850 15.47 -2.62 14.19
C LYS A 850 14.26 -2.41 15.09
N MET A 851 14.09 -1.22 15.66
CA MET A 851 12.95 -0.93 16.54
C MET A 851 11.99 -0.02 15.80
N LYS A 852 10.74 -0.47 15.67
CA LYS A 852 9.72 0.26 14.91
C LYS A 852 9.05 1.29 15.82
N ALA A 853 9.82 2.31 16.17
CA ALA A 853 9.36 3.39 17.03
C ALA A 853 9.58 4.72 16.33
N PHE A 854 8.91 5.75 16.84
CA PHE A 854 9.05 7.11 16.36
C PHE A 854 9.68 7.97 17.44
N TYR A 855 10.73 8.70 17.08
CA TYR A 855 11.35 9.65 18.01
C TYR A 855 10.57 10.96 17.99
N ALA A 856 10.23 11.45 19.18
CA ALA A 856 9.42 12.66 19.32
C ALA A 856 10.12 13.62 20.28
N PRO A 857 11.12 14.36 19.79
CA PRO A 857 11.77 15.36 20.63
C PRO A 857 10.83 16.51 20.94
N VAL A 858 11.05 17.12 22.10
CA VAL A 858 10.24 18.27 22.53
C VAL A 858 11.09 19.13 23.45
N HIS A 859 10.92 20.43 23.35
CA HIS A 859 11.65 21.40 24.18
C HIS A 859 10.67 22.04 25.14
N ALA A 860 10.94 21.92 26.44
CA ALA A 860 10.05 22.46 27.45
C ALA A 860 10.86 22.81 28.69
N ASP A 861 10.27 23.67 29.54
CA ASP A 861 10.96 24.09 30.75
C ASP A 861 11.18 22.93 31.70
N ASP A 862 10.19 22.05 31.84
CA ASP A 862 10.29 20.91 32.74
C ASP A 862 9.65 19.70 32.08
N LEU A 863 9.84 18.54 32.70
CA LEU A 863 9.35 17.29 32.13
C LEU A 863 7.83 17.29 32.04
N ARG A 864 7.15 17.85 33.02
CA ARG A 864 5.69 17.80 33.06
C ARG A 864 5.08 18.51 31.85
N GLU A 865 5.59 19.69 31.50
CA GLU A 865 5.00 20.43 30.41
C GLU A 865 5.36 19.83 29.05
N GLY A 866 6.56 19.25 28.92
CA GLY A 866 6.88 18.52 27.71
C GLY A 866 5.98 17.32 27.52
N ALA A 867 5.73 16.58 28.60
CA ALA A 867 4.78 15.48 28.51
C ALA A 867 3.38 15.98 28.16
N GLN A 868 3.01 17.17 28.66
CA GLN A 868 1.74 17.76 28.28
C GLN A 868 1.69 18.03 26.78
N TYR A 869 2.76 18.60 26.24
CA TYR A 869 2.85 18.81 24.79
C TYR A 869 2.62 17.50 24.05
N LEU A 870 3.35 16.46 24.46
CA LEU A 870 3.29 15.19 23.74
C LEU A 870 1.91 14.56 23.84
N MET A 871 1.31 14.58 25.04
CA MET A 871 -0.01 13.97 25.23
C MET A 871 -1.11 14.76 24.55
N GLN A 872 -0.90 16.04 24.28
CA GLN A 872 -1.93 16.82 23.60
C GLN A 872 -1.81 16.76 22.08
N ALA A 873 -0.59 16.82 21.54
CA ALA A 873 -0.40 17.01 20.11
C ALA A 873 0.29 15.86 19.40
N ALA A 874 1.02 15.00 20.10
CA ALA A 874 1.77 13.96 19.42
C ALA A 874 0.84 13.05 18.64
N GLY A 875 1.31 12.59 17.47
CA GLY A 875 0.54 11.72 16.61
C GLY A 875 -0.14 12.48 15.49
N LEU A 876 -0.79 11.72 14.61
CA LEU A 876 -1.47 12.28 13.46
C LEU A 876 -2.77 11.51 13.21
N GLY A 877 -3.87 12.25 13.09
CA GLY A 877 -5.15 11.62 12.82
C GLY A 877 -5.52 10.62 13.89
N ARG A 878 -5.88 9.41 13.46
CA ARG A 878 -6.30 8.35 14.36
C ARG A 878 -5.14 7.53 14.90
N MET A 879 -3.90 7.92 14.59
CA MET A 879 -2.71 7.22 15.02
C MET A 879 -2.03 7.93 16.19
N LYS A 880 -2.80 8.49 17.09
CA LYS A 880 -2.26 9.19 18.25
C LYS A 880 -2.17 8.26 19.45
N PRO A 881 -1.29 8.57 20.40
CA PRO A 881 -1.14 7.70 21.57
C PRO A 881 -2.37 7.70 22.45
N ASN A 882 -2.55 6.60 23.18
CA ASN A 882 -3.61 6.47 24.16
C ASN A 882 -3.12 5.93 25.50
N THR A 883 -1.86 5.52 25.60
CA THR A 883 -1.28 5.00 26.81
C THR A 883 0.04 5.68 27.10
N LEU A 884 0.27 6.04 28.36
CA LEU A 884 1.50 6.67 28.78
C LEU A 884 2.33 5.65 29.54
N VAL A 885 3.57 5.44 29.11
CA VAL A 885 4.48 4.48 29.72
C VAL A 885 5.65 5.25 30.33
N LEU A 886 5.90 4.99 31.61
CA LEU A 886 6.93 5.71 32.36
C LEU A 886 7.81 4.73 33.10
N GLY A 887 9.03 5.17 33.39
CA GLY A 887 9.91 4.43 34.28
C GLY A 887 9.71 4.89 35.72
N PHE A 888 9.89 3.96 36.64
CA PHE A 888 9.73 4.27 38.05
C PHE A 888 10.80 5.25 38.51
N LYS A 889 10.40 6.24 39.31
CA LYS A 889 11.35 7.19 39.90
C LYS A 889 12.03 6.49 41.07
N LYS A 890 13.10 5.76 40.74
CA LYS A 890 13.78 4.96 41.75
C LYS A 890 14.38 5.84 42.85
N ASP A 891 15.00 6.95 42.46
CA ASP A 891 15.72 7.81 43.40
C ASP A 891 14.84 8.89 44.01
N TRP A 892 13.52 8.67 44.07
CA TRP A 892 12.64 9.72 44.58
C TRP A 892 12.99 10.13 46.00
N LEU A 893 13.44 9.19 46.83
CA LEU A 893 13.81 9.54 48.20
C LEU A 893 15.01 10.49 48.22
N GLN A 894 16.03 10.22 47.42
CA GLN A 894 17.21 11.06 47.34
C GLN A 894 17.10 12.06 46.19
N ALA A 895 16.02 12.83 46.17
CA ALA A 895 15.80 13.81 45.12
C ALA A 895 14.92 14.94 45.66
N ASP A 896 14.95 16.07 44.95
CA ASP A 896 14.13 17.20 45.34
C ASP A 896 12.65 16.85 45.22
N MET A 897 11.86 17.25 46.21
CA MET A 897 10.44 16.91 46.21
C MET A 897 9.70 17.57 45.06
N ARG A 898 10.25 18.63 44.48
CA ARG A 898 9.62 19.23 43.30
C ARG A 898 9.59 18.25 42.14
N ASP A 899 10.68 17.49 41.94
CA ASP A 899 10.71 16.49 40.89
C ASP A 899 9.67 15.40 41.13
N VAL A 900 9.53 14.95 42.38
CA VAL A 900 8.54 13.94 42.70
C VAL A 900 7.14 14.47 42.45
N ASP A 901 6.91 15.73 42.82
CA ASP A 901 5.61 16.35 42.55
C ASP A 901 5.34 16.39 41.05
N MET A 902 6.35 16.72 40.25
CA MET A 902 6.19 16.72 38.79
C MET A 902 5.86 15.33 38.27
N TYR A 903 6.52 14.31 38.82
CA TYR A 903 6.23 12.93 38.42
C TYR A 903 4.77 12.57 38.71
N ILE A 904 4.32 12.82 39.94
CA ILE A 904 2.95 12.48 40.31
C ILE A 904 1.95 13.29 39.48
N ASN A 905 2.30 14.54 39.19
CA ASN A 905 1.41 15.36 38.36
C ASN A 905 1.40 14.88 36.93
N LEU A 906 2.48 14.27 36.46
CA LEU A 906 2.45 13.60 35.16
C LEU A 906 1.44 12.47 35.18
N PHE A 907 1.46 11.65 36.23
CA PHE A 907 0.43 10.64 36.41
C PHE A 907 -0.97 11.25 36.34
N HIS A 908 -1.16 12.34 37.10
CA HIS A 908 -2.48 12.95 37.19
C HIS A 908 -2.94 13.51 35.84
N ASP A 909 -2.04 14.15 35.10
CA ASP A 909 -2.39 14.64 33.77
C ASP A 909 -2.76 13.50 32.84
N ALA A 910 -1.99 12.41 32.88
CA ALA A 910 -2.33 11.25 32.05
C ALA A 910 -3.74 10.77 32.35
N PHE A 911 -4.08 10.65 33.64
CA PHE A 911 -5.44 10.25 33.99
C PHE A 911 -6.47 11.29 33.57
N ASP A 912 -6.11 12.57 33.64
CA ASP A 912 -7.07 13.64 33.34
C ASP A 912 -7.45 13.63 31.86
N ILE A 913 -6.49 13.35 30.99
CA ILE A 913 -6.75 13.39 29.55
C ILE A 913 -7.18 12.03 29.00
N GLN A 914 -7.61 11.12 29.88
CA GLN A 914 -8.12 9.82 29.47
C GLN A 914 -7.01 8.98 28.82
N TYR A 915 -5.92 8.84 29.55
CA TYR A 915 -4.77 8.04 29.11
C TYR A 915 -4.60 6.84 30.03
N GLY A 916 -4.25 5.70 29.44
CA GLY A 916 -3.76 4.59 30.22
C GLY A 916 -2.32 4.83 30.64
N VAL A 917 -1.99 4.40 31.86
CA VAL A 917 -0.68 4.66 32.44
C VAL A 917 -0.03 3.32 32.75
N VAL A 918 1.22 3.17 32.32
CA VAL A 918 2.01 1.98 32.60
C VAL A 918 3.34 2.43 33.21
N VAL A 919 3.69 1.87 34.37
CA VAL A 919 4.92 2.19 35.07
C VAL A 919 5.76 0.92 35.15
N ILE A 920 7.02 1.02 34.73
CA ILE A 920 7.95 -0.10 34.73
C ILE A 920 9.00 0.16 35.79
N ARG A 921 9.15 -0.78 36.73
CA ARG A 921 10.07 -0.62 37.84
C ARG A 921 11.10 -1.75 37.81
N LEU A 922 12.37 -1.38 37.91
CA LEU A 922 13.47 -2.32 38.01
C LEU A 922 14.26 -2.03 39.27
N LYS A 923 14.85 -3.07 39.84
CA LYS A 923 15.62 -2.90 41.07
C LYS A 923 16.79 -1.96 40.85
N GLU A 924 17.51 -2.12 39.74
CA GLU A 924 18.70 -1.33 39.45
C GLU A 924 18.40 0.01 38.78
N GLY A 925 17.20 0.21 38.28
CA GLY A 925 16.84 1.43 37.60
C GLY A 925 16.64 1.23 36.10
N LEU A 926 16.72 2.33 35.36
CA LEU A 926 16.49 2.28 33.92
C LEU A 926 17.58 2.99 33.13
N ASP A 927 18.25 3.97 33.74
CA ASP A 927 19.22 4.80 33.03
C ASP A 927 20.59 4.14 33.06
N ILE A 928 21.20 4.05 31.88
CA ILE A 928 22.52 3.43 31.74
C ILE A 928 23.44 4.39 30.99
N SER A 929 22.96 5.61 30.73
CA SER A 929 23.75 6.56 29.96
C SER A 929 25.05 6.91 30.69
N HIS A 930 24.98 7.16 31.99
CA HIS A 930 26.18 7.52 32.74
C HIS A 930 27.18 6.37 32.76
N LEU A 931 26.71 5.15 32.92
CA LEU A 931 27.59 3.98 32.95
C LEU A 931 28.31 3.80 31.62
N ASN A 1002 31.79 -0.84 38.54
CA ASN A 1002 31.83 -1.69 39.72
C ASN A 1002 30.70 -2.71 39.70
N VAL A 1003 30.41 -3.29 40.88
CA VAL A 1003 29.37 -4.31 40.96
C VAL A 1003 28.01 -3.72 40.60
N ALA A 1004 27.70 -2.55 41.14
CA ALA A 1004 26.40 -1.94 40.88
C ALA A 1004 26.23 -1.62 39.40
N ASP A 1005 27.28 -1.08 38.76
CA ASP A 1005 27.18 -0.77 37.34
C ASP A 1005 27.00 -2.04 36.52
N GLN A 1006 27.72 -3.11 36.86
CA GLN A 1006 27.56 -4.37 36.14
C GLN A 1006 26.15 -4.92 36.29
N LYS A 1007 25.59 -4.85 37.50
CA LYS A 1007 24.23 -5.32 37.71
C LYS A 1007 23.24 -4.47 36.92
N LEU A 1008 23.45 -3.16 36.88
CA LEU A 1008 22.57 -2.29 36.12
C LEU A 1008 22.63 -2.62 34.63
N LEU A 1009 23.83 -2.85 34.10
CA LEU A 1009 23.95 -3.20 32.69
C LEU A 1009 23.29 -4.54 32.40
N GLU A 1010 23.46 -5.51 33.30
CA GLU A 1010 22.81 -6.80 33.12
C GLU A 1010 21.29 -6.65 33.11
N ALA A 1011 20.76 -5.83 34.02
CA ALA A 1011 19.33 -5.58 34.02
C ALA A 1011 18.87 -4.91 32.74
N SER A 1012 19.68 -3.97 32.22
CA SER A 1012 19.33 -3.31 30.97
C SER A 1012 19.26 -4.31 29.82
N THR A 1013 20.19 -5.26 29.78
CA THR A 1013 20.25 -6.24 28.70
C THR A 1013 19.37 -7.46 28.94
N GLN A 1014 18.74 -7.57 30.12
CA GLN A 1014 18.00 -8.79 30.45
C GLN A 1014 16.86 -9.06 29.47
N PHE A 1015 16.12 -8.03 29.09
CA PHE A 1015 14.97 -8.23 28.21
C PHE A 1015 15.34 -8.11 26.74
N GLN A 1016 16.36 -8.86 26.34
CA GLN A 1016 16.79 -8.90 24.94
C GLN A 1016 16.91 -10.31 24.37
N LYS A 1017 17.18 -11.31 25.20
CA LYS A 1017 17.29 -12.69 24.74
C LYS A 1017 15.94 -13.40 24.90
N LYS A 1018 15.92 -14.70 24.57
CA LYS A 1018 14.72 -15.49 24.79
C LYS A 1018 14.49 -15.64 26.28
N GLN A 1019 13.27 -15.30 26.72
CA GLN A 1019 12.97 -15.25 28.15
C GLN A 1019 12.64 -16.60 28.75
N GLY A 1020 13.49 -17.60 28.54
CA GLY A 1020 13.29 -18.92 29.10
C GLY A 1020 11.83 -19.33 29.13
N LYS A 1021 11.41 -19.97 30.22
CA LYS A 1021 9.98 -20.15 30.50
C LYS A 1021 9.83 -20.25 32.01
N ASN A 1022 9.69 -19.10 32.68
CA ASN A 1022 9.52 -19.08 34.13
C ASN A 1022 8.08 -18.85 34.54
N THR A 1023 7.52 -17.69 34.20
CA THR A 1023 6.12 -17.38 34.47
C THR A 1023 5.85 -15.96 33.98
N ILE A 1024 4.57 -15.62 33.88
CA ILE A 1024 4.12 -14.24 33.69
C ILE A 1024 2.96 -14.05 34.66
N ASP A 1025 3.21 -13.39 35.78
CA ASP A 1025 2.22 -13.23 36.84
C ASP A 1025 1.43 -11.95 36.62
N VAL A 1026 0.12 -12.10 36.49
CA VAL A 1026 -0.79 -10.97 36.28
C VAL A 1026 -1.70 -10.88 37.50
N TRP A 1027 -1.57 -9.79 38.25
CA TRP A 1027 -2.40 -9.54 39.43
C TRP A 1027 -3.50 -8.55 39.04
N TRP A 1028 -4.50 -9.08 38.33
CA TRP A 1028 -5.64 -8.27 37.89
C TRP A 1028 -6.59 -8.09 39.06
N LEU A 1029 -6.34 -7.04 39.85
CA LEU A 1029 -7.12 -6.77 41.05
C LEU A 1029 -8.34 -5.91 40.79
N PHE A 1030 -8.24 -4.95 39.87
CA PHE A 1030 -9.33 -4.04 39.58
C PHE A 1030 -9.59 -4.02 38.08
N ASP A 1031 -10.84 -3.79 37.71
CA ASP A 1031 -11.23 -3.80 36.31
C ASP A 1031 -10.93 -2.43 35.70
N ASP A 1032 -9.77 -2.32 35.04
CA ASP A 1032 -9.40 -1.12 34.31
C ASP A 1032 -9.90 -1.14 32.87
N GLY A 1033 -10.61 -2.20 32.46
CA GLY A 1033 -11.06 -2.36 31.09
C GLY A 1033 -10.38 -3.49 30.35
N GLY A 1034 -9.36 -4.11 30.94
CA GLY A 1034 -8.69 -5.25 30.34
C GLY A 1034 -7.27 -5.01 29.92
N LEU A 1035 -6.78 -3.76 29.97
CA LEU A 1035 -5.40 -3.49 29.56
C LEU A 1035 -4.41 -4.28 30.39
N THR A 1036 -4.67 -4.42 31.69
CA THR A 1036 -3.79 -5.19 32.56
C THR A 1036 -3.62 -6.61 32.05
N LEU A 1037 -4.68 -7.19 31.48
CA LEU A 1037 -4.59 -8.52 30.89
C LEU A 1037 -4.16 -8.49 29.44
N LEU A 1038 -4.45 -7.40 28.73
CA LEU A 1038 -4.08 -7.31 27.32
C LEU A 1038 -2.58 -7.18 27.12
N ILE A 1039 -1.88 -6.54 28.05
CA ILE A 1039 -0.43 -6.36 27.91
C ILE A 1039 0.26 -7.72 27.96
N PRO A 1040 0.08 -8.51 29.02
CA PRO A 1040 0.76 -9.80 29.10
C PRO A 1040 0.42 -10.75 27.97
N TYR A 1041 -0.82 -10.71 27.46
CA TYR A 1041 -1.17 -11.55 26.33
C TYR A 1041 -0.35 -11.17 25.10
N LEU A 1042 -0.27 -9.87 24.82
CA LEU A 1042 0.56 -9.42 23.70
C LEU A 1042 2.02 -9.78 23.91
N LEU A 1043 2.47 -9.80 25.17
CA LEU A 1043 3.81 -10.29 25.46
C LEU A 1043 3.96 -11.75 25.03
N THR A 1044 3.04 -12.59 25.49
CA THR A 1044 3.10 -14.01 25.17
C THR A 1044 2.93 -14.28 23.69
N THR A 1045 2.36 -13.33 22.94
CA THR A 1045 2.14 -13.51 21.51
C THR A 1045 3.43 -13.42 20.71
N LYS A 1046 4.55 -13.02 21.33
CA LYS A 1046 5.81 -12.86 20.64
C LYS A 1046 6.70 -14.08 20.84
N LYS A 1047 7.65 -14.25 19.91
CA LYS A 1047 8.52 -15.43 19.93
C LYS A 1047 9.38 -15.47 21.19
N LYS A 1048 9.91 -14.32 21.61
CA LYS A 1048 10.80 -14.27 22.77
C LYS A 1048 10.07 -14.54 24.08
N TRP A 1049 8.74 -14.55 24.07
CA TRP A 1049 7.96 -14.76 25.29
C TRP A 1049 7.03 -15.95 25.20
N LYS A 1050 7.10 -16.74 24.12
CA LYS A 1050 6.13 -17.82 23.94
C LYS A 1050 6.22 -18.85 25.05
N ASP A 1051 7.44 -19.20 25.46
CA ASP A 1051 7.61 -20.23 26.48
C ASP A 1051 7.03 -19.81 27.83
N CYS A 1052 6.80 -18.53 28.04
CA CYS A 1052 6.28 -18.05 29.33
C CYS A 1052 4.79 -18.28 29.43
N LYS A 1053 4.34 -18.74 30.59
CA LYS A 1053 2.94 -19.03 30.85
C LYS A 1053 2.33 -17.92 31.70
N ILE A 1054 1.08 -17.61 31.43
CA ILE A 1054 0.35 -16.57 32.15
C ILE A 1054 -0.48 -17.22 33.24
N ARG A 1055 -0.18 -16.89 34.49
CA ARG A 1055 -0.99 -17.31 35.62
C ARG A 1055 -1.55 -16.07 36.30
N VAL A 1056 -2.85 -16.08 36.56
CA VAL A 1056 -3.59 -14.90 36.98
C VAL A 1056 -3.84 -14.94 38.47
N PHE A 1057 -3.79 -13.77 39.09
CA PHE A 1057 -4.11 -13.59 40.50
C PHE A 1057 -5.28 -12.63 40.63
N ILE A 1058 -6.28 -13.02 41.41
CA ILE A 1058 -7.43 -12.16 41.70
C ILE A 1058 -7.73 -12.25 43.20
N GLY A 1059 -8.45 -11.26 43.69
CA GLY A 1059 -8.93 -11.25 45.06
C GLY A 1059 -10.30 -11.88 45.16
N GLY A 1060 -10.48 -12.71 46.16
CA GLY A 1060 -11.72 -13.45 46.32
C GLY A 1060 -12.17 -13.50 47.76
N LYS A 1061 -13.22 -14.27 47.98
CA LYS A 1061 -13.80 -14.45 49.30
C LYS A 1061 -13.27 -15.73 49.93
N ILE A 1062 -13.08 -15.70 51.25
CA ILE A 1062 -12.46 -16.84 51.92
C ILE A 1062 -13.33 -18.09 51.77
N ASN A 1063 -14.65 -17.93 51.82
CA ASN A 1063 -15.57 -19.05 51.73
C ASN A 1063 -16.08 -19.31 50.32
N ARG A 1064 -15.60 -18.56 49.33
CA ARG A 1064 -16.05 -18.67 47.95
C ARG A 1064 -14.86 -18.80 47.00
N ILE A 1065 -13.81 -19.49 47.43
CA ILE A 1065 -12.61 -19.60 46.61
C ILE A 1065 -12.91 -20.30 45.29
N ASP A 1066 -13.56 -21.46 45.37
CA ASP A 1066 -13.82 -22.24 44.16
C ASP A 1066 -14.77 -21.50 43.22
N HIS A 1067 -15.82 -20.89 43.75
CA HIS A 1067 -16.78 -20.18 42.91
C HIS A 1067 -16.12 -19.02 42.18
N ASP A 1068 -15.33 -18.22 42.90
CA ASP A 1068 -14.65 -17.09 42.28
C ASP A 1068 -13.63 -17.56 41.25
N ARG A 1069 -12.89 -18.62 41.57
CA ARG A 1069 -11.92 -19.14 40.61
C ARG A 1069 -12.61 -19.60 39.33
N ARG A 1070 -13.74 -20.32 39.47
CA ARG A 1070 -14.47 -20.76 38.28
C ARG A 1070 -15.00 -19.58 37.49
N ALA A 1071 -15.52 -18.57 38.17
CA ALA A 1071 -16.02 -17.39 37.46
C ALA A 1071 -14.92 -16.70 36.68
N MET A 1072 -13.76 -16.52 37.30
CA MET A 1072 -12.64 -15.89 36.61
C MET A 1072 -12.19 -16.73 35.42
N ALA A 1073 -12.11 -18.05 35.60
CA ALA A 1073 -11.70 -18.92 34.50
C ALA A 1073 -12.66 -18.83 33.34
N THR A 1074 -13.96 -18.84 33.61
CA THR A 1074 -14.93 -18.70 32.53
C THR A 1074 -14.83 -17.34 31.86
N LEU A 1075 -14.67 -16.28 32.66
CA LEU A 1075 -14.60 -14.94 32.08
C LEU A 1075 -13.40 -14.80 31.15
N LEU A 1076 -12.25 -15.31 31.55
CA LEU A 1076 -11.09 -15.22 30.68
C LEU A 1076 -11.08 -16.27 29.58
N SER A 1077 -11.90 -17.31 29.69
CA SER A 1077 -12.08 -18.24 28.58
C SER A 1077 -12.94 -17.61 27.48
N LYS A 1078 -13.95 -16.83 27.87
CA LYS A 1078 -14.70 -16.08 26.88
C LYS A 1078 -13.80 -15.07 26.17
N PHE A 1079 -12.85 -14.48 26.90
CA PHE A 1079 -11.87 -13.59 26.28
C PHE A 1079 -10.88 -14.34 25.40
N ARG A 1080 -10.80 -15.66 25.55
CA ARG A 1080 -9.85 -16.46 24.77
C ARG A 1080 -8.41 -16.10 25.12
N ILE A 1081 -8.15 -15.92 26.41
CA ILE A 1081 -6.81 -15.62 26.92
C ILE A 1081 -6.31 -16.87 27.63
N ASP A 1082 -5.31 -17.52 27.06
CA ASP A 1082 -4.78 -18.74 27.65
C ASP A 1082 -4.08 -18.44 28.97
N PHE A 1083 -4.34 -19.28 29.97
CA PHE A 1083 -3.71 -19.15 31.27
C PHE A 1083 -3.29 -20.54 31.76
N SER A 1084 -2.27 -20.56 32.61
CA SER A 1084 -1.77 -21.81 33.17
C SER A 1084 -2.38 -22.16 34.51
N ASP A 1085 -2.69 -21.16 35.33
CA ASP A 1085 -3.31 -21.39 36.63
C ASP A 1085 -3.97 -20.10 37.07
N ILE A 1086 -4.88 -20.24 38.04
CA ILE A 1086 -5.57 -19.11 38.65
C ILE A 1086 -5.52 -19.28 40.15
N MET A 1087 -4.94 -18.30 40.85
CA MET A 1087 -4.86 -18.30 42.29
C MET A 1087 -5.74 -17.20 42.85
N VAL A 1088 -6.63 -17.55 43.76
CA VAL A 1088 -7.54 -16.61 44.41
C VAL A 1088 -7.03 -16.38 45.82
N LEU A 1089 -6.75 -15.12 46.15
CA LEU A 1089 -6.22 -14.76 47.46
C LEU A 1089 -7.32 -14.17 48.31
N GLY A 1090 -7.61 -14.81 49.43
CA GLY A 1090 -8.53 -14.29 50.43
C GLY A 1090 -7.85 -13.57 51.58
N ASP A 1091 -6.52 -13.53 51.59
CA ASP A 1091 -5.78 -12.90 52.67
C ASP A 1091 -5.63 -11.39 52.49
N ILE A 1092 -6.04 -10.85 51.35
CA ILE A 1092 -6.00 -9.40 51.20
C ILE A 1092 -6.97 -8.78 52.19
N ASN A 1093 -6.77 -7.48 52.46
CA ASN A 1093 -7.49 -6.72 53.48
C ASN A 1093 -7.03 -7.06 54.88
N THR A 1094 -6.14 -8.04 55.04
CA THR A 1094 -5.59 -8.35 56.35
C THR A 1094 -4.62 -7.26 56.78
N LYS A 1095 -4.36 -7.21 58.08
CA LYS A 1095 -3.43 -6.22 58.61
C LYS A 1095 -2.00 -6.68 58.32
N PRO A 1096 -1.20 -5.88 57.61
CA PRO A 1096 0.18 -6.28 57.35
C PRO A 1096 1.00 -6.32 58.63
N LYS A 1097 2.09 -7.09 58.57
CA LYS A 1097 2.94 -7.27 59.74
C LYS A 1097 3.35 -5.92 60.32
N LYS A 1098 3.61 -5.91 61.63
CA LYS A 1098 3.96 -4.66 62.30
C LYS A 1098 5.24 -4.07 61.75
N GLU A 1099 6.23 -4.90 61.45
CA GLU A 1099 7.51 -4.39 60.98
C GLU A 1099 7.36 -3.61 59.67
N ASN A 1100 6.54 -4.11 58.75
CA ASN A 1100 6.35 -3.43 57.48
C ASN A 1100 5.67 -2.08 57.66
N ILE A 1101 4.65 -2.02 58.53
CA ILE A 1101 4.00 -0.74 58.79
C ILE A 1101 4.96 0.24 59.44
N ILE A 1102 5.79 -0.24 60.37
CA ILE A 1102 6.78 0.62 61.00
C ILE A 1102 7.76 1.15 59.95
N ALA A 1103 8.21 0.30 59.04
CA ALA A 1103 9.13 0.73 58.00
C ALA A 1103 8.48 1.78 57.10
N PHE A 1104 7.21 1.57 56.72
CA PHE A 1104 6.52 2.56 55.90
C PHE A 1104 6.41 3.89 56.62
N GLU A 1105 6.06 3.86 57.92
CA GLU A 1105 5.96 5.10 58.68
C GLU A 1105 7.30 5.81 58.77
N GLU A 1106 8.38 5.05 59.01
CA GLU A 1106 9.70 5.66 59.07
C GLU A 1106 10.08 6.29 57.73
N ILE A 1107 9.75 5.62 56.63
CA ILE A 1107 10.03 6.18 55.31
C ILE A 1107 9.24 7.46 55.08
N ILE A 1108 7.97 7.47 55.50
CA ILE A 1108 7.11 8.62 55.24
C ILE A 1108 7.35 9.78 56.19
N GLU A 1109 8.02 9.56 57.31
CA GLU A 1109 8.20 10.61 58.30
C GLU A 1109 8.78 11.90 57.74
N PRO A 1110 9.82 11.88 56.90
CA PRO A 1110 10.41 13.15 56.45
C PRO A 1110 9.45 14.06 55.72
N TYR A 1111 8.47 13.52 55.00
CA TYR A 1111 7.59 14.31 54.14
C TYR A 1111 6.22 14.55 54.77
N ARG A 1112 6.07 14.29 56.07
CA ARG A 1112 4.80 14.53 56.73
C ARG A 1112 4.63 16.01 57.05
N LEU A 1113 3.37 16.41 57.19
CA LEU A 1113 3.05 17.78 57.54
C LEU A 1113 2.88 17.99 59.04
N HIS A 1114 2.39 16.98 59.76
CA HIS A 1114 2.17 17.08 61.20
C HIS A 1114 1.29 18.28 61.54
N GLU A 1115 0.21 18.44 60.77
CA GLU A 1115 -0.71 19.55 61.01
C GLU A 1115 -1.31 19.50 62.40
N ASP A 1116 -1.51 18.30 62.96
CA ASP A 1116 -2.12 18.18 64.27
C ASP A 1116 -1.26 18.83 65.34
N ASP A 1117 0.06 18.65 65.26
CA ASP A 1117 0.99 19.15 66.27
C ASP A 1117 1.61 20.48 65.87
N LYS A 1118 0.87 21.33 65.16
CA LYS A 1118 1.38 22.63 64.75
C LYS A 1118 0.23 23.63 64.69
N GLU A 1119 0.58 24.91 64.76
CA GLU A 1119 -0.40 25.96 64.69
C GLU A 1119 -1.06 25.99 63.31
N GLN A 1120 -2.34 26.37 63.29
CA GLN A 1120 -3.10 26.34 62.04
C GLN A 1120 -2.46 27.23 60.99
N ASP A 1121 -2.08 28.46 61.36
CA ASP A 1121 -1.49 29.37 60.39
C ASP A 1121 -0.16 28.84 59.88
N ILE A 1122 0.69 28.34 60.79
CA ILE A 1122 1.99 27.82 60.37
C ILE A 1122 1.81 26.61 59.47
N ALA A 1123 0.89 25.72 59.82
CA ALA A 1123 0.65 24.54 58.98
C ALA A 1123 0.14 24.94 57.61
N ASP A 1124 -0.79 25.90 57.54
CA ASP A 1124 -1.29 26.35 56.25
C ASP A 1124 -0.18 26.97 55.41
N LYS A 1125 0.67 27.78 56.04
CA LYS A 1125 1.79 28.37 55.31
C LYS A 1125 2.73 27.28 54.78
N MET A 1126 3.04 26.28 55.61
CA MET A 1126 3.92 25.21 55.18
C MET A 1126 3.32 24.43 54.01
N LYS A 1127 2.02 24.15 54.08
CA LYS A 1127 1.37 23.40 53.00
C LYS A 1127 1.19 24.25 51.75
N GLU A 1128 1.20 25.58 51.87
CA GLU A 1128 1.00 26.43 50.70
C GLU A 1128 2.19 26.33 49.74
N ASP A 1129 3.41 26.43 50.27
CA ASP A 1129 4.60 26.40 49.43
C ASP A 1129 5.17 25.00 49.25
N GLU A 1130 4.64 24.01 49.96
CA GLU A 1130 5.04 22.62 49.82
C GLU A 1130 3.79 21.76 49.68
N PRO A 1131 3.13 21.83 48.52
CA PRO A 1131 1.86 21.10 48.36
C PRO A 1131 1.99 19.59 48.45
N TRP A 1132 3.21 19.05 48.36
CA TRP A 1132 3.42 17.62 48.44
C TRP A 1132 3.45 17.09 49.86
N ARG A 1133 3.38 17.96 50.86
CA ARG A 1133 3.43 17.52 52.25
C ARG A 1133 2.23 16.63 52.57
N ILE A 1134 2.48 15.57 53.32
CA ILE A 1134 1.45 14.60 53.67
C ILE A 1134 0.72 15.10 54.91
N THR A 1135 -0.59 15.31 54.79
CA THR A 1135 -1.39 15.76 55.91
C THR A 1135 -1.86 14.58 56.75
N ASP A 1136 -2.01 14.83 58.05
CA ASP A 1136 -2.47 13.77 58.95
C ASP A 1136 -3.88 13.31 58.61
N ASN A 1137 -4.74 14.24 58.16
CA ASN A 1137 -6.10 13.87 57.83
C ASN A 1137 -6.15 12.84 56.70
N GLU A 1138 -5.35 13.05 55.65
CA GLU A 1138 -5.34 12.11 54.54
C GLU A 1138 -4.78 10.76 54.96
N LEU A 1139 -3.75 10.76 55.80
CA LEU A 1139 -3.21 9.49 56.30
C LEU A 1139 -4.25 8.73 57.09
N GLU A 1140 -4.99 9.42 57.96
CA GLU A 1140 -6.05 8.76 58.72
C GLU A 1140 -7.13 8.23 57.78
N LEU A 1141 -7.50 9.02 56.77
CA LEU A 1141 -8.55 8.59 55.84
C LEU A 1141 -8.14 7.36 55.05
N TYR A 1142 -6.89 7.30 54.58
CA TYR A 1142 -6.45 6.25 53.67
C TYR A 1142 -5.48 5.27 54.33
N LYS A 1143 -5.54 5.14 55.65
CA LYS A 1143 -4.82 4.04 56.31
C LYS A 1143 -5.17 2.71 55.67
N THR A 1144 -6.43 2.51 55.29
CA THR A 1144 -6.82 1.25 54.68
C THR A 1144 -6.10 1.03 53.36
N LYS A 1145 -6.03 2.07 52.51
CA LYS A 1145 -5.32 1.94 51.25
C LYS A 1145 -3.83 1.70 51.45
N THR A 1146 -3.24 2.39 52.43
CA THR A 1146 -1.82 2.17 52.73
C THR A 1146 -1.56 0.74 53.16
N TYR A 1147 -2.39 0.23 54.08
CA TYR A 1147 -2.25 -1.15 54.51
C TYR A 1147 -2.46 -2.10 53.35
N ARG A 1148 -3.37 -1.77 52.43
CA ARG A 1148 -3.57 -2.60 51.26
C ARG A 1148 -2.32 -2.66 50.40
N GLN A 1149 -1.66 -1.52 50.20
CA GLN A 1149 -0.42 -1.52 49.42
C GLN A 1149 0.64 -2.38 50.09
N ILE A 1150 0.80 -2.23 51.40
CA ILE A 1150 1.83 -2.99 52.11
C ILE A 1150 1.54 -4.48 52.05
N ARG A 1151 0.28 -4.87 52.28
CA ARG A 1151 -0.08 -6.28 52.25
C ARG A 1151 0.05 -6.84 50.84
N LEU A 1152 -0.27 -6.05 49.81
CA LEU A 1152 -0.08 -6.51 48.45
C LEU A 1152 1.39 -6.75 48.16
N ASN A 1153 2.27 -5.88 48.65
CA ASN A 1153 3.69 -6.14 48.49
C ASN A 1153 4.10 -7.43 49.19
N GLU A 1154 3.58 -7.66 50.40
CA GLU A 1154 3.88 -8.91 51.09
C GLU A 1154 3.43 -10.11 50.28
N LEU A 1155 2.21 -10.06 49.75
CA LEU A 1155 1.67 -11.17 48.97
C LEU A 1155 2.49 -11.41 47.71
N LEU A 1156 2.88 -10.33 47.02
CA LEU A 1156 3.69 -10.47 45.82
C LEU A 1156 5.04 -11.11 46.15
N LYS A 1157 5.66 -10.68 47.24
CA LYS A 1157 6.93 -11.28 47.63
C LYS A 1157 6.78 -12.75 47.96
N GLU A 1158 5.69 -13.11 48.65
CA GLU A 1158 5.51 -14.50 49.07
C GLU A 1158 5.19 -15.40 47.87
N HIS A 1159 4.36 -14.93 46.95
CA HIS A 1159 3.88 -15.77 45.85
C HIS A 1159 4.64 -15.53 44.56
N SER A 1160 4.62 -14.31 44.05
CA SER A 1160 5.26 -14.00 42.76
C SER A 1160 6.70 -13.53 42.94
N SER A 1161 7.49 -14.32 43.66
CA SER A 1161 8.90 -13.99 43.88
C SER A 1161 9.82 -14.61 42.85
N THR A 1162 9.31 -15.49 41.98
CA THR A 1162 10.12 -16.15 40.97
C THR A 1162 9.57 -15.94 39.56
N ALA A 1163 8.61 -15.03 39.39
CA ALA A 1163 8.06 -14.77 38.07
C ALA A 1163 9.07 -14.06 37.19
N ASN A 1164 9.00 -14.34 35.88
CA ASN A 1164 9.83 -13.62 34.93
C ASN A 1164 9.48 -12.14 34.91
N ILE A 1165 8.18 -11.83 34.90
CA ILE A 1165 7.70 -10.45 34.93
C ILE A 1165 6.36 -10.43 35.65
N ILE A 1166 6.08 -9.32 36.32
CA ILE A 1166 4.85 -9.14 37.08
C ILE A 1166 4.06 -8.00 36.47
N VAL A 1167 2.77 -8.22 36.28
CA VAL A 1167 1.83 -7.17 35.91
C VAL A 1167 0.82 -7.05 37.04
N MET A 1168 0.70 -5.85 37.61
CA MET A 1168 -0.21 -5.61 38.71
C MET A 1168 -1.01 -4.35 38.44
N SER A 1169 -2.20 -4.29 39.01
CA SER A 1169 -3.03 -3.10 38.87
C SER A 1169 -2.34 -1.90 39.50
N LEU A 1170 -2.41 -0.76 38.82
CA LEU A 1170 -1.80 0.46 39.31
C LEU A 1170 -2.81 1.24 40.14
N PRO A 1171 -2.54 1.50 41.41
CA PRO A 1171 -3.51 2.25 42.22
C PRO A 1171 -3.73 3.65 41.66
N VAL A 1172 -4.97 4.12 41.76
CA VAL A 1172 -5.34 5.46 41.30
C VAL A 1172 -5.68 6.28 42.53
N ALA A 1173 -4.94 7.37 42.72
CA ALA A 1173 -5.17 8.28 43.83
C ALA A 1173 -6.02 9.45 43.38
N ARG A 1174 -7.09 9.72 44.11
CA ARG A 1174 -7.98 10.83 43.75
C ARG A 1174 -7.20 12.14 43.78
N LYS A 1175 -7.32 12.92 42.71
CA LYS A 1175 -6.57 14.16 42.61
C LYS A 1175 -7.10 15.17 43.62
N GLY A 1176 -6.18 15.86 44.30
CA GLY A 1176 -6.53 16.84 45.31
C GLY A 1176 -6.81 16.27 46.67
N ALA A 1177 -6.93 14.95 46.81
CA ALA A 1177 -7.17 14.32 48.10
C ALA A 1177 -5.97 13.59 48.65
N VAL A 1178 -5.04 13.15 47.80
CA VAL A 1178 -3.84 12.44 48.22
C VAL A 1178 -2.62 13.25 47.79
N SER A 1179 -1.67 13.40 48.71
CA SER A 1179 -0.46 14.15 48.42
C SER A 1179 0.42 13.39 47.44
N SER A 1180 1.27 14.14 46.73
CA SER A 1180 2.21 13.51 45.82
C SER A 1180 3.18 12.59 46.56
N ALA A 1181 3.63 13.02 47.75
CA ALA A 1181 4.50 12.18 48.54
C ALA A 1181 3.81 10.88 48.95
N LEU A 1182 2.52 10.96 49.32
CA LEU A 1182 1.80 9.75 49.69
C LEU A 1182 1.62 8.82 48.50
N TYR A 1183 1.32 9.38 47.32
CA TYR A 1183 1.20 8.54 46.13
C TYR A 1183 2.53 7.86 45.80
N MET A 1184 3.63 8.60 45.90
CA MET A 1184 4.94 8.02 45.63
C MET A 1184 5.26 6.92 46.65
N ALA A 1185 4.93 7.15 47.91
CA ALA A 1185 5.16 6.13 48.93
C ALA A 1185 4.32 4.88 48.68
N TRP A 1186 3.06 5.07 48.28
CA TRP A 1186 2.23 3.93 47.93
C TRP A 1186 2.87 3.13 46.81
N LEU A 1187 3.29 3.80 45.74
CA LEU A 1187 3.90 3.11 44.62
C LEU A 1187 5.18 2.38 45.06
N GLU A 1188 6.01 3.03 45.87
CA GLU A 1188 7.26 2.41 46.29
C GLU A 1188 6.99 1.19 47.16
N ALA A 1189 6.06 1.28 48.10
CA ALA A 1189 5.75 0.15 48.97
C ALA A 1189 5.16 -1.00 48.17
N LEU A 1190 4.30 -0.70 47.19
CA LEU A 1190 3.63 -1.75 46.44
C LEU A 1190 4.62 -2.62 45.68
N SER A 1191 5.63 -2.02 45.05
CA SER A 1191 6.46 -2.73 44.09
C SER A 1191 7.91 -2.86 44.53
N LYS A 1192 8.20 -2.68 45.82
CA LYS A 1192 9.58 -2.72 46.29
C LYS A 1192 10.09 -4.15 46.43
N ASP A 1193 11.35 -4.35 46.07
CA ASP A 1193 12.05 -5.63 46.31
C ASP A 1193 11.39 -6.77 45.54
N LEU A 1194 11.17 -6.56 44.25
CA LEU A 1194 10.48 -7.52 43.39
C LEU A 1194 11.22 -7.66 42.07
N PRO A 1195 11.02 -8.76 41.37
CA PRO A 1195 11.52 -8.87 39.99
C PRO A 1195 10.83 -7.86 39.11
N PRO A 1196 11.23 -7.75 37.83
CA PRO A 1196 10.60 -6.78 36.93
C PRO A 1196 9.09 -6.75 37.05
N ILE A 1197 8.53 -5.58 37.34
CA ILE A 1197 7.10 -5.43 37.58
C ILE A 1197 6.57 -4.30 36.71
N LEU A 1198 5.31 -4.43 36.31
CA LEU A 1198 4.61 -3.43 35.53
C LEU A 1198 3.32 -3.06 36.24
N LEU A 1199 3.14 -1.77 36.51
CA LEU A 1199 1.90 -1.25 37.11
C LEU A 1199 1.07 -0.64 35.99
N VAL A 1200 -0.13 -1.19 35.78
CA VAL A 1200 -0.96 -0.84 34.64
C VAL A 1200 -2.30 -0.32 35.16
N ARG A 1201 -2.74 0.80 34.61
CA ARG A 1201 -4.06 1.36 34.90
C ARG A 1201 -4.66 1.81 33.57
N GLY A 1202 -5.60 1.05 33.06
CA GLY A 1202 -6.16 1.31 31.76
C GLY A 1202 -7.11 2.49 31.75
N ASN A 1203 -7.59 2.79 30.54
CA ASN A 1203 -8.51 3.91 30.35
C ASN A 1203 -9.82 3.72 31.09
N HIS A 1204 -10.13 2.51 31.52
CA HIS A 1204 -11.40 2.10 32.12
C HIS A 1204 -12.45 1.90 31.04
N GLN A 1205 -12.15 2.18 29.78
CA GLN A 1205 -12.97 1.75 28.66
C GLN A 1205 -12.54 0.34 28.27
N SER A 1206 -13.52 -0.52 28.03
CA SER A 1206 -13.21 -1.93 27.76
C SER A 1206 -12.33 -2.05 26.53
N VAL A 1207 -11.25 -2.82 26.66
CA VAL A 1207 -10.38 -3.16 25.55
C VAL A 1207 -10.44 -4.65 25.24
N LEU A 1208 -11.38 -5.38 25.86
CA LEU A 1208 -11.59 -6.79 25.61
C LEU A 1208 -13.07 -7.02 25.34
N THR A 1209 -13.36 -8.08 24.59
CA THR A 1209 -14.73 -8.44 24.29
C THR A 1209 -14.80 -9.93 23.98
N PHE A 1210 -15.91 -10.55 24.38
CA PHE A 1210 -16.21 -11.91 23.99
C PHE A 1210 -17.29 -11.98 22.93
N TYR A 1211 -17.69 -10.84 22.38
CA TYR A 1211 -18.58 -10.79 21.23
C TYR A 1211 -17.78 -10.70 19.94
N SER A 1212 -18.40 -11.10 18.84
CA SER A 1212 -17.75 -11.04 17.54
C SER A 1212 -18.62 -10.30 16.53
N THR B 203 -8.67 -2.69 66.02
CA THR B 203 -9.57 -1.64 65.56
C THR B 203 -10.80 -2.25 64.88
N HIS B 204 -10.71 -3.53 64.54
CA HIS B 204 -11.81 -4.24 63.91
C HIS B 204 -11.78 -5.69 64.36
N THR B 205 -12.95 -6.33 64.31
CA THR B 205 -13.08 -7.72 64.74
C THR B 205 -12.43 -8.65 63.72
N ASN B 206 -12.48 -9.95 64.00
CA ASN B 206 -11.98 -10.93 63.06
C ASN B 206 -12.70 -10.80 61.72
N THR B 207 -13.99 -10.47 61.75
CA THR B 207 -14.70 -10.15 60.53
C THR B 207 -14.31 -8.76 60.04
N TYR B 208 -14.65 -8.48 58.78
CA TYR B 208 -14.25 -7.24 58.12
C TYR B 208 -12.77 -7.28 57.77
N TYR B 209 -12.08 -8.32 58.24
CA TYR B 209 -10.70 -8.57 57.83
C TYR B 209 -10.60 -9.76 56.87
N LEU B 210 -11.67 -10.55 56.73
CA LEU B 210 -11.74 -11.63 55.75
C LEU B 210 -12.94 -11.47 54.83
N ARG B 211 -13.47 -10.24 54.73
CA ARG B 211 -14.66 -9.98 53.88
C ARG B 211 -14.29 -10.00 52.40
N PHE B 213 -13.07 -9.05 48.81
CA PHE B 213 -12.05 -8.06 48.40
C PHE B 213 -12.68 -7.01 47.49
N GLY B 214 -12.64 -5.74 47.89
CA GLY B 214 -13.16 -4.66 47.09
C GLY B 214 -14.38 -3.97 47.65
N HIS B 215 -14.84 -4.37 48.85
CA HIS B 215 -16.00 -3.73 49.46
C HIS B 215 -15.67 -2.39 50.09
N ASN B 216 -14.40 -2.12 50.37
CA ASN B 216 -14.01 -0.88 51.04
C ASN B 216 -13.30 0.07 50.11
N MET B 218 -13.96 2.30 46.06
CA MET B 218 -14.80 2.60 44.90
C MET B 218 -14.37 1.77 43.70
N ASP B 219 -13.11 1.36 43.68
CA ASP B 219 -12.61 0.56 42.59
C ASP B 219 -13.26 -0.83 42.60
N ALA B 220 -13.55 -1.34 41.41
CA ALA B 220 -14.28 -2.59 41.25
C ALA B 220 -13.36 -3.69 40.77
N VAL B 221 -13.60 -4.90 41.27
CA VAL B 221 -12.87 -6.09 40.83
C VAL B 221 -13.35 -6.47 39.44
N PRO B 222 -12.56 -7.20 38.66
CA PRO B 222 -13.00 -7.54 37.28
C PRO B 222 -14.07 -8.62 37.31
N ARG B 223 -15.24 -8.29 36.76
CA ARG B 223 -16.38 -9.19 36.72
C ARG B 223 -16.96 -9.22 35.32
N ILE B 224 -17.51 -10.39 34.95
CA ILE B 224 -18.07 -10.56 33.62
C ILE B 224 -19.19 -9.57 33.36
N ASP B 225 -19.90 -9.13 34.40
CA ASP B 225 -20.96 -8.17 34.22
C ASP B 225 -20.44 -6.85 33.68
N HIS B 226 -19.18 -6.51 33.97
CA HIS B 226 -18.60 -5.28 33.46
C HIS B 226 -18.45 -5.29 31.95
N TYR B 227 -18.39 -6.46 31.33
CA TYR B 227 -18.18 -6.58 29.90
C TYR B 227 -19.41 -7.02 29.14
N ARG B 228 -20.40 -7.61 29.80
CA ARG B 228 -21.65 -7.96 29.15
C ARG B 228 -22.39 -6.68 28.76
N HIS B 229 -22.93 -6.66 27.55
CA HIS B 229 -23.67 -5.49 27.09
C HIS B 229 -25.15 -5.79 26.93
N ALA B 231 -29.00 -6.30 27.57
CA ALA B 231 -29.93 -5.49 28.36
C ALA B 231 -30.04 -6.02 29.78
N ALA B 232 -30.28 -7.32 29.91
CA ALA B 232 -30.33 -7.94 31.22
C ALA B 232 -28.93 -8.01 31.83
N GLN B 233 -28.90 -8.15 33.16
CA GLN B 233 -27.65 -8.21 33.92
C GLN B 233 -26.95 -6.85 33.95
N LEU B 234 -27.71 -5.76 33.85
CA LEU B 234 -27.18 -4.41 33.91
C LEU B 234 -27.43 -3.75 35.27
N GLY B 235 -27.40 -4.53 36.34
CA GLY B 235 -27.68 -4.01 37.66
C GLY B 235 -26.51 -3.24 38.24
N GLU B 236 -26.73 -2.74 39.47
CA GLU B 236 -25.70 -1.94 40.13
C GLU B 236 -24.43 -2.75 40.36
N LYS B 237 -24.57 -4.03 40.72
CA LYS B 237 -23.40 -4.85 40.98
C LYS B 237 -22.50 -4.95 39.75
N LEU B 238 -23.10 -5.10 38.57
CA LEU B 238 -22.34 -5.19 37.32
C LEU B 238 -22.15 -3.81 36.70
N LEU B 239 -21.50 -2.94 37.47
CA LEU B 239 -21.20 -1.58 37.02
C LEU B 239 -19.74 -1.28 37.34
N ARG B 240 -18.96 -0.97 36.31
CA ARG B 240 -17.55 -0.60 36.49
C ARG B 240 -17.44 0.91 36.63
N PRO B 241 -16.90 1.43 37.74
CA PRO B 241 -16.77 2.88 37.87
C PRO B 241 -15.88 3.45 36.78
N SER B 242 -16.26 4.64 36.30
CA SER B 242 -15.45 5.33 35.31
C SER B 242 -14.17 5.85 35.94
N LEU B 243 -13.18 6.12 35.08
CA LEU B 243 -11.92 6.65 35.58
C LEU B 243 -12.11 8.02 36.22
N ALA B 244 -12.97 8.84 35.65
CA ALA B 244 -13.25 10.15 36.25
C ALA B 244 -13.85 10.01 37.65
N GLU B 245 -14.77 9.06 37.81
CA GLU B 245 -15.38 8.85 39.12
C GLU B 245 -14.36 8.46 40.18
N LEU B 246 -13.24 7.87 39.79
CA LEU B 246 -12.20 7.47 40.73
C LEU B 246 -11.08 8.49 40.85
N HIS B 247 -10.97 9.42 39.90
CA HIS B 247 -9.85 10.35 39.85
C HIS B 247 -10.26 11.80 40.11
N ASP B 248 -11.48 12.18 39.76
CA ASP B 248 -11.90 13.56 39.91
C ASP B 248 -11.97 13.96 41.38
N GLU B 249 -11.74 15.25 41.64
CA GLU B 249 -11.77 15.75 43.00
C GLU B 249 -13.16 15.60 43.61
N LEU B 250 -13.20 15.29 44.90
CA LEU B 250 -14.46 15.13 45.61
C LEU B 250 -15.05 16.48 46.00
N VAL B 282 -35.06 -19.97 22.94
CA VAL B 282 -35.97 -20.83 23.67
C VAL B 282 -35.48 -22.27 23.61
N VAL B 283 -35.28 -22.79 22.41
CA VAL B 283 -34.80 -24.15 22.19
C VAL B 283 -33.36 -24.08 21.71
N LYS B 284 -32.48 -24.82 22.38
CA LYS B 284 -31.08 -24.88 22.02
C LYS B 284 -30.67 -26.33 21.82
N PHE B 285 -29.84 -26.58 20.81
CA PHE B 285 -29.40 -27.92 20.48
C PHE B 285 -27.95 -28.13 20.89
N GLY B 286 -27.63 -29.37 21.26
CA GLY B 286 -26.27 -29.74 21.54
C GLY B 286 -25.45 -29.90 20.27
N TRP B 287 -24.15 -30.11 20.46
CA TRP B 287 -23.27 -30.25 19.31
C TRP B 287 -23.58 -31.50 18.50
N ILE B 288 -24.07 -32.56 19.15
CA ILE B 288 -24.32 -33.81 18.46
C ILE B 288 -25.50 -33.67 17.51
N ASN B 289 -26.68 -33.36 18.05
CA ASN B 289 -27.89 -33.24 17.25
C ASN B 289 -27.99 -31.91 16.53
N GLY B 290 -27.21 -30.91 16.93
CA GLY B 290 -27.30 -29.59 16.33
C GLY B 290 -26.35 -29.35 15.17
N VAL B 291 -25.19 -30.01 15.18
CA VAL B 291 -24.19 -29.77 14.16
C VAL B 291 -23.81 -31.08 13.48
N LEU B 292 -23.40 -32.08 14.26
CA LEU B 292 -22.89 -33.31 13.68
C LEU B 292 -23.94 -33.98 12.80
N VAL B 293 -25.14 -34.21 13.36
CA VAL B 293 -26.17 -34.90 12.60
C VAL B 293 -26.59 -34.08 11.39
N ARG B 294 -26.78 -32.77 11.57
CA ARG B 294 -27.19 -31.92 10.47
C ARG B 294 -26.13 -31.92 9.36
N CYS B 295 -24.87 -31.79 9.72
CA CYS B 295 -23.81 -31.78 8.72
C CYS B 295 -23.74 -33.11 7.98
N MET B 296 -23.82 -34.23 8.71
CA MET B 296 -23.78 -35.53 8.05
C MET B 296 -24.96 -35.70 7.10
N LEU B 297 -26.16 -35.33 7.54
CA LEU B 297 -27.34 -35.48 6.70
C LEU B 297 -27.26 -34.60 5.46
N ASN B 298 -26.78 -33.36 5.62
CA ASN B 298 -26.68 -32.47 4.48
C ASN B 298 -25.64 -32.95 3.48
N ILE B 299 -24.49 -33.43 3.97
CA ILE B 299 -23.43 -33.85 3.07
C ILE B 299 -23.88 -35.04 2.22
N TRP B 300 -24.48 -36.03 2.86
CA TRP B 300 -24.95 -37.21 2.15
C TRP B 300 -26.22 -36.87 1.37
N GLY B 301 -26.20 -37.13 0.07
CA GLY B 301 -27.33 -36.80 -0.77
C GLY B 301 -27.63 -37.82 -1.85
N VAL B 302 -27.82 -37.33 -3.08
CA VAL B 302 -28.23 -38.20 -4.17
C VAL B 302 -27.15 -39.22 -4.51
N MET B 303 -25.90 -38.76 -4.61
CA MET B 303 -24.84 -39.61 -5.14
C MET B 303 -24.43 -40.74 -4.20
N LEU B 304 -24.88 -40.73 -2.95
CA LEU B 304 -24.44 -41.76 -2.01
C LEU B 304 -24.82 -43.14 -2.48
N PHE B 305 -26.04 -43.32 -2.99
CA PHE B 305 -26.54 -44.62 -3.39
C PHE B 305 -26.78 -44.76 -4.88
N ILE B 306 -26.52 -43.72 -5.68
CA ILE B 306 -26.90 -43.76 -7.09
C ILE B 306 -25.67 -43.67 -7.99
N ARG B 307 -24.96 -42.56 -7.93
CA ARG B 307 -23.90 -42.29 -8.90
C ARG B 307 -22.50 -42.60 -8.37
N LEU B 308 -22.37 -43.10 -7.15
CA LEU B 308 -21.05 -43.50 -6.67
C LEU B 308 -20.50 -44.67 -7.49
N SER B 309 -21.35 -45.65 -7.79
CA SER B 309 -20.92 -46.78 -8.61
C SER B 309 -20.52 -46.31 -10.00
N TRP B 310 -21.30 -45.40 -10.59
CA TRP B 310 -20.94 -44.89 -11.91
C TRP B 310 -19.61 -44.16 -11.88
N ILE B 311 -19.35 -43.38 -10.82
CA ILE B 311 -18.07 -42.68 -10.71
C ILE B 311 -16.93 -43.68 -10.59
N VAL B 312 -17.09 -44.69 -9.72
CA VAL B 312 -16.04 -45.68 -9.54
C VAL B 312 -15.85 -46.52 -10.79
N GLY B 313 -16.85 -46.57 -11.67
CA GLY B 313 -16.70 -47.25 -12.94
C GLY B 313 -15.97 -46.42 -13.97
N GLN B 314 -16.52 -45.26 -14.30
CA GLN B 314 -15.92 -44.41 -15.33
C GLN B 314 -14.45 -44.15 -15.04
N ALA B 315 -14.15 -43.76 -13.80
CA ALA B 315 -12.78 -43.68 -13.33
C ALA B 315 -12.44 -44.96 -12.58
N GLY B 316 -11.15 -45.12 -12.29
CA GLY B 316 -10.71 -46.28 -11.54
C GLY B 316 -11.00 -46.13 -10.06
N ILE B 317 -10.67 -47.19 -9.32
CA ILE B 317 -10.74 -47.11 -7.86
C ILE B 317 -9.82 -45.99 -7.37
N GLY B 318 -8.59 -45.96 -7.88
CA GLY B 318 -7.65 -44.95 -7.45
C GLY B 318 -8.09 -43.55 -7.82
N LEU B 319 -8.57 -43.35 -9.06
CA LEU B 319 -8.97 -42.02 -9.48
C LEU B 319 -10.23 -41.56 -8.75
N SER B 320 -11.17 -42.46 -8.52
CA SER B 320 -12.36 -42.10 -7.74
C SER B 320 -11.97 -41.72 -6.32
N VAL B 321 -11.08 -42.48 -5.70
CA VAL B 321 -10.61 -42.14 -4.37
C VAL B 321 -9.91 -40.78 -4.40
N LEU B 322 -9.17 -40.50 -5.48
CA LEU B 322 -8.47 -39.22 -5.59
C LEU B 322 -9.44 -38.06 -5.68
N VAL B 323 -10.50 -38.19 -6.48
CA VAL B 323 -11.48 -37.11 -6.58
C VAL B 323 -12.17 -36.91 -5.24
N ILE B 324 -12.54 -38.01 -4.57
CA ILE B 324 -13.15 -37.90 -3.25
C ILE B 324 -12.20 -37.17 -2.30
N MET B 325 -10.92 -37.52 -2.32
CA MET B 325 -9.96 -36.91 -1.42
C MET B 325 -9.75 -35.44 -1.73
N MET B 326 -9.78 -35.06 -3.01
CA MET B 326 -9.63 -33.65 -3.35
C MET B 326 -10.81 -32.83 -2.85
N ALA B 327 -12.03 -33.31 -3.10
CA ALA B 327 -13.19 -32.61 -2.58
C ALA B 327 -13.16 -32.54 -1.06
N THR B 328 -12.77 -33.64 -0.41
CA THR B 328 -12.68 -33.66 1.04
C THR B 328 -11.62 -32.68 1.54
N VAL B 329 -10.52 -32.53 0.79
CA VAL B 329 -9.47 -31.59 1.19
C VAL B 329 -10.01 -30.17 1.14
N VAL B 330 -10.72 -29.83 0.07
CA VAL B 330 -11.30 -28.49 -0.03
C VAL B 330 -12.26 -28.26 1.14
N THR B 331 -13.16 -29.21 1.38
CA THR B 331 -14.14 -29.04 2.45
C THR B 331 -13.48 -29.02 3.82
N THR B 332 -12.39 -29.75 4.00
CA THR B 332 -11.70 -29.77 5.29
C THR B 332 -11.00 -28.46 5.57
N ILE B 333 -10.35 -27.88 4.56
CA ILE B 333 -9.77 -26.55 4.74
C ILE B 333 -10.87 -25.55 5.06
N THR B 334 -12.00 -25.63 4.36
CA THR B 334 -13.10 -24.73 4.64
C THR B 334 -13.61 -24.91 6.06
N GLY B 335 -13.69 -26.16 6.53
CA GLY B 335 -14.16 -26.41 7.88
C GLY B 335 -13.20 -25.90 8.93
N LEU B 336 -11.90 -26.06 8.69
CA LEU B 336 -10.91 -25.48 9.61
C LEU B 336 -11.05 -23.98 9.68
N SER B 337 -11.21 -23.31 8.53
CA SER B 337 -11.38 -21.87 8.53
C SER B 337 -12.66 -21.47 9.27
N THR B 338 -13.74 -22.21 9.05
CA THR B 338 -15.00 -21.90 9.73
C THR B 338 -14.87 -22.06 11.24
N SER B 339 -14.22 -23.14 11.68
CA SER B 339 -14.04 -23.35 13.11
C SER B 339 -13.17 -22.26 13.72
N ALA B 340 -12.15 -21.81 12.98
CA ALA B 340 -11.33 -20.70 13.46
C ALA B 340 -12.18 -19.43 13.60
N ILE B 341 -12.97 -19.11 12.58
CA ILE B 341 -13.77 -17.89 12.60
C ILE B 341 -14.86 -17.95 13.66
N ALA B 342 -15.34 -19.13 14.02
CA ALA B 342 -16.46 -19.27 14.95
C ALA B 342 -16.02 -19.37 16.40
N THR B 343 -14.72 -19.30 16.69
CA THR B 343 -14.21 -19.38 18.05
C THR B 343 -13.58 -18.06 18.49
N ASN B 344 -14.06 -16.94 17.96
CA ASN B 344 -13.54 -15.62 18.27
C ASN B 344 -14.62 -14.75 18.90
N GLY B 345 -15.42 -15.32 19.78
CA GLY B 345 -16.50 -14.61 20.43
C GLY B 345 -17.85 -15.22 20.12
N PHE B 346 -18.86 -14.69 20.80
CA PHE B 346 -20.21 -15.24 20.68
C PHE B 346 -20.78 -14.89 19.31
N VAL B 347 -21.24 -15.92 18.59
CA VAL B 347 -21.89 -15.73 17.30
C VAL B 347 -23.39 -15.60 17.55
N ARG B 348 -23.93 -14.43 17.23
CA ARG B 348 -25.32 -14.14 17.58
C ARG B 348 -26.28 -15.08 16.86
N GLY B 349 -26.31 -15.00 15.54
CA GLY B 349 -27.29 -15.76 14.77
C GLY B 349 -26.89 -15.77 13.32
N GLY B 350 -27.68 -16.47 12.52
CA GLY B 350 -27.31 -16.72 11.16
C GLY B 350 -26.25 -17.81 11.08
N GLY B 351 -25.76 -18.01 9.87
CA GLY B 351 -24.78 -19.07 9.66
C GLY B 351 -23.44 -18.56 9.18
N ALA B 352 -23.02 -19.01 7.99
CA ALA B 352 -21.77 -18.52 7.44
C ALA B 352 -21.82 -17.02 7.18
N TYR B 353 -23.02 -16.47 6.96
CA TYR B 353 -23.13 -15.04 6.72
C TYR B 353 -22.66 -14.24 7.92
N TYR B 354 -23.11 -14.61 9.12
CA TYR B 354 -22.74 -13.85 10.30
C TYR B 354 -21.23 -13.88 10.52
N LEU B 355 -20.64 -15.08 10.42
CA LEU B 355 -19.20 -15.20 10.60
C LEU B 355 -18.44 -14.36 9.56
N ILE B 356 -18.81 -14.51 8.29
CA ILE B 356 -18.09 -13.81 7.22
C ILE B 356 -18.24 -12.30 7.40
N SER B 357 -19.45 -11.84 7.70
CA SER B 357 -19.65 -10.40 7.87
C SER B 357 -18.85 -9.86 9.04
N ARG B 358 -19.01 -10.46 10.22
CA ARG B 358 -18.32 -9.94 11.39
C ARG B 358 -16.81 -10.12 11.31
N SER B 359 -16.31 -10.96 10.42
CA SER B 359 -14.87 -11.13 10.27
C SER B 359 -14.27 -10.34 9.12
N LEU B 360 -15.08 -9.91 8.15
CA LEU B 360 -14.53 -9.27 6.95
C LEU B 360 -15.09 -7.87 6.70
N GLY B 361 -16.40 -7.67 6.86
CA GLY B 361 -17.00 -6.41 6.52
C GLY B 361 -18.37 -6.57 5.90
N PRO B 362 -19.17 -5.50 5.95
CA PRO B 362 -20.54 -5.60 5.43
C PRO B 362 -20.62 -5.92 3.95
N GLU B 363 -19.66 -5.47 3.14
CA GLU B 363 -19.74 -5.70 1.70
C GLU B 363 -19.65 -7.18 1.37
N PHE B 364 -18.53 -7.82 1.75
CA PHE B 364 -18.39 -9.26 1.56
C PHE B 364 -19.51 -10.00 2.27
N GLY B 365 -19.89 -9.54 3.46
CA GLY B 365 -20.95 -10.24 4.19
C GLY B 365 -22.25 -10.29 3.42
N GLY B 366 -22.68 -9.15 2.87
CA GLY B 366 -23.91 -9.12 2.12
C GLY B 366 -23.83 -9.92 0.83
N ALA B 367 -22.72 -9.78 0.10
CA ALA B 367 -22.57 -10.52 -1.14
C ALA B 367 -22.66 -12.03 -0.88
N ILE B 368 -21.89 -12.51 0.09
CA ILE B 368 -21.87 -13.93 0.39
C ILE B 368 -23.20 -14.38 0.95
N GLY B 369 -23.86 -13.54 1.75
CA GLY B 369 -25.16 -13.92 2.28
C GLY B 369 -26.17 -14.15 1.18
N LEU B 370 -26.26 -13.21 0.24
CA LEU B 370 -27.18 -13.39 -0.88
C LEU B 370 -26.84 -14.64 -1.68
N ILE B 371 -25.56 -14.79 -2.02
CA ILE B 371 -25.15 -15.93 -2.86
C ILE B 371 -25.48 -17.24 -2.15
N PHE B 372 -25.14 -17.34 -0.86
CA PHE B 372 -25.32 -18.57 -0.12
C PHE B 372 -26.79 -18.90 0.07
N ALA B 373 -27.62 -17.90 0.38
CA ALA B 373 -29.05 -18.16 0.55
C ALA B 373 -29.67 -18.66 -0.75
N PHE B 374 -29.35 -18.00 -1.86
CA PHE B 374 -29.90 -18.46 -3.14
C PHE B 374 -29.40 -19.86 -3.46
N ALA B 375 -28.13 -20.13 -3.20
CA ALA B 375 -27.59 -21.46 -3.47
C ALA B 375 -28.30 -22.53 -2.64
N ASN B 376 -28.60 -22.22 -1.38
CA ASN B 376 -29.29 -23.20 -0.54
C ASN B 376 -30.71 -23.44 -1.03
N ALA B 377 -31.41 -22.39 -1.46
CA ALA B 377 -32.75 -22.59 -2.01
C ALA B 377 -32.71 -23.47 -3.26
N VAL B 378 -31.76 -23.18 -4.17
CA VAL B 378 -31.65 -23.99 -5.37
C VAL B 378 -31.25 -25.41 -5.03
N ALA B 379 -30.43 -25.60 -4.00
CA ALA B 379 -30.07 -26.95 -3.56
C ALA B 379 -31.29 -27.69 -3.04
N VAL B 380 -32.18 -27.01 -2.31
CA VAL B 380 -33.44 -27.62 -1.91
C VAL B 380 -34.19 -28.10 -3.14
N ALA B 381 -34.28 -27.24 -4.15
CA ALA B 381 -34.96 -27.63 -5.39
C ALA B 381 -34.32 -28.88 -6.00
N MET B 382 -32.99 -28.90 -6.06
CA MET B 382 -32.29 -30.03 -6.68
C MET B 382 -32.51 -31.31 -5.91
N TYR B 383 -32.45 -31.26 -4.58
CA TYR B 383 -32.68 -32.46 -3.78
C TYR B 383 -34.09 -32.98 -3.96
N VAL B 384 -35.08 -32.08 -3.98
CA VAL B 384 -36.45 -32.51 -4.20
C VAL B 384 -36.57 -33.16 -5.58
N VAL B 385 -35.92 -32.58 -6.59
CA VAL B 385 -35.97 -33.13 -7.93
C VAL B 385 -35.35 -34.52 -7.96
N GLY B 386 -34.23 -34.71 -7.27
CA GLY B 386 -33.63 -36.03 -7.21
C GLY B 386 -34.53 -37.06 -6.56
N PHE B 387 -35.17 -36.70 -5.45
CA PHE B 387 -36.11 -37.61 -4.81
C PHE B 387 -37.25 -37.96 -5.76
N ALA B 388 -37.79 -36.95 -6.45
CA ALA B 388 -38.89 -37.20 -7.38
C ALA B 388 -38.46 -38.12 -8.51
N GLU B 389 -37.24 -37.91 -9.04
CA GLU B 389 -36.75 -38.77 -10.11
C GLU B 389 -36.61 -40.21 -9.63
N THR B 390 -36.07 -40.40 -8.43
CA THR B 390 -35.94 -41.77 -7.92
C THR B 390 -37.30 -42.43 -7.74
N VAL B 391 -38.27 -41.70 -7.18
CA VAL B 391 -39.58 -42.29 -6.97
C VAL B 391 -40.26 -42.58 -8.31
N VAL B 392 -40.07 -41.70 -9.30
CA VAL B 392 -40.65 -41.94 -10.62
C VAL B 392 -40.05 -43.17 -11.26
N GLU B 393 -38.73 -43.35 -11.14
CA GLU B 393 -38.11 -44.56 -11.67
C GLU B 393 -38.65 -45.80 -10.96
N LEU B 394 -38.81 -45.72 -9.64
CA LEU B 394 -39.36 -46.84 -8.90
C LEU B 394 -40.77 -47.18 -9.39
N LEU B 395 -41.59 -46.17 -9.63
CA LEU B 395 -42.93 -46.41 -10.17
C LEU B 395 -42.85 -47.05 -11.55
N LYS B 396 -41.96 -46.54 -12.41
CA LYS B 396 -41.80 -47.11 -13.74
C LYS B 396 -41.35 -48.56 -13.67
N GLU B 397 -40.67 -48.94 -12.60
CA GLU B 397 -40.36 -50.36 -12.40
C GLU B 397 -41.61 -51.21 -12.28
N HIS B 398 -42.74 -50.59 -11.99
CA HIS B 398 -44.05 -51.25 -11.97
C HIS B 398 -44.95 -50.60 -13.01
N SER B 399 -46.21 -51.01 -13.03
CA SER B 399 -47.18 -50.48 -13.98
C SER B 399 -47.96 -49.32 -13.36
N ILE B 400 -47.21 -48.30 -12.94
CA ILE B 400 -47.78 -47.12 -12.31
C ILE B 400 -47.27 -45.89 -13.04
N LEU B 401 -48.18 -45.00 -13.43
CA LEU B 401 -47.81 -43.76 -14.09
C LEU B 401 -49.07 -42.90 -14.23
N MET B 402 -48.87 -41.58 -14.20
CA MET B 402 -49.95 -40.63 -14.35
C MET B 402 -49.84 -39.81 -15.63
N ILE B 403 -48.70 -39.16 -15.85
CA ILE B 403 -48.42 -38.39 -17.05
C ILE B 403 -47.01 -38.72 -17.52
N ASP B 404 -46.54 -37.98 -18.52
CA ASP B 404 -45.18 -38.17 -19.00
C ASP B 404 -44.21 -38.10 -17.84
N GLU B 405 -43.02 -38.67 -18.04
CA GLU B 405 -42.06 -38.78 -16.94
C GLU B 405 -41.75 -37.43 -16.32
N ILE B 406 -41.49 -36.42 -17.16
CA ILE B 406 -41.15 -35.10 -16.64
C ILE B 406 -42.30 -34.53 -15.81
N ASN B 407 -43.53 -34.65 -16.32
CA ASN B 407 -44.67 -34.12 -15.59
C ASN B 407 -44.88 -34.83 -14.26
N ASP B 408 -44.75 -36.16 -14.26
CA ASP B 408 -44.89 -36.90 -13.01
C ASP B 408 -43.81 -36.48 -12.01
N ILE B 409 -42.58 -36.26 -12.51
CA ILE B 409 -41.52 -35.74 -11.66
C ILE B 409 -41.95 -34.41 -11.07
N ARG B 410 -42.58 -33.56 -11.88
CA ARG B 410 -43.01 -32.24 -11.40
C ARG B 410 -44.04 -32.38 -10.28
N ILE B 411 -45.04 -33.25 -10.47
CA ILE B 411 -46.05 -33.43 -9.42
C ILE B 411 -45.41 -33.95 -8.14
N ILE B 412 -44.54 -34.96 -8.27
CA ILE B 412 -43.90 -35.53 -7.08
C ILE B 412 -43.07 -34.48 -6.38
N GLY B 413 -42.32 -33.67 -7.13
CA GLY B 413 -41.52 -32.64 -6.52
C GLY B 413 -42.35 -31.59 -5.82
N ALA B 414 -43.46 -31.19 -6.42
CA ALA B 414 -44.33 -30.21 -5.78
C ALA B 414 -44.88 -30.75 -4.46
N ILE B 415 -45.35 -32.00 -4.47
CA ILE B 415 -45.88 -32.58 -3.24
C ILE B 415 -44.79 -32.68 -2.18
N THR B 416 -43.59 -33.13 -2.57
CA THR B 416 -42.51 -33.27 -1.61
C THR B 416 -42.10 -31.92 -1.04
N VAL B 417 -42.04 -30.89 -1.88
CA VAL B 417 -41.65 -29.57 -1.38
C VAL B 417 -42.71 -29.02 -0.44
N VAL B 418 -43.99 -29.26 -0.73
CA VAL B 418 -45.04 -28.81 0.18
C VAL B 418 -44.90 -29.52 1.53
N ILE B 419 -44.65 -30.83 1.51
CA ILE B 419 -44.49 -31.57 2.76
C ILE B 419 -43.30 -31.05 3.54
N LEU B 420 -42.18 -30.81 2.85
CA LEU B 420 -41.00 -30.30 3.52
C LEU B 420 -41.25 -28.93 4.14
N LEU B 421 -41.93 -28.05 3.40
CA LEU B 421 -42.25 -26.73 3.94
C LEU B 421 -43.13 -26.85 5.17
N GLY B 422 -44.13 -27.73 5.13
CA GLY B 422 -44.96 -27.93 6.31
C GLY B 422 -44.17 -28.41 7.50
N ILE B 423 -43.29 -29.40 7.28
CA ILE B 423 -42.49 -29.91 8.38
C ILE B 423 -41.60 -28.83 8.96
N SER B 424 -40.96 -28.04 8.10
CA SER B 424 -40.07 -26.98 8.59
C SER B 424 -40.84 -25.93 9.36
N VAL B 425 -42.00 -25.50 8.85
CA VAL B 425 -42.79 -24.49 9.53
C VAL B 425 -43.33 -25.02 10.85
N ALA B 426 -43.53 -26.33 10.96
CA ALA B 426 -44.08 -26.90 12.18
C ALA B 426 -43.25 -26.53 13.40
N GLY B 427 -41.95 -26.34 13.22
CA GLY B 427 -41.08 -25.98 14.34
C GLY B 427 -39.63 -26.33 14.02
N MET B 428 -38.87 -26.59 15.08
CA MET B 428 -37.47 -26.97 14.93
C MET B 428 -37.21 -28.28 15.64
N GLU B 429 -37.89 -28.52 16.76
CA GLU B 429 -37.79 -29.83 17.42
C GLU B 429 -38.37 -30.93 16.53
N TRP B 430 -39.47 -30.63 15.85
CA TRP B 430 -40.02 -31.59 14.90
C TRP B 430 -39.03 -31.88 13.78
N GLU B 431 -38.37 -30.83 13.28
CA GLU B 431 -37.37 -31.03 12.25
C GLU B 431 -36.22 -31.89 12.75
N ALA B 432 -35.80 -31.67 14.00
CA ALA B 432 -34.73 -32.48 14.56
C ALA B 432 -35.14 -33.95 14.68
N LYS B 433 -36.36 -34.20 15.12
CA LYS B 433 -36.84 -35.58 15.22
C LYS B 433 -36.90 -36.25 13.84
N ALA B 434 -37.42 -35.52 12.85
CA ALA B 434 -37.47 -36.06 11.49
C ALA B 434 -36.06 -36.35 10.98
N GLN B 435 -35.12 -35.45 11.26
CA GLN B 435 -33.75 -35.66 10.82
C GLN B 435 -33.13 -36.89 11.47
N ILE B 436 -33.40 -37.10 12.76
CA ILE B 436 -32.85 -38.26 13.44
C ILE B 436 -33.44 -39.55 12.84
N VAL B 437 -34.73 -39.55 12.56
CA VAL B 437 -35.35 -40.72 11.95
C VAL B 437 -34.72 -40.99 10.58
N LEU B 438 -34.57 -39.94 9.78
CA LEU B 438 -33.99 -40.12 8.45
C LEU B 438 -32.55 -40.60 8.54
N LEU B 439 -31.79 -40.11 9.52
CA LEU B 439 -30.41 -40.57 9.69
C LEU B 439 -30.36 -42.03 10.07
N VAL B 440 -31.27 -42.48 10.95
CA VAL B 440 -31.29 -43.90 11.30
C VAL B 440 -31.63 -44.74 10.08
N ILE B 441 -32.57 -44.28 9.26
CA ILE B 441 -32.92 -45.02 8.05
C ILE B 441 -31.73 -45.10 7.11
N LEU B 442 -31.01 -43.99 6.93
CA LEU B 442 -29.84 -43.98 6.05
C LEU B 442 -28.76 -44.92 6.55
N LEU B 443 -28.50 -44.92 7.87
CA LEU B 443 -27.51 -45.83 8.42
C LEU B 443 -27.93 -47.28 8.21
N LEU B 444 -29.22 -47.58 8.39
CA LEU B 444 -29.71 -48.92 8.12
C LEU B 444 -29.48 -49.30 6.66
N ALA B 445 -29.73 -48.38 5.73
CA ALA B 445 -29.52 -48.67 4.32
C ALA B 445 -28.06 -48.97 4.02
N ILE B 446 -27.15 -48.17 4.60
CA ILE B 446 -25.73 -48.39 4.38
C ILE B 446 -25.31 -49.76 4.92
N GLY B 447 -25.77 -50.08 6.12
CA GLY B 447 -25.47 -51.39 6.70
C GLY B 447 -26.03 -52.52 5.87
N ASP B 448 -27.22 -52.32 5.31
CA ASP B 448 -27.82 -53.34 4.45
C ASP B 448 -26.96 -53.57 3.22
N PHE B 449 -26.48 -52.48 2.60
CA PHE B 449 -25.61 -52.64 1.45
C PHE B 449 -24.33 -53.39 1.82
N VAL B 450 -23.72 -53.02 2.95
CA VAL B 450 -22.46 -53.66 3.33
C VAL B 450 -22.68 -55.13 3.65
N ILE B 451 -23.80 -55.47 4.27
CA ILE B 451 -24.11 -56.87 4.52
C ILE B 451 -24.32 -57.62 3.21
N GLY B 452 -25.05 -57.01 2.28
CA GLY B 452 -25.31 -57.67 1.01
C GLY B 452 -24.04 -57.96 0.23
N THR B 453 -23.10 -57.01 0.22
CA THR B 453 -21.87 -57.23 -0.53
C THR B 453 -21.06 -58.41 -0.02
N PHE B 454 -21.33 -58.86 1.22
CA PHE B 454 -20.60 -59.98 1.80
C PHE B 454 -21.34 -61.31 1.69
N ILE B 455 -22.50 -61.32 1.03
CA ILE B 455 -23.29 -62.55 0.91
C ILE B 455 -23.62 -62.77 -0.56
N PRO B 456 -22.66 -63.20 -1.38
CA PRO B 456 -22.94 -63.39 -2.80
C PRO B 456 -24.01 -64.44 -3.03
N LEU B 457 -24.81 -64.23 -4.07
CA LEU B 457 -25.86 -65.16 -4.47
C LEU B 457 -25.74 -65.41 -5.97
N GLU B 458 -25.89 -66.67 -6.36
CA GLU B 458 -25.75 -67.04 -7.77
C GLU B 458 -26.77 -66.31 -8.64
N SER B 459 -27.90 -65.90 -8.08
CA SER B 459 -28.91 -65.22 -8.88
C SER B 459 -28.38 -63.91 -9.46
N LYS B 460 -27.64 -63.15 -8.66
CA LYS B 460 -27.07 -61.89 -9.13
C LYS B 460 -25.75 -62.07 -9.85
N LYS B 461 -25.23 -63.29 -9.92
CA LYS B 461 -24.02 -63.53 -10.71
C LYS B 461 -24.16 -63.10 -12.15
N PRO B 462 -25.28 -63.36 -12.84
CA PRO B 462 -25.41 -62.86 -14.22
C PRO B 462 -25.21 -61.36 -14.32
N LYS B 463 -25.69 -60.61 -13.33
CA LYS B 463 -25.37 -59.19 -13.25
C LYS B 463 -23.90 -59.02 -12.90
N GLY B 464 -23.46 -57.77 -12.79
CA GLY B 464 -22.06 -57.51 -12.53
C GLY B 464 -21.58 -58.03 -11.19
N PHE B 465 -22.48 -58.30 -10.25
CA PHE B 465 -22.07 -58.66 -8.91
C PHE B 465 -21.47 -60.07 -8.89
N PHE B 466 -20.32 -60.20 -8.22
CA PHE B 466 -19.65 -61.48 -8.08
C PHE B 466 -19.13 -61.73 -6.68
N GLY B 467 -19.32 -60.79 -5.74
CA GLY B 467 -18.67 -60.87 -4.46
C GLY B 467 -17.25 -60.31 -4.54
N TYR B 468 -16.60 -60.25 -3.39
CA TYR B 468 -15.23 -59.75 -3.34
C TYR B 468 -14.30 -60.70 -4.06
N LYS B 469 -13.52 -60.18 -4.99
CA LYS B 469 -12.59 -60.99 -5.78
C LYS B 469 -11.45 -60.11 -6.25
N SER B 470 -10.22 -60.52 -5.95
CA SER B 470 -9.06 -59.70 -6.30
C SER B 470 -8.97 -59.44 -7.80
N GLU B 471 -9.47 -60.37 -8.61
CA GLU B 471 -9.46 -60.17 -10.06
C GLU B 471 -10.26 -58.93 -10.44
N ILE B 472 -11.47 -58.79 -9.88
CA ILE B 472 -12.29 -57.63 -10.16
C ILE B 472 -11.62 -56.36 -9.64
N PHE B 473 -11.05 -56.42 -8.44
CA PHE B 473 -10.35 -55.26 -7.89
C PHE B 473 -9.25 -54.78 -8.82
N ASN B 474 -8.41 -55.72 -9.28
CA ASN B 474 -7.34 -55.34 -10.20
C ASN B 474 -7.89 -54.81 -11.52
N GLU B 475 -8.94 -55.44 -12.04
CA GLU B 475 -9.54 -54.98 -13.29
C GLU B 475 -10.14 -53.60 -13.13
N ASN B 476 -10.88 -53.36 -12.04
CA ASN B 476 -11.56 -52.09 -11.87
C ASN B 476 -10.59 -50.97 -11.52
N PHE B 477 -9.48 -51.30 -10.86
CA PHE B 477 -8.44 -50.31 -10.63
C PHE B 477 -7.95 -49.76 -11.97
N GLY B 478 -7.77 -48.45 -12.04
CA GLY B 478 -7.35 -47.80 -13.26
C GLY B 478 -8.52 -47.23 -14.03
N PRO B 479 -8.29 -46.09 -14.67
CA PRO B 479 -9.39 -45.40 -15.34
C PRO B 479 -9.88 -46.16 -16.57
N ASP B 480 -11.19 -46.11 -16.80
CA ASP B 480 -11.81 -46.59 -18.04
C ASP B 480 -12.95 -45.63 -18.34
N PHE B 481 -12.65 -44.58 -19.12
CA PHE B 481 -13.64 -43.55 -19.44
C PHE B 481 -14.40 -44.00 -20.69
N ARG B 482 -15.40 -44.85 -20.46
CA ARG B 482 -16.09 -45.50 -21.58
C ARG B 482 -16.74 -44.47 -22.49
N GLU B 483 -17.50 -43.54 -21.91
CA GLU B 483 -18.21 -42.53 -22.70
C GLU B 483 -17.29 -41.34 -22.94
N GLU B 484 -17.86 -40.25 -23.47
CA GLU B 484 -17.10 -39.03 -23.73
C GLU B 484 -16.93 -38.23 -22.44
N GLU B 485 -16.36 -38.88 -21.44
CA GLU B 485 -16.14 -38.31 -20.13
C GLU B 485 -14.65 -38.09 -19.89
N THR B 486 -14.34 -37.43 -18.78
CA THR B 486 -12.96 -37.14 -18.43
C THR B 486 -12.88 -36.96 -16.91
N PHE B 487 -11.65 -37.05 -16.40
CA PHE B 487 -11.42 -36.91 -14.96
C PHE B 487 -12.07 -35.65 -14.42
N PHE B 488 -11.93 -34.53 -15.11
CA PHE B 488 -12.51 -33.28 -14.65
C PHE B 488 -14.04 -33.35 -14.64
N SER B 489 -14.63 -34.01 -15.63
CA SER B 489 -16.08 -34.16 -15.65
C SER B 489 -16.55 -35.00 -14.46
N VAL B 490 -15.81 -36.06 -14.14
CA VAL B 490 -16.17 -36.88 -12.98
C VAL B 490 -16.07 -36.06 -11.70
N PHE B 491 -15.00 -35.26 -11.57
CA PHE B 491 -14.87 -34.42 -10.39
C PHE B 491 -16.02 -33.43 -10.28
N GLU B 492 -16.41 -32.81 -11.41
CA GLU B 492 -17.53 -31.88 -11.39
C GLU B 492 -18.82 -32.57 -10.99
N ILE B 493 -19.04 -33.80 -11.48
CA ILE B 493 -20.23 -34.54 -11.12
C ILE B 493 -20.25 -34.84 -9.63
N PHE B 494 -19.09 -35.23 -9.08
CA PHE B 494 -19.05 -35.65 -7.69
C PHE B 494 -19.11 -34.48 -6.71
N PHE B 495 -18.55 -33.32 -7.07
CA PHE B 495 -18.33 -32.27 -6.08
C PHE B 495 -19.56 -31.92 -5.25
N PRO B 496 -20.76 -31.80 -5.81
CA PRO B 496 -21.93 -31.46 -4.99
C PRO B 496 -22.11 -32.41 -3.81
N ALA B 497 -21.53 -33.60 -3.90
CA ALA B 497 -21.59 -34.55 -2.79
C ALA B 497 -20.80 -34.09 -1.59
N ALA B 498 -19.83 -33.20 -1.76
CA ALA B 498 -19.02 -32.72 -0.66
C ALA B 498 -19.61 -31.51 0.04
N THR B 499 -20.59 -30.85 -0.56
CA THR B 499 -21.17 -29.67 0.06
C THR B 499 -22.14 -30.06 1.18
N GLY B 500 -22.57 -29.05 1.93
CA GLY B 500 -23.38 -29.27 3.10
C GLY B 500 -22.63 -29.22 4.42
N ILE B 501 -21.35 -28.84 4.40
CA ILE B 501 -20.54 -28.82 5.61
C ILE B 501 -20.95 -27.68 6.53
N LEU B 502 -21.70 -26.70 6.04
CA LEU B 502 -22.09 -25.54 6.83
C LEU B 502 -23.50 -25.64 7.37
N ALA B 503 -24.12 -26.81 7.32
CA ALA B 503 -25.48 -26.96 7.83
C ALA B 503 -25.53 -26.67 9.32
N GLY B 504 -24.57 -27.19 10.09
CA GLY B 504 -24.53 -26.89 11.52
C GLY B 504 -24.24 -25.43 11.81
N ALA B 505 -23.27 -24.85 11.10
CA ALA B 505 -22.92 -23.46 11.33
C ALA B 505 -24.05 -22.50 10.99
N ASN B 506 -24.98 -22.92 10.13
CA ASN B 506 -26.11 -22.07 9.77
C ASN B 506 -27.21 -22.10 10.82
N ILE B 507 -27.09 -22.94 11.84
CA ILE B 507 -28.06 -23.01 12.93
C ILE B 507 -27.40 -22.40 14.17
N SER B 508 -26.43 -21.51 13.94
CA SER B 508 -25.69 -20.92 15.05
C SER B 508 -26.60 -20.18 16.01
N GLY B 509 -27.72 -19.64 15.52
CA GLY B 509 -28.63 -18.93 16.38
C GLY B 509 -29.49 -19.81 17.25
N ASP B 510 -29.40 -21.13 17.08
CA ASP B 510 -30.21 -22.08 17.85
C ASP B 510 -29.36 -23.10 18.58
N LEU B 511 -28.05 -22.92 18.62
CA LEU B 511 -27.17 -23.85 19.31
C LEU B 511 -27.03 -23.45 20.77
N ALA B 512 -26.87 -24.46 21.63
CA ALA B 512 -26.67 -24.18 23.05
C ALA B 512 -25.49 -23.26 23.25
N ASP B 513 -24.36 -23.58 22.63
CA ASP B 513 -23.25 -22.64 22.55
C ASP B 513 -22.35 -22.97 21.36
N PRO B 514 -22.16 -22.03 20.45
CA PRO B 514 -21.12 -22.19 19.43
C PRO B 514 -19.74 -22.00 20.03
N GLN B 515 -18.70 -22.06 19.21
CA GLN B 515 -17.32 -21.96 19.68
C GLN B 515 -16.91 -23.25 20.36
N SER B 516 -17.87 -24.15 20.54
CA SER B 516 -17.60 -25.49 21.06
C SER B 516 -18.33 -26.60 20.33
N ALA B 517 -19.42 -26.29 19.62
CA ALA B 517 -20.17 -27.27 18.84
C ALA B 517 -19.84 -27.22 17.36
N ILE B 518 -19.74 -26.02 16.78
CA ILE B 518 -19.52 -25.91 15.34
C ILE B 518 -18.22 -26.60 14.91
N PRO B 519 -17.06 -26.29 15.50
CA PRO B 519 -15.80 -26.87 15.02
C PRO B 519 -15.78 -28.39 15.08
N LYS B 520 -15.97 -28.94 16.28
CA LYS B 520 -15.87 -30.38 16.45
C LYS B 520 -16.94 -31.10 15.63
N GLY B 521 -18.18 -30.60 15.67
CA GLY B 521 -19.24 -31.25 14.93
C GLY B 521 -18.98 -31.26 13.43
N THR B 522 -18.59 -30.11 12.88
CA THR B 522 -18.34 -30.02 11.45
C THR B 522 -17.19 -30.92 11.04
N LEU B 523 -16.09 -30.89 11.80
CA LEU B 523 -14.94 -31.71 11.43
C LEU B 523 -15.26 -33.19 11.52
N LEU B 524 -15.95 -33.62 12.58
CA LEU B 524 -16.32 -35.02 12.71
C LEU B 524 -17.26 -35.44 11.58
N ALA B 525 -18.23 -34.60 11.24
CA ALA B 525 -19.13 -34.94 10.15
C ALA B 525 -18.38 -35.09 8.84
N ILE B 526 -17.46 -34.17 8.54
CA ILE B 526 -16.69 -34.26 7.31
C ILE B 526 -15.89 -35.55 7.29
N LEU B 527 -15.23 -35.87 8.40
CA LEU B 527 -14.41 -37.09 8.45
C LEU B 527 -15.27 -38.33 8.22
N ILE B 528 -16.42 -38.41 8.91
CA ILE B 528 -17.26 -39.59 8.79
C ILE B 528 -17.79 -39.73 7.37
N THR B 529 -18.27 -38.63 6.78
CA THR B 529 -18.81 -38.70 5.44
C THR B 529 -17.75 -39.10 4.43
N THR B 530 -16.54 -38.55 4.56
CA THR B 530 -15.47 -38.90 3.62
C THR B 530 -15.09 -40.37 3.76
N LEU B 531 -14.99 -40.87 5.00
CA LEU B 531 -14.68 -42.28 5.20
C LEU B 531 -15.75 -43.17 4.56
N VAL B 532 -17.02 -42.83 4.77
CA VAL B 532 -18.09 -43.64 4.20
C VAL B 532 -18.04 -43.61 2.68
N TYR B 533 -17.83 -42.43 2.10
CA TYR B 533 -17.75 -42.32 0.65
C TYR B 533 -16.64 -43.20 0.10
N VAL B 534 -15.43 -43.07 0.67
CA VAL B 534 -14.29 -43.83 0.17
C VAL B 534 -14.53 -45.33 0.33
N GLY B 535 -15.03 -45.74 1.49
CA GLY B 535 -15.27 -47.15 1.71
C GLY B 535 -16.28 -47.73 0.75
N ILE B 536 -17.39 -47.03 0.54
CA ILE B 536 -18.42 -47.52 -0.37
C ILE B 536 -17.88 -47.58 -1.79
N ALA B 537 -17.13 -46.55 -2.21
CA ALA B 537 -16.57 -46.56 -3.55
C ALA B 537 -15.66 -47.76 -3.75
N VAL B 538 -14.74 -48.00 -2.82
CA VAL B 538 -13.81 -49.11 -2.95
C VAL B 538 -14.56 -50.44 -2.96
N SER B 539 -15.53 -50.59 -2.05
CA SER B 539 -16.26 -51.84 -1.96
C SER B 539 -17.03 -52.13 -3.23
N VAL B 540 -17.70 -51.12 -3.79
CA VAL B 540 -18.46 -51.34 -5.02
C VAL B 540 -17.53 -51.61 -6.18
N GLY B 541 -16.37 -50.95 -6.23
CA GLY B 541 -15.43 -51.19 -7.30
C GLY B 541 -14.66 -52.48 -7.20
N SER B 542 -14.69 -53.13 -6.04
CA SER B 542 -13.98 -54.39 -5.84
C SER B 542 -14.89 -55.61 -5.90
N CYS B 543 -16.19 -55.43 -6.18
CA CYS B 543 -17.09 -56.57 -6.23
C CYS B 543 -18.10 -56.49 -7.37
N VAL B 544 -17.83 -55.68 -8.40
CA VAL B 544 -18.74 -55.54 -9.53
C VAL B 544 -17.92 -55.25 -10.78
N VAL B 545 -18.37 -55.77 -11.91
CA VAL B 545 -17.68 -55.61 -13.18
C VAL B 545 -18.23 -54.40 -13.92
N ARG B 546 -17.36 -53.73 -14.67
CA ARG B 546 -17.77 -52.52 -15.36
C ARG B 546 -18.87 -52.81 -16.37
N ASP B 547 -18.76 -53.89 -17.13
CA ASP B 547 -19.74 -54.28 -18.13
C ASP B 547 -20.24 -55.68 -17.82
N ALA B 548 -21.56 -55.86 -17.87
CA ALA B 548 -22.17 -57.15 -17.59
C ALA B 548 -23.39 -57.33 -18.48
N THR B 549 -23.80 -58.59 -18.63
CA THR B 549 -24.94 -58.94 -19.45
C THR B 549 -26.04 -59.54 -18.58
N GLY B 550 -27.28 -59.18 -18.88
CA GLY B 550 -28.41 -59.70 -18.13
C GLY B 550 -28.88 -61.07 -18.55
N ASN B 551 -28.24 -61.67 -19.56
CA ASN B 551 -28.64 -62.99 -20.04
C ASN B 551 -28.34 -64.02 -18.97
N VAL B 552 -29.39 -64.54 -18.34
CA VAL B 552 -29.22 -65.54 -17.29
C VAL B 552 -28.69 -66.86 -17.82
N ASN B 553 -28.54 -66.99 -19.13
CA ASN B 553 -28.03 -68.24 -19.71
C ASN B 553 -26.61 -68.54 -19.26
N ASP B 554 -25.90 -67.55 -18.73
CA ASP B 554 -24.56 -67.78 -18.21
C ASP B 554 -23.54 -67.86 -19.34
N THR B 555 -22.31 -68.22 -19.02
CA THR B 555 -21.24 -68.36 -20.01
C THR B 555 -20.14 -69.21 -19.41
N ILE B 556 -19.10 -69.45 -20.22
CA ILE B 556 -17.95 -70.24 -19.78
C ILE B 556 -18.44 -71.58 -19.22
N VAL B 557 -19.29 -72.27 -19.97
CA VAL B 557 -19.82 -73.56 -19.54
C VAL B 557 -18.80 -74.65 -19.85
N THR B 558 -17.92 -74.94 -18.89
CA THR B 558 -16.90 -75.96 -19.05
C THR B 558 -16.06 -75.71 -20.31
N GLU B 559 -15.70 -74.45 -20.54
CA GLU B 559 -14.93 -74.04 -21.70
C GLU B 559 -13.49 -73.73 -21.28
N LEU B 560 -12.65 -73.46 -22.28
CA LEU B 560 -11.26 -73.13 -22.03
C LEU B 560 -11.12 -71.64 -21.73
N THR B 561 -10.13 -71.33 -20.89
CA THR B 561 -9.87 -69.95 -20.47
C THR B 561 -8.98 -69.29 -21.52
N ASN B 562 -9.59 -68.53 -22.43
CA ASN B 562 -8.86 -67.82 -23.46
C ASN B 562 -8.97 -66.31 -23.36
N CYS B 563 -9.87 -65.79 -22.53
CA CYS B 563 -10.05 -64.36 -22.36
C CYS B 563 -9.44 -63.90 -21.04
N THR B 564 -8.73 -62.77 -21.08
CA THR B 564 -8.10 -62.19 -19.91
C THR B 564 -9.02 -61.27 -19.13
N SER B 565 -10.26 -61.09 -19.59
CA SER B 565 -11.19 -60.20 -18.90
C SER B 565 -11.46 -60.72 -17.49
N ALA B 566 -11.63 -59.78 -16.56
CA ALA B 566 -11.84 -60.14 -15.17
C ALA B 566 -13.06 -61.06 -14.99
N ALA B 567 -14.07 -60.89 -15.84
CA ALA B 567 -15.25 -61.74 -15.74
C ALA B 567 -14.89 -63.19 -16.02
N CYS B 568 -14.08 -63.44 -17.03
CA CYS B 568 -13.72 -64.82 -17.39
C CYS B 568 -13.05 -65.55 -16.23
N LYS B 569 -12.29 -64.82 -15.40
CA LYS B 569 -11.59 -65.46 -14.29
C LYS B 569 -12.55 -66.24 -13.41
N LEU B 570 -13.79 -65.77 -13.25
CA LEU B 570 -14.79 -66.45 -12.43
C LEU B 570 -15.76 -67.25 -13.28
N ASN B 571 -16.43 -66.59 -14.23
CA ASN B 571 -17.40 -67.27 -15.08
C ASN B 571 -17.60 -66.43 -16.35
N PHE B 572 -18.18 -67.07 -17.36
CA PHE B 572 -18.44 -66.39 -18.62
C PHE B 572 -19.49 -65.29 -18.51
N ASP B 573 -20.21 -65.21 -17.39
CA ASP B 573 -21.27 -64.23 -17.24
C ASP B 573 -20.70 -62.82 -17.31
N PHE B 574 -21.49 -61.90 -17.85
CA PHE B 574 -21.07 -60.50 -18.01
C PHE B 574 -19.93 -60.39 -19.02
N SER B 575 -20.14 -60.95 -20.20
CA SER B 575 -19.13 -60.95 -21.25
C SER B 575 -19.79 -60.85 -22.61
N SER B 576 -18.98 -60.45 -23.61
CA SER B 576 -19.41 -60.43 -25.01
C SER B 576 -20.41 -59.30 -25.29
N CYS B 577 -20.23 -58.15 -24.65
CA CYS B 577 -21.00 -56.96 -24.99
C CYS B 577 -20.08 -55.78 -25.29
N GLU B 578 -18.88 -56.06 -25.80
CA GLU B 578 -17.97 -54.98 -26.18
C GLU B 578 -18.54 -54.18 -27.34
N SER B 579 -19.16 -54.85 -28.31
CA SER B 579 -19.76 -54.17 -29.46
C SER B 579 -21.22 -53.81 -29.19
N SER B 580 -22.06 -54.80 -28.91
CA SER B 580 -23.44 -54.53 -28.56
C SER B 580 -23.51 -53.98 -27.13
N PRO B 581 -24.46 -53.10 -26.85
CA PRO B 581 -24.61 -52.56 -25.50
C PRO B 581 -25.38 -53.53 -24.61
N CYS B 582 -24.70 -54.07 -23.61
CA CYS B 582 -25.32 -55.04 -22.73
C CYS B 582 -26.24 -54.34 -21.72
N SER B 583 -27.03 -55.16 -21.01
CA SER B 583 -28.14 -54.65 -20.23
C SER B 583 -27.69 -53.61 -19.21
N TYR B 584 -26.70 -53.95 -18.40
CA TYR B 584 -26.29 -53.06 -17.31
C TYR B 584 -24.96 -53.54 -16.75
N GLY B 585 -24.54 -52.92 -15.67
CA GLY B 585 -23.22 -53.15 -15.09
C GLY B 585 -22.78 -51.90 -14.36
N LEU B 586 -21.50 -51.87 -14.01
CA LEU B 586 -20.95 -50.68 -13.37
C LEU B 586 -21.03 -49.48 -14.29
N MET B 587 -20.73 -49.67 -15.57
CA MET B 587 -20.78 -48.57 -16.53
C MET B 587 -22.20 -48.13 -16.84
N ASN B 588 -23.15 -49.06 -16.92
CA ASN B 588 -24.45 -48.80 -17.51
C ASN B 588 -25.60 -48.75 -16.50
N ASN B 589 -25.51 -49.49 -15.41
CA ASN B 589 -26.60 -49.54 -14.43
C ASN B 589 -26.41 -48.47 -13.38
N PHE B 590 -27.51 -47.85 -12.96
CA PHE B 590 -27.50 -46.81 -11.96
C PHE B 590 -28.15 -47.25 -10.64
N GLN B 591 -28.36 -48.56 -10.48
CA GLN B 591 -28.93 -49.12 -9.26
C GLN B 591 -28.15 -50.32 -8.78
N VAL B 592 -26.84 -50.34 -9.01
CA VAL B 592 -26.02 -51.49 -8.63
C VAL B 592 -26.03 -51.66 -7.12
N MET B 593 -26.04 -50.56 -6.37
CA MET B 593 -26.07 -50.65 -4.91
C MET B 593 -27.32 -51.36 -4.44
N SER B 594 -28.47 -51.06 -5.05
CA SER B 594 -29.70 -51.74 -4.68
C SER B 594 -29.61 -53.23 -4.97
N MET B 595 -29.07 -53.60 -6.12
CA MET B 595 -28.92 -55.01 -6.46
C MET B 595 -27.95 -55.70 -5.51
N VAL B 596 -26.80 -55.08 -5.25
CA VAL B 596 -25.80 -55.69 -4.39
C VAL B 596 -26.34 -55.88 -2.98
N SER B 597 -27.15 -54.94 -2.50
CA SER B 597 -27.67 -55.02 -1.15
C SER B 597 -28.54 -56.26 -0.99
N GLY B 598 -28.64 -56.73 0.26
CA GLY B 598 -29.45 -57.89 0.56
C GLY B 598 -30.93 -57.66 0.59
N PHE B 599 -31.36 -56.39 0.51
CA PHE B 599 -32.79 -56.06 0.53
C PHE B 599 -32.96 -54.74 -0.21
N THR B 600 -33.44 -54.81 -1.45
CA THR B 600 -33.57 -53.61 -2.27
C THR B 600 -34.46 -52.55 -1.64
N PRO B 601 -35.62 -52.87 -1.08
CA PRO B 601 -36.47 -51.82 -0.50
C PRO B 601 -35.76 -51.00 0.56
N LEU B 602 -34.87 -51.63 1.35
CA LEU B 602 -34.12 -50.85 2.32
C LEU B 602 -33.22 -49.82 1.65
N ILE B 603 -32.58 -50.19 0.54
CA ILE B 603 -31.73 -49.25 -0.16
C ILE B 603 -32.56 -48.12 -0.77
N SER B 604 -33.75 -48.46 -1.29
CA SER B 604 -34.62 -47.41 -1.82
C SER B 604 -35.04 -46.44 -0.72
N ALA B 605 -35.40 -46.97 0.45
CA ALA B 605 -35.76 -46.10 1.57
C ALA B 605 -34.58 -45.26 2.01
N GLY B 606 -33.37 -45.83 1.98
CA GLY B 606 -32.18 -45.05 2.32
C GLY B 606 -31.95 -43.90 1.34
N ILE B 607 -32.15 -44.16 0.04
CA ILE B 607 -32.03 -43.10 -0.94
C ILE B 607 -33.05 -41.99 -0.66
N PHE B 608 -34.30 -42.40 -0.41
CA PHE B 608 -35.33 -41.42 -0.09
C PHE B 608 -34.94 -40.58 1.12
N SER B 609 -34.47 -41.24 2.18
CA SER B 609 -34.12 -40.53 3.41
C SER B 609 -32.96 -39.59 3.19
N ALA B 610 -31.93 -40.03 2.48
CA ALA B 610 -30.78 -39.17 2.21
C ALA B 610 -31.20 -37.92 1.47
N THR B 611 -31.96 -38.09 0.37
CA THR B 611 -32.36 -36.93 -0.42
C THR B 611 -33.26 -36.00 0.39
N LEU B 612 -34.22 -36.56 1.12
CA LEU B 612 -35.14 -35.72 1.90
C LEU B 612 -34.41 -34.98 3.00
N SER B 613 -33.47 -35.64 3.68
CA SER B 613 -32.72 -34.98 4.74
C SER B 613 -31.86 -33.85 4.19
N SER B 614 -31.22 -34.07 3.04
CA SER B 614 -30.44 -32.99 2.44
C SER B 614 -31.33 -31.81 2.06
N ALA B 615 -32.49 -32.09 1.46
CA ALA B 615 -33.40 -31.02 1.09
C ALA B 615 -33.88 -30.25 2.32
N LEU B 616 -34.22 -30.98 3.39
CA LEU B 616 -34.68 -30.32 4.61
C LEU B 616 -33.59 -29.45 5.21
N ALA B 617 -32.36 -29.96 5.23
CA ALA B 617 -31.25 -29.16 5.78
C ALA B 617 -31.06 -27.88 4.98
N SER B 618 -31.07 -27.99 3.65
CA SER B 618 -30.91 -26.77 2.84
C SER B 618 -32.06 -25.80 3.05
N LEU B 619 -33.29 -26.31 3.13
CA LEU B 619 -34.46 -25.46 3.28
C LEU B 619 -34.47 -24.77 4.64
N VAL B 620 -33.94 -25.42 5.66
CA VAL B 620 -33.80 -24.76 6.97
C VAL B 620 -32.69 -23.72 6.91
N SER B 621 -31.55 -24.07 6.29
CA SER B 621 -30.40 -23.18 6.30
C SER B 621 -30.68 -21.87 5.58
N ALA B 622 -31.35 -21.93 4.43
CA ALA B 622 -31.52 -20.71 3.64
C ALA B 622 -32.24 -19.60 4.40
N PRO B 623 -33.40 -19.83 5.00
CA PRO B 623 -34.09 -18.74 5.70
C PRO B 623 -33.30 -18.16 6.85
N LYS B 624 -32.51 -18.97 7.58
CA LYS B 624 -31.72 -18.44 8.67
C LYS B 624 -30.70 -17.43 8.18
N ILE B 625 -29.97 -17.78 7.12
CA ILE B 625 -29.00 -16.85 6.55
C ILE B 625 -29.69 -15.60 6.04
N PHE B 626 -30.83 -15.77 5.35
CA PHE B 626 -31.51 -14.61 4.81
C PHE B 626 -32.01 -13.68 5.92
N GLN B 627 -32.54 -14.26 7.00
CA GLN B 627 -33.00 -13.43 8.11
C GLN B 627 -31.85 -12.71 8.79
N ALA B 628 -30.71 -13.39 8.98
CA ALA B 628 -29.56 -12.72 9.56
C ALA B 628 -29.09 -11.58 8.66
N LEU B 629 -29.08 -11.79 7.35
CA LEU B 629 -28.68 -10.74 6.42
C LEU B 629 -29.64 -9.56 6.46
N CYS B 630 -30.95 -9.84 6.56
CA CYS B 630 -31.94 -8.77 6.54
C CYS B 630 -31.98 -7.99 7.85
N LYS B 631 -31.65 -8.64 8.97
CA LYS B 631 -31.63 -7.93 10.24
C LYS B 631 -30.58 -6.83 10.27
N ASP B 632 -29.54 -6.93 9.43
CA ASP B 632 -28.51 -5.91 9.38
C ASP B 632 -28.88 -4.73 8.49
N ASN B 633 -29.97 -4.83 7.73
CA ASN B 633 -30.41 -3.75 6.84
C ASN B 633 -29.35 -3.44 5.78
N ILE B 634 -28.59 -4.45 5.35
CA ILE B 634 -27.62 -4.25 4.29
C ILE B 634 -28.33 -3.90 2.98
N TYR B 635 -29.40 -4.64 2.67
CA TYR B 635 -30.26 -4.32 1.52
C TYR B 635 -31.61 -3.87 2.06
N PRO B 636 -31.89 -2.57 2.09
CA PRO B 636 -33.15 -2.12 2.71
C PRO B 636 -34.39 -2.70 2.06
N ALA B 637 -34.33 -3.02 0.77
CA ALA B 637 -35.51 -3.55 0.09
C ALA B 637 -35.99 -4.87 0.69
N PHE B 638 -35.11 -5.60 1.38
CA PHE B 638 -35.45 -6.90 1.95
C PHE B 638 -35.70 -6.83 3.45
N GLN B 639 -35.91 -5.64 3.99
CA GLN B 639 -36.06 -5.48 5.43
C GLN B 639 -37.29 -6.22 5.97
N MET B 640 -38.22 -6.59 5.09
CA MET B 640 -39.45 -7.24 5.53
C MET B 640 -39.26 -8.73 5.84
N PHE B 641 -38.15 -9.32 5.44
CA PHE B 641 -37.92 -10.76 5.64
C PHE B 641 -37.17 -11.06 6.93
N ALA B 642 -36.83 -10.06 7.72
CA ALA B 642 -36.13 -10.27 8.97
C ALA B 642 -37.07 -10.53 10.15
N LYS B 643 -38.38 -10.34 9.96
CA LYS B 643 -39.33 -10.53 11.06
C LYS B 643 -39.39 -11.99 11.48
N GLY B 644 -39.51 -12.21 12.79
CA GLY B 644 -39.61 -13.54 13.34
C GLY B 644 -41.00 -13.81 13.89
N TYR B 645 -41.25 -15.09 14.16
CA TYR B 645 -42.55 -15.53 14.68
C TYR B 645 -42.33 -16.61 15.73
N GLY B 646 -43.25 -16.66 16.70
CA GLY B 646 -43.21 -17.69 17.72
C GLY B 646 -42.26 -17.38 18.85
N LYS B 647 -42.19 -18.33 19.79
CA LYS B 647 -41.31 -18.16 20.95
C LYS B 647 -39.85 -18.05 20.50
N ASN B 648 -39.44 -18.91 19.57
CA ASN B 648 -38.13 -18.83 18.95
C ASN B 648 -38.28 -18.14 17.61
N ASN B 649 -37.53 -17.05 17.40
CA ASN B 649 -37.69 -16.27 16.19
C ASN B 649 -37.47 -17.15 14.96
N GLU B 650 -38.53 -17.42 14.21
CA GLU B 650 -38.48 -18.29 13.05
C GLU B 650 -38.96 -17.50 11.84
N PRO B 651 -38.13 -17.28 10.82
CA PRO B 651 -38.59 -16.48 9.69
C PRO B 651 -39.55 -17.27 8.81
N LEU B 652 -40.84 -16.96 8.92
CA LEU B 652 -41.83 -17.62 8.08
C LEU B 652 -41.82 -17.04 6.66
N ARG B 653 -41.61 -15.74 6.54
CA ARG B 653 -41.49 -15.13 5.22
C ARG B 653 -40.30 -15.70 4.46
N GLY B 654 -39.18 -15.89 5.17
CA GLY B 654 -38.03 -16.53 4.53
C GLY B 654 -38.32 -17.95 4.09
N TYR B 655 -39.04 -18.70 4.93
CA TYR B 655 -39.42 -20.06 4.55
C TYR B 655 -40.30 -20.05 3.30
N ILE B 656 -41.26 -19.13 3.25
CA ILE B 656 -42.15 -19.06 2.10
C ILE B 656 -41.39 -18.68 0.85
N LEU B 657 -40.46 -17.72 0.96
CA LEU B 657 -39.66 -17.33 -0.20
C LEU B 657 -38.79 -18.48 -0.70
N THR B 658 -38.15 -19.20 0.23
CA THR B 658 -37.34 -20.34 -0.17
C THR B 658 -38.20 -21.42 -0.83
N PHE B 659 -39.39 -21.66 -0.27
CA PHE B 659 -40.30 -22.63 -0.87
C PHE B 659 -40.70 -22.21 -2.27
N LEU B 660 -40.97 -20.91 -2.47
CA LEU B 660 -41.33 -20.43 -3.79
C LEU B 660 -40.20 -20.65 -4.79
N ILE B 661 -38.97 -20.30 -4.40
CA ILE B 661 -37.84 -20.47 -5.31
C ILE B 661 -37.63 -21.94 -5.64
N ALA B 662 -37.69 -22.80 -4.62
CA ALA B 662 -37.49 -24.23 -4.83
C ALA B 662 -38.60 -24.80 -5.71
N LEU B 663 -39.83 -24.36 -5.51
CA LEU B 663 -40.94 -24.85 -6.33
C LEU B 663 -40.78 -24.42 -7.77
N GLY B 664 -40.33 -23.19 -8.00
CA GLY B 664 -40.08 -22.75 -9.37
C GLY B 664 -39.00 -23.59 -10.04
N PHE B 665 -37.89 -23.81 -9.34
CA PHE B 665 -36.81 -24.60 -9.93
C PHE B 665 -37.22 -26.05 -10.12
N ILE B 666 -38.12 -26.56 -9.29
CA ILE B 666 -38.65 -27.90 -9.49
C ILE B 666 -39.55 -27.94 -10.71
N LEU B 667 -40.41 -26.93 -10.87
CA LEU B 667 -41.25 -26.85 -12.05
C LEU B 667 -40.41 -26.81 -13.32
N ILE B 668 -39.23 -26.19 -13.25
CA ILE B 668 -38.29 -26.31 -14.37
C ILE B 668 -37.96 -27.77 -14.60
N ALA B 669 -37.64 -28.50 -13.53
CA ALA B 669 -37.54 -29.95 -13.56
C ALA B 669 -36.29 -30.45 -14.27
N GLU B 670 -35.51 -29.53 -14.86
CA GLU B 670 -34.28 -29.88 -15.56
C GLU B 670 -33.16 -29.01 -14.98
N LEU B 671 -32.55 -29.49 -13.91
CA LEU B 671 -31.51 -28.74 -13.20
C LEU B 671 -30.10 -29.15 -13.59
N ASN B 672 -29.95 -29.92 -14.67
CA ASN B 672 -28.61 -30.33 -15.08
C ASN B 672 -27.75 -29.12 -15.41
N VAL B 673 -28.34 -28.12 -16.09
CA VAL B 673 -27.59 -26.91 -16.40
C VAL B 673 -27.44 -25.98 -15.20
N ILE B 674 -28.23 -26.19 -14.15
CA ILE B 674 -28.18 -25.31 -12.99
C ILE B 674 -27.19 -25.79 -11.94
N ALA B 675 -26.88 -27.09 -11.91
CA ALA B 675 -25.99 -27.62 -10.87
C ALA B 675 -24.65 -26.92 -10.83
N PRO B 676 -23.96 -26.69 -11.96
CA PRO B 676 -22.65 -26.03 -11.87
C PRO B 676 -22.71 -24.65 -11.24
N ILE B 677 -23.78 -23.89 -11.49
CA ILE B 677 -23.89 -22.55 -10.94
C ILE B 677 -23.96 -22.60 -9.42
N ILE B 678 -24.78 -23.51 -8.88
CA ILE B 678 -24.90 -23.63 -7.43
C ILE B 678 -23.61 -24.17 -6.83
N SER B 679 -22.96 -25.10 -7.52
CA SER B 679 -21.67 -25.59 -7.06
C SER B 679 -20.65 -24.45 -6.95
N ASN B 680 -20.64 -23.57 -7.95
CA ASN B 680 -19.72 -22.45 -7.92
C ASN B 680 -20.10 -21.44 -6.85
N PHE B 681 -21.39 -21.27 -6.57
CA PHE B 681 -21.80 -20.42 -5.45
C PHE B 681 -21.26 -20.97 -4.13
N PHE B 682 -21.41 -22.28 -3.92
CA PHE B 682 -20.88 -22.90 -2.71
C PHE B 682 -19.37 -22.71 -2.63
N LEU B 683 -18.68 -22.91 -3.76
CA LEU B 683 -17.22 -22.76 -3.76
C LEU B 683 -16.81 -21.33 -3.46
N ALA B 684 -17.57 -20.35 -3.97
CA ALA B 684 -17.28 -18.95 -3.65
C ALA B 684 -17.45 -18.67 -2.17
N SER B 685 -18.51 -19.20 -1.57
CA SER B 685 -18.71 -19.03 -0.14
C SER B 685 -17.54 -19.62 0.65
N TYR B 686 -17.13 -20.84 0.29
CA TYR B 686 -16.02 -21.47 0.98
C TYR B 686 -14.74 -20.67 0.81
N ALA B 687 -14.48 -20.19 -0.41
CA ALA B 687 -13.26 -19.43 -0.67
C ALA B 687 -13.24 -18.14 0.12
N LEU B 688 -14.40 -17.47 0.25
CA LEU B 688 -14.41 -16.23 1.01
C LEU B 688 -14.30 -16.48 2.50
N ILE B 689 -14.78 -17.63 2.99
CA ILE B 689 -14.52 -17.98 4.40
C ILE B 689 -13.02 -18.15 4.62
N ASN B 690 -12.37 -18.89 3.73
CA ASN B 690 -10.93 -19.09 3.85
C ASN B 690 -10.18 -17.77 3.76
N PHE B 691 -10.59 -16.91 2.82
CA PHE B 691 -9.94 -15.61 2.67
C PHE B 691 -10.19 -14.72 3.88
N SER B 692 -11.36 -14.83 4.52
CA SER B 692 -11.61 -14.08 5.74
C SER B 692 -10.65 -14.51 6.83
N VAL B 693 -10.43 -15.82 6.98
CA VAL B 693 -9.49 -16.28 8.00
C VAL B 693 -8.09 -15.75 7.69
N PHE B 694 -7.67 -15.85 6.42
CA PHE B 694 -6.34 -15.38 6.04
C PHE B 694 -6.20 -13.89 6.26
N HIS B 695 -7.23 -13.12 5.91
CA HIS B 695 -7.20 -11.67 6.09
C HIS B 695 -7.11 -11.31 7.56
N ALA B 696 -7.89 -11.99 8.41
CA ALA B 696 -7.81 -11.73 9.84
C ALA B 696 -6.41 -12.03 10.38
N SER B 697 -5.81 -13.14 9.93
CA SER B 697 -4.45 -13.43 10.37
C SER B 697 -3.44 -12.44 9.79
N LEU B 698 -3.75 -11.80 8.67
CA LEU B 698 -2.84 -10.83 8.08
C LEU B 698 -2.88 -9.50 8.84
N ALA B 699 -4.08 -8.96 9.04
CA ALA B 699 -4.24 -7.80 9.92
C ALA B 699 -4.09 -8.26 11.36
N LYS B 700 -2.94 -7.95 11.96
CA LYS B 700 -2.58 -8.50 13.27
C LYS B 700 -3.31 -7.77 14.40
N SER B 701 -4.63 -7.74 14.30
CA SER B 701 -5.44 -7.12 15.33
C SER B 701 -5.36 -7.92 16.62
N PRO B 702 -5.12 -7.28 17.77
CA PRO B 702 -5.05 -8.05 19.02
C PRO B 702 -6.35 -8.75 19.37
N GLY B 703 -7.48 -8.33 18.81
CA GLY B 703 -8.75 -8.96 19.07
C GLY B 703 -9.02 -10.22 18.29
N TRP B 704 -8.09 -10.63 17.42
CA TRP B 704 -8.28 -11.86 16.65
C TRP B 704 -8.45 -13.05 17.58
N ARG B 705 -7.42 -13.36 18.36
CA ARG B 705 -7.49 -14.30 19.49
C ARG B 705 -8.44 -15.47 19.26
N PRO B 706 -8.31 -16.22 18.17
CA PRO B 706 -9.20 -17.37 17.97
C PRO B 706 -8.95 -18.45 19.00
N ALA B 707 -10.03 -19.14 19.38
CA ALA B 707 -9.94 -20.19 20.39
C ALA B 707 -9.53 -21.53 19.79
N PHE B 708 -9.86 -21.77 18.52
CA PHE B 708 -9.55 -23.03 17.86
C PHE B 708 -8.15 -22.93 17.26
N LYS B 709 -7.17 -23.51 17.95
CA LYS B 709 -5.77 -23.41 17.55
C LYS B 709 -5.32 -24.58 16.69
N TYR B 710 -6.05 -24.84 15.59
CA TYR B 710 -5.69 -25.91 14.67
C TYR B 710 -5.86 -25.44 13.23
N TYR B 711 -5.44 -24.21 12.96
CA TYR B 711 -5.54 -23.61 11.63
C TYR B 711 -4.21 -22.98 11.27
N ASN B 712 -4.17 -22.33 10.10
CA ASN B 712 -2.97 -21.64 9.65
C ASN B 712 -3.38 -20.64 8.58
N MET B 713 -2.77 -19.45 8.64
CA MET B 713 -3.09 -18.43 7.65
C MET B 713 -2.72 -18.88 6.25
N TRP B 714 -1.55 -19.52 6.10
CA TRP B 714 -1.13 -19.97 4.78
C TRP B 714 -1.98 -21.13 4.29
N ILE B 715 -2.36 -22.03 5.20
CA ILE B 715 -3.26 -23.11 4.82
C ILE B 715 -4.60 -22.55 4.36
N SER B 716 -5.10 -21.53 5.05
CA SER B 716 -6.38 -20.94 4.66
C SER B 716 -6.28 -20.20 3.33
N LEU B 717 -5.17 -19.51 3.09
CA LEU B 717 -4.97 -18.86 1.79
C LEU B 717 -4.90 -19.90 0.67
N LEU B 718 -4.19 -21.00 0.92
CA LEU B 718 -4.16 -22.09 -0.05
C LEU B 718 -5.55 -22.65 -0.29
N GLY B 719 -6.34 -22.80 0.77
CA GLY B 719 -7.70 -23.29 0.61
C GLY B 719 -8.56 -22.36 -0.23
N ALA B 720 -8.44 -21.05 -0.01
CA ALA B 720 -9.19 -20.10 -0.81
C ALA B 720 -8.78 -20.17 -2.27
N ILE B 721 -7.47 -20.23 -2.53
CA ILE B 721 -7.00 -20.32 -3.91
C ILE B 721 -7.50 -21.61 -4.55
N LEU B 722 -7.46 -22.71 -3.80
CA LEU B 722 -7.94 -23.99 -4.31
C LEU B 722 -9.43 -23.93 -4.61
N CYS B 723 -10.20 -23.28 -3.75
CA CYS B 723 -11.64 -23.14 -4.01
C CYS B 723 -11.88 -22.38 -5.30
N CYS B 724 -11.15 -21.27 -5.50
CA CYS B 724 -11.30 -20.52 -6.73
C CYS B 724 -10.92 -21.35 -7.95
N ILE B 725 -9.80 -22.07 -7.87
CA ILE B 725 -9.34 -22.87 -8.99
C ILE B 725 -10.32 -23.99 -9.30
N VAL B 726 -10.85 -24.64 -8.26
CA VAL B 726 -11.81 -25.72 -8.47
C VAL B 726 -13.10 -25.18 -9.09
N MET B 727 -13.58 -24.03 -8.60
CA MET B 727 -14.80 -23.48 -9.19
C MET B 727 -14.57 -23.09 -10.64
N PHE B 728 -13.36 -22.64 -10.98
CA PHE B 728 -13.08 -22.30 -12.38
C PHE B 728 -12.89 -23.55 -13.23
N VAL B 729 -12.40 -24.65 -12.64
CA VAL B 729 -12.16 -25.87 -13.40
C VAL B 729 -13.45 -26.40 -13.99
N ILE B 730 -14.51 -26.43 -13.19
CA ILE B 730 -15.81 -26.94 -13.63
C ILE B 730 -16.65 -25.75 -14.07
N ASN B 731 -17.09 -25.75 -15.33
CA ASN B 731 -17.98 -24.73 -15.86
C ASN B 731 -17.35 -23.33 -15.71
N TRP B 732 -16.26 -23.14 -16.46
CA TRP B 732 -15.51 -21.88 -16.38
C TRP B 732 -16.42 -20.67 -16.55
N TRP B 733 -17.40 -20.75 -17.46
CA TRP B 733 -18.28 -19.60 -17.63
C TRP B 733 -19.18 -19.40 -16.41
N ALA B 734 -19.57 -20.48 -15.75
CA ALA B 734 -20.28 -20.34 -14.48
C ALA B 734 -19.42 -19.64 -13.45
N ALA B 735 -18.12 -19.98 -13.41
CA ALA B 735 -17.22 -19.31 -12.47
C ALA B 735 -17.12 -17.82 -12.78
N LEU B 736 -17.00 -17.48 -14.06
CA LEU B 736 -16.96 -16.07 -14.43
C LEU B 736 -18.24 -15.35 -14.03
N LEU B 737 -19.39 -15.99 -14.25
CA LEU B 737 -20.67 -15.38 -13.87
C LEU B 737 -20.75 -15.16 -12.36
N THR B 738 -20.32 -16.15 -11.58
CA THR B 738 -20.35 -15.99 -10.13
C THR B 738 -19.41 -14.89 -9.67
N TYR B 739 -18.22 -14.81 -10.26
CA TYR B 739 -17.30 -13.72 -9.91
C TYR B 739 -17.91 -12.38 -10.24
N VAL B 740 -18.57 -12.26 -11.40
CA VAL B 740 -19.20 -11.00 -11.78
C VAL B 740 -20.30 -10.63 -10.79
N ILE B 741 -21.11 -11.62 -10.39
CA ILE B 741 -22.18 -11.34 -9.44
C ILE B 741 -21.60 -10.88 -8.11
N VAL B 742 -20.56 -11.56 -7.63
CA VAL B 742 -19.94 -11.19 -6.37
C VAL B 742 -19.39 -9.78 -6.44
N LEU B 743 -18.69 -9.46 -7.54
CA LEU B 743 -18.12 -8.12 -7.69
C LEU B 743 -19.21 -7.05 -7.72
N GLY B 744 -20.30 -7.33 -8.44
CA GLY B 744 -21.39 -6.36 -8.50
C GLY B 744 -22.02 -6.13 -7.14
N LEU B 745 -22.27 -7.21 -6.40
CA LEU B 745 -22.84 -7.05 -5.06
C LEU B 745 -21.89 -6.30 -4.14
N TYR B 746 -20.59 -6.60 -4.24
CA TYR B 746 -19.60 -5.89 -3.42
C TYR B 746 -19.60 -4.41 -3.74
N ILE B 747 -19.64 -4.06 -5.03
CA ILE B 747 -19.63 -2.66 -5.43
C ILE B 747 -20.89 -1.96 -4.94
N TYR B 748 -22.04 -2.62 -5.09
CA TYR B 748 -23.28 -2.01 -4.61
C TYR B 748 -23.23 -1.76 -3.11
N VAL B 749 -22.75 -2.73 -2.34
CA VAL B 749 -22.71 -2.56 -0.89
C VAL B 749 -21.74 -1.46 -0.50
N THR B 750 -20.56 -1.42 -1.14
CA THR B 750 -19.58 -0.39 -0.81
C THR B 750 -20.12 0.99 -1.14
N TYR B 751 -20.81 1.13 -2.28
CA TYR B 751 -21.40 2.42 -2.63
C TYR B 751 -22.48 2.82 -1.64
N LYS B 752 -23.35 1.88 -1.26
CA LYS B 752 -24.39 2.20 -0.28
C LYS B 752 -23.79 2.55 1.07
N LYS B 753 -22.73 1.83 1.47
CA LYS B 753 -22.05 2.10 2.72
C LYS B 753 -23.03 2.11 3.89
N PRO B 754 -23.55 0.96 4.30
CA PRO B 754 -24.52 0.95 5.40
C PRO B 754 -23.87 1.41 6.70
N ASP B 755 -24.66 2.08 7.52
CA ASP B 755 -24.18 2.62 8.79
C ASP B 755 -24.07 1.49 9.79
N VAL B 756 -22.93 0.81 9.78
CA VAL B 756 -22.68 -0.31 10.67
C VAL B 756 -21.20 -0.36 11.00
N ASN B 757 -20.87 -0.85 12.19
CA ASN B 757 -19.49 -0.90 12.67
C ASN B 757 -19.32 -2.18 13.48
N TRP B 758 -18.74 -3.21 12.87
CA TRP B 758 -18.54 -4.49 13.53
C TRP B 758 -17.10 -4.77 13.90
N GLY B 759 -16.17 -3.88 13.55
CA GLY B 759 -14.77 -4.12 13.84
C GLY B 759 -14.20 -5.25 13.01
N SER B 760 -14.28 -5.12 11.69
CA SER B 760 -13.85 -6.16 10.77
C SER B 760 -12.33 -6.14 10.60
N SER B 761 -11.82 -7.18 9.95
CA SER B 761 -10.40 -7.24 9.63
C SER B 761 -9.98 -6.13 8.68
N THR B 762 -10.92 -5.59 7.91
CA THR B 762 -10.59 -4.52 6.97
C THR B 762 -10.09 -3.28 7.70
N GLN B 763 -10.76 -2.89 8.77
CA GLN B 763 -10.33 -1.70 9.51
C GLN B 763 -8.99 -1.91 10.20
N ALA B 764 -8.80 -3.10 10.78
CA ALA B 764 -7.51 -3.42 11.38
C ALA B 764 -6.40 -3.37 10.35
N LEU B 765 -6.66 -3.91 9.15
CA LEU B 765 -5.66 -3.87 8.09
C LEU B 765 -5.40 -2.43 7.65
N THR B 766 -6.44 -1.59 7.61
CA THR B 766 -6.23 -0.19 7.29
C THR B 766 -5.25 0.45 8.27
N TYR B 767 -5.49 0.24 9.57
CA TYR B 767 -4.57 0.80 10.56
C TYR B 767 -3.16 0.25 10.39
N LEU B 768 -3.04 -1.05 10.20
CA LEU B 768 -1.72 -1.66 10.10
C LEU B 768 -0.98 -1.16 8.86
N ASN B 769 -1.68 -1.02 7.74
CA ASN B 769 -1.04 -0.50 6.54
C ASN B 769 -0.58 0.93 6.73
N ALA B 770 -1.41 1.77 7.36
CA ALA B 770 -0.98 3.13 7.63
C ALA B 770 0.27 3.14 8.51
N LEU B 771 0.28 2.32 9.55
CA LEU B 771 1.43 2.28 10.45
C LEU B 771 2.68 1.83 9.73
N GLN B 772 2.58 0.78 8.91
CA GLN B 772 3.74 0.27 8.19
C GLN B 772 4.27 1.29 7.20
N HIS B 773 3.37 1.96 6.48
CA HIS B 773 3.81 2.99 5.53
C HIS B 773 4.49 4.15 6.26
N SER B 774 3.95 4.56 7.41
CA SER B 774 4.59 5.62 8.17
C SER B 774 5.97 5.18 8.66
N ILE B 775 6.09 3.95 9.13
CA ILE B 775 7.39 3.45 9.57
C ILE B 775 8.38 3.48 8.42
N ARG B 776 7.95 3.02 7.24
CA ARG B 776 8.81 3.06 6.07
C ARG B 776 9.26 4.48 5.75
N LEU B 777 8.30 5.41 5.72
CA LEU B 777 8.62 6.79 5.40
C LEU B 777 9.57 7.40 6.42
N SER B 778 9.52 6.92 7.66
CA SER B 778 10.40 7.47 8.70
C SER B 778 11.87 7.27 8.37
N GLY B 779 12.21 6.34 7.49
CA GLY B 779 13.60 6.05 7.17
C GLY B 779 14.08 6.64 5.87
N VAL B 780 13.37 7.64 5.35
CA VAL B 780 13.70 8.26 4.08
C VAL B 780 14.39 9.60 4.33
N GLU B 781 15.57 9.77 3.76
CA GLU B 781 16.32 11.01 3.92
C GLU B 781 15.66 12.13 3.11
N ASP B 782 15.79 13.35 3.62
CA ASP B 782 15.18 14.51 2.99
C ASP B 782 16.01 15.02 1.82
N HIS B 783 15.32 15.53 0.80
CA HIS B 783 15.96 16.12 -0.36
C HIS B 783 15.17 17.35 -0.78
N VAL B 784 15.88 18.31 -1.40
CA VAL B 784 15.26 19.56 -1.77
C VAL B 784 14.17 19.35 -2.81
N LYS B 785 14.43 18.50 -3.79
CA LYS B 785 13.43 18.25 -4.85
C LYS B 785 12.26 17.41 -4.37
N ASN B 786 12.38 16.75 -3.21
CA ASN B 786 11.28 16.01 -2.62
C ASN B 786 10.58 16.80 -1.52
N PHE B 787 10.90 18.08 -1.38
CA PHE B 787 10.26 18.90 -0.37
C PHE B 787 8.77 19.09 -0.68
N ARG B 788 7.95 18.99 0.35
CA ARG B 788 6.53 19.26 0.22
C ARG B 788 6.10 20.20 1.33
N PRO B 789 5.12 21.07 1.07
CA PRO B 789 4.62 21.98 2.10
C PRO B 789 3.67 21.26 3.05
N GLN B 790 4.15 20.97 4.26
CA GLN B 790 3.35 20.34 5.30
C GLN B 790 2.89 21.45 6.23
N CYS B 791 1.67 21.94 6.00
CA CYS B 791 1.20 23.18 6.62
C CYS B 791 0.35 22.88 7.84
N LEU B 792 0.71 23.51 8.97
CA LEU B 792 -0.11 23.50 10.17
C LEU B 792 -0.99 24.74 10.13
N VAL B 793 -2.15 24.62 9.51
CA VAL B 793 -3.05 25.75 9.35
C VAL B 793 -3.87 25.92 10.62
N MET B 794 -3.74 27.09 11.25
CA MET B 794 -4.43 27.37 12.51
C MET B 794 -5.78 27.99 12.17
N THR B 795 -6.82 27.17 12.18
CA THR B 795 -8.13 27.57 11.69
C THR B 795 -9.21 27.60 12.75
N GLY B 796 -8.93 27.13 13.96
CA GLY B 796 -10.00 26.99 14.94
C GLY B 796 -10.96 25.92 14.49
N ALA B 797 -12.25 26.23 14.52
CA ALA B 797 -13.24 25.29 14.01
C ALA B 797 -13.04 25.11 12.51
N PRO B 798 -12.95 23.87 12.02
CA PRO B 798 -12.63 23.67 10.59
C PRO B 798 -13.61 24.37 9.66
N ASN B 799 -14.88 24.47 10.03
CA ASN B 799 -15.87 25.15 9.19
C ASN B 799 -16.02 26.62 9.53
N SER B 800 -15.36 27.11 10.59
CA SER B 800 -15.51 28.51 10.97
C SER B 800 -14.98 29.45 9.90
N ARG B 801 -13.80 29.15 9.36
CA ARG B 801 -13.17 29.96 8.32
C ARG B 801 -13.02 29.12 7.07
N PRO B 802 -13.94 29.21 6.11
CA PRO B 802 -13.88 28.34 4.93
C PRO B 802 -12.85 28.80 3.91
N ALA B 803 -12.69 30.12 3.77
CA ALA B 803 -11.75 30.63 2.77
C ALA B 803 -10.34 30.17 3.06
N LEU B 804 -9.90 30.28 4.31
CA LEU B 804 -8.55 29.86 4.67
C LEU B 804 -8.37 28.37 4.45
N LEU B 805 -9.36 27.57 4.86
CA LEU B 805 -9.26 26.13 4.71
C LEU B 805 -9.14 25.74 3.24
N HIS B 806 -9.99 26.31 2.39
CA HIS B 806 -9.97 25.97 0.97
C HIS B 806 -8.69 26.45 0.31
N LEU B 807 -8.21 27.65 0.68
CA LEU B 807 -6.97 28.15 0.11
C LEU B 807 -5.80 27.23 0.46
N VAL B 808 -5.70 26.82 1.73
CA VAL B 808 -4.61 25.93 2.11
C VAL B 808 -4.77 24.57 1.45
N HIS B 809 -6.01 24.10 1.29
CA HIS B 809 -6.26 22.82 0.63
C HIS B 809 -5.85 22.87 -0.84
N ASP B 810 -5.98 24.03 -1.48
CA ASP B 810 -5.71 24.12 -2.92
C ASP B 810 -4.25 23.80 -3.23
N PHE B 811 -3.32 24.30 -2.43
CA PHE B 811 -1.91 24.04 -2.65
C PHE B 811 -1.36 22.95 -1.75
N THR B 812 -2.23 22.20 -1.06
CA THR B 812 -1.81 21.11 -0.20
C THR B 812 -2.42 19.77 -0.58
N LYS B 813 -3.56 19.75 -1.28
CA LYS B 813 -4.22 18.50 -1.59
C LYS B 813 -3.39 17.70 -2.59
N ASN B 814 -3.14 16.43 -2.26
CA ASN B 814 -2.39 15.53 -3.13
C ASN B 814 -0.90 15.85 -3.10
N VAL B 815 -0.52 16.94 -2.43
CA VAL B 815 0.87 17.35 -2.31
C VAL B 815 1.06 17.91 -0.91
N GLY B 816 1.72 17.17 -0.04
CA GLY B 816 2.01 17.63 1.30
C GLY B 816 0.88 17.40 2.29
N LEU B 817 1.22 17.54 3.57
CA LEU B 817 0.31 17.30 4.67
C LEU B 817 -0.41 18.59 5.07
N MET B 818 -1.59 18.42 5.67
CA MET B 818 -2.41 19.55 6.09
C MET B 818 -3.09 19.18 7.40
N ILE B 819 -2.74 19.89 8.48
CA ILE B 819 -3.29 19.68 9.81
C ILE B 819 -4.07 20.93 10.21
N CYS B 820 -5.34 20.76 10.54
CA CYS B 820 -6.18 21.86 11.01
C CYS B 820 -6.08 21.93 12.52
N GLY B 821 -5.38 22.95 13.02
CA GLY B 821 -5.17 23.10 14.45
C GLY B 821 -6.23 23.97 15.08
N HIS B 822 -6.82 23.49 16.16
CA HIS B 822 -7.86 24.20 16.90
C HIS B 822 -7.48 24.23 18.37
N VAL B 823 -7.52 25.43 18.96
CA VAL B 823 -7.16 25.64 20.36
C VAL B 823 -8.43 25.91 21.14
N HIS B 824 -8.66 25.14 22.19
CA HIS B 824 -9.82 25.31 23.04
C HIS B 824 -9.41 25.98 24.35
N MET B 825 -10.21 26.95 24.79
CA MET B 825 -9.98 27.64 26.05
C MET B 825 -11.21 27.53 26.93
N GLY B 826 -10.99 27.55 28.25
CA GLY B 826 -12.07 27.47 29.20
C GLY B 826 -11.77 26.50 30.33
N PRO B 827 -12.77 26.23 31.17
CA PRO B 827 -12.56 25.28 32.26
C PRO B 827 -12.14 23.92 31.74
N ARG B 828 -11.17 23.31 32.44
CA ARG B 828 -10.61 22.05 31.98
C ARG B 828 -11.66 20.95 31.93
N ARG B 829 -12.52 20.87 32.96
CA ARG B 829 -13.50 19.80 33.01
C ARG B 829 -14.42 19.83 31.80
N GLN B 830 -14.99 20.99 31.50
CA GLN B 830 -15.87 21.10 30.33
C GLN B 830 -15.07 21.10 29.03
N ALA B 831 -13.85 21.64 29.06
CA ALA B 831 -13.03 21.68 27.84
C ALA B 831 -12.70 20.28 27.35
N MET B 832 -12.44 19.35 28.27
CA MET B 832 -12.14 17.99 27.86
C MET B 832 -13.30 17.37 27.09
N LYS B 833 -14.52 17.49 27.63
CA LYS B 833 -15.69 16.95 26.95
C LYS B 833 -15.93 17.65 25.62
N GLU B 834 -15.75 18.98 25.59
CA GLU B 834 -15.94 19.71 24.34
C GLU B 834 -14.96 19.22 23.29
N MET B 835 -13.69 19.03 23.65
CA MET B 835 -12.71 18.53 22.71
C MET B 835 -13.03 17.11 22.27
N SER B 836 -13.49 16.27 23.19
CA SER B 836 -13.85 14.90 22.82
C SER B 836 -14.97 14.88 21.78
N ILE B 837 -15.98 15.72 21.99
CA ILE B 837 -17.06 15.81 21.00
C ILE B 837 -16.54 16.37 19.68
N ASP B 838 -15.73 17.44 19.76
CA ASP B 838 -15.26 18.13 18.57
C ASP B 838 -14.41 17.21 17.70
N GLN B 839 -13.58 16.38 18.32
CA GLN B 839 -12.76 15.45 17.54
C GLN B 839 -13.60 14.71 16.52
N ALA B 840 -14.57 13.93 17.00
CA ALA B 840 -15.42 13.15 16.11
C ALA B 840 -16.20 14.04 15.16
N LYS B 841 -16.83 15.09 15.70
CA LYS B 841 -17.69 15.92 14.86
C LYS B 841 -16.92 16.49 13.68
N TYR B 842 -15.77 17.10 13.94
CA TYR B 842 -15.03 17.78 12.89
C TYR B 842 -14.27 16.84 11.99
N GLN B 843 -13.79 15.70 12.50
CA GLN B 843 -13.20 14.72 11.59
C GLN B 843 -14.24 14.20 10.62
N ARG B 844 -15.45 13.91 11.11
CA ARG B 844 -16.51 13.47 10.21
C ARG B 844 -16.87 14.56 9.22
N TRP B 845 -16.92 15.81 9.68
CA TRP B 845 -17.24 16.93 8.79
C TRP B 845 -16.20 17.05 7.68
N LEU B 846 -14.92 16.96 8.04
CA LEU B 846 -13.85 17.05 7.04
C LEU B 846 -13.94 15.90 6.05
N ILE B 847 -14.17 14.68 6.53
CA ILE B 847 -14.26 13.54 5.62
C ILE B 847 -15.45 13.71 4.67
N LYS B 848 -16.59 14.12 5.22
CA LYS B 848 -17.79 14.26 4.39
C LYS B 848 -17.64 15.39 3.38
N ASN B 849 -16.83 16.40 3.68
CA ASN B 849 -16.66 17.53 2.79
C ASN B 849 -15.52 17.34 1.80
N LYS B 850 -14.87 16.18 1.80
CA LYS B 850 -13.85 15.84 0.81
C LYS B 850 -12.57 16.67 0.99
N MET B 851 -12.22 16.98 2.23
CA MET B 851 -10.99 17.70 2.54
C MET B 851 -9.99 16.74 3.15
N LYS B 852 -8.82 16.60 2.50
CA LYS B 852 -7.80 15.67 2.97
C LYS B 852 -6.98 16.30 4.09
N ALA B 853 -7.64 16.78 5.13
CA ALA B 853 -6.98 17.41 6.26
C ALA B 853 -7.13 16.55 7.50
N PHE B 854 -6.32 16.87 8.51
CA PHE B 854 -6.38 16.23 9.81
C PHE B 854 -6.79 17.26 10.85
N TYR B 855 -7.79 16.92 11.65
CA TYR B 855 -8.20 17.78 12.76
C TYR B 855 -7.30 17.53 13.96
N ALA B 856 -6.78 18.60 14.54
CA ALA B 856 -5.84 18.52 15.65
C ALA B 856 -6.33 19.41 16.79
N PRO B 857 -7.29 18.95 17.57
CA PRO B 857 -7.73 19.73 18.73
C PRO B 857 -6.66 19.80 19.79
N VAL B 858 -6.68 20.89 20.56
CA VAL B 858 -5.72 21.09 21.64
C VAL B 858 -6.37 21.99 22.69
N HIS B 859 -6.06 21.73 23.96
CA HIS B 859 -6.57 22.50 25.06
C HIS B 859 -5.42 23.25 25.71
N ALA B 860 -5.54 24.58 25.79
CA ALA B 860 -4.48 25.42 26.35
C ALA B 860 -5.10 26.69 26.89
N ASP B 861 -4.33 27.38 27.74
CA ASP B 861 -4.82 28.60 28.37
C ASP B 861 -5.11 29.68 27.33
N ASP B 862 -4.22 29.83 26.35
CA ASP B 862 -4.37 30.85 25.33
C ASP B 862 -3.92 30.31 23.99
N LEU B 863 -4.10 31.12 22.94
CA LEU B 863 -3.77 30.69 21.59
C LEU B 863 -2.30 30.36 21.45
N ARG B 864 -1.43 31.17 22.05
CA ARG B 864 0.01 30.97 21.91
C ARG B 864 0.43 29.61 22.47
N GLU B 865 -0.10 29.23 23.63
CA GLU B 865 0.27 27.96 24.23
C GLU B 865 -0.17 26.78 23.36
N GLY B 866 -1.39 26.84 22.83
CA GLY B 866 -1.84 25.77 21.96
C GLY B 866 -1.04 25.68 20.69
N ALA B 867 -0.72 26.82 20.10
CA ALA B 867 0.14 26.83 18.92
C ALA B 867 1.50 26.25 19.23
N GLN B 868 2.04 26.54 20.42
CA GLN B 868 3.31 25.94 20.82
C GLN B 868 3.20 24.43 20.91
N TYR B 869 2.12 23.93 21.52
CA TYR B 869 1.89 22.49 21.57
C TYR B 869 1.92 21.90 20.17
N LEU B 870 1.13 22.50 19.26
CA LEU B 870 1.01 21.95 17.92
C LEU B 870 2.33 21.99 17.16
N MET B 871 3.05 23.12 17.24
CA MET B 871 4.31 23.25 16.52
C MET B 871 5.40 22.38 17.11
N GLN B 872 5.27 21.96 18.36
CA GLN B 872 6.29 21.11 18.94
C GLN B 872 6.01 19.62 18.74
N ALA B 873 4.74 19.19 18.87
CA ALA B 873 4.43 17.79 18.92
C ALA B 873 3.53 17.29 17.79
N ALA B 874 2.81 18.15 17.11
CA ALA B 874 1.87 17.69 16.09
C ALA B 874 2.60 16.93 15.00
N GLY B 875 1.95 15.89 14.47
CA GLY B 875 2.52 15.05 13.44
C GLY B 875 3.14 13.79 13.99
N LEU B 876 3.60 12.95 13.07
CA LEU B 876 4.21 11.68 13.42
C LEU B 876 5.37 11.39 12.47
N GLY B 877 6.52 11.06 13.05
CA GLY B 877 7.68 10.76 12.23
C GLY B 877 8.06 11.91 11.32
N ARG B 878 8.34 11.58 10.06
CA ARG B 878 8.72 12.58 9.08
C ARG B 878 7.53 13.33 8.51
N MET B 879 6.30 12.91 8.83
CA MET B 879 5.09 13.59 8.37
C MET B 879 4.62 14.58 9.43
N LYS B 880 5.37 15.68 9.54
CA LYS B 880 5.10 16.70 10.52
C LYS B 880 5.11 18.08 9.86
N PRO B 881 4.40 19.04 10.44
CA PRO B 881 4.31 20.36 9.81
C PRO B 881 5.65 21.07 9.74
N ASN B 882 5.80 21.91 8.72
CA ASN B 882 6.95 22.78 8.59
C ASN B 882 6.57 24.21 8.24
N THR B 883 5.29 24.49 8.03
CA THR B 883 4.81 25.82 7.69
C THR B 883 3.61 26.15 8.57
N LEU B 884 3.56 27.38 9.06
CA LEU B 884 2.45 27.86 9.87
C LEU B 884 1.59 28.79 9.04
N VAL B 885 0.30 28.50 8.97
CA VAL B 885 -0.66 29.29 8.21
C VAL B 885 -1.74 29.78 9.18
N LEU B 886 -1.97 31.08 9.21
CA LEU B 886 -2.99 31.67 10.04
C LEU B 886 -3.61 32.86 9.31
N GLY B 887 -4.82 33.21 9.71
CA GLY B 887 -5.49 34.35 9.14
C GLY B 887 -5.02 35.66 9.73
N PHE B 888 -5.20 36.74 8.96
CA PHE B 888 -4.84 38.06 9.43
C PHE B 888 -5.76 38.50 10.56
N LYS B 889 -5.17 39.11 11.59
CA LYS B 889 -5.94 39.67 12.70
C LYS B 889 -6.55 40.99 12.24
N LYS B 890 -7.70 40.88 11.58
CA LYS B 890 -8.33 42.06 10.98
C LYS B 890 -8.72 43.08 12.04
N ASP B 891 -9.27 42.62 13.16
CA ASP B 891 -9.80 43.49 14.20
C ASP B 891 -8.76 43.90 15.23
N TRP B 892 -7.48 43.86 14.88
CA TRP B 892 -6.44 44.14 15.87
C TRP B 892 -6.59 45.54 16.46
N LEU B 893 -7.06 46.51 15.66
CA LEU B 893 -7.22 47.86 16.18
C LEU B 893 -8.29 47.90 17.27
N GLN B 894 -9.43 47.24 17.03
CA GLN B 894 -10.51 47.19 18.01
C GLN B 894 -10.43 45.90 18.83
N ALA B 895 -9.29 45.71 19.50
CA ALA B 895 -9.08 44.52 20.30
C ALA B 895 -8.05 44.83 21.37
N ASP B 896 -8.05 43.99 22.41
CA ASP B 896 -7.08 44.16 23.48
C ASP B 896 -5.66 43.92 22.97
N MET B 897 -4.74 44.79 23.36
CA MET B 897 -3.36 44.69 22.88
C MET B 897 -2.69 43.41 23.32
N ARG B 898 -3.20 42.75 24.38
CA ARG B 898 -2.65 41.46 24.76
C ARG B 898 -2.85 40.42 23.66
N ASP B 899 -4.02 40.43 23.02
CA ASP B 899 -4.27 39.51 21.92
C ASP B 899 -3.33 39.78 20.75
N VAL B 900 -3.10 41.05 20.43
CA VAL B 900 -2.18 41.38 19.34
C VAL B 900 -0.76 40.94 19.68
N ASP B 901 -0.38 41.12 20.95
CA ASP B 901 0.94 40.65 21.38
C ASP B 901 1.05 39.15 21.23
N MET B 902 -0.02 38.42 21.58
CA MET B 902 -0.01 36.97 21.41
C MET B 902 0.10 36.58 19.95
N TYR B 903 -0.58 37.30 19.07
CA TYR B 903 -0.48 37.06 17.63
C TYR B 903 0.95 37.23 17.14
N ILE B 904 1.57 38.37 17.47
CA ILE B 904 2.92 38.65 17.01
C ILE B 904 3.89 37.64 17.61
N ASN B 905 3.66 37.24 18.86
CA ASN B 905 4.51 36.23 19.48
C ASN B 905 4.31 34.87 18.85
N LEU B 906 3.13 34.59 18.32
CA LEU B 906 2.93 33.39 17.51
C LEU B 906 3.82 33.43 16.27
N PHE B 907 3.85 34.58 15.59
CA PHE B 907 4.79 34.76 14.50
C PHE B 907 6.22 34.47 14.93
N HIS B 908 6.62 35.08 16.05
CA HIS B 908 8.01 34.95 16.52
C HIS B 908 8.34 33.50 16.89
N ASP B 909 7.40 32.81 17.53
CA ASP B 909 7.62 31.41 17.87
C ASP B 909 7.77 30.56 16.61
N ALA B 910 6.94 30.82 15.60
CA ALA B 910 7.07 30.09 14.34
C ALA B 910 8.45 30.31 13.74
N PHE B 911 8.91 31.55 13.72
CA PHE B 911 10.25 31.82 13.18
C PHE B 911 11.34 31.14 14.01
N ASP B 912 11.19 31.16 15.33
CA ASP B 912 12.21 30.57 16.20
C ASP B 912 12.30 29.06 16.01
N ILE B 913 11.16 28.40 15.79
CA ILE B 913 11.13 26.95 15.70
C ILE B 913 11.47 26.50 14.29
N GLN B 914 11.93 27.44 13.46
CA GLN B 914 12.32 27.13 12.08
C GLN B 914 11.11 26.71 11.24
N TYR B 915 10.04 27.50 11.32
CA TYR B 915 8.82 27.26 10.57
C TYR B 915 8.66 28.34 9.51
N GLY B 916 8.13 27.94 8.36
CA GLY B 916 7.63 28.93 7.41
C GLY B 916 6.27 29.44 7.84
N VAL B 917 6.04 30.72 7.59
CA VAL B 917 4.84 31.40 8.03
C VAL B 917 4.09 31.94 6.83
N VAL B 918 2.79 31.65 6.75
CA VAL B 918 1.92 32.16 5.71
C VAL B 918 0.73 32.84 6.37
N VAL B 919 0.46 34.07 5.98
CA VAL B 919 -0.65 34.86 6.51
C VAL B 919 -1.60 35.18 5.37
N ILE B 920 -2.87 34.88 5.56
CA ILE B 920 -3.90 35.12 4.55
C ILE B 920 -4.81 36.23 5.07
N ARG B 921 -4.99 37.28 4.27
CA ARG B 921 -5.77 38.43 4.66
C ARG B 921 -6.89 38.66 3.64
N LEU B 922 -8.10 38.86 4.14
CA LEU B 922 -9.25 39.19 3.32
C LEU B 922 -9.86 40.49 3.82
N LYS B 923 -10.50 41.23 2.91
CA LYS B 923 -11.11 42.50 3.29
C LYS B 923 -12.17 42.31 4.36
N GLU B 924 -13.01 41.28 4.21
CA GLU B 924 -14.12 41.04 5.12
C GLU B 924 -13.74 40.20 6.33
N GLY B 925 -12.63 39.48 6.29
CA GLY B 925 -12.21 38.64 7.38
C GLY B 925 -12.23 37.17 7.00
N LEU B 926 -12.26 36.32 8.03
CA LEU B 926 -12.22 34.88 7.80
C LEU B 926 -13.33 34.15 8.54
N ASP B 927 -13.76 34.68 9.68
CA ASP B 927 -14.74 33.99 10.51
C ASP B 927 -16.15 34.23 10.02
N ILE B 928 -16.92 33.15 9.88
CA ILE B 928 -18.29 33.22 9.40
C ILE B 928 -19.20 32.47 10.36
N SER B 929 -18.64 32.02 11.48
CA SER B 929 -19.41 31.22 12.43
C SER B 929 -20.58 32.03 13.00
N HIS B 930 -20.33 33.28 13.38
CA HIS B 930 -21.40 34.10 13.94
C HIS B 930 -22.50 34.36 12.94
N LEU B 931 -22.14 34.61 11.68
CA LEU B 931 -23.12 34.87 10.63
C LEU B 931 -23.99 33.66 10.38
N ASN B 1002 -27.09 41.39 6.98
CA ASN B 1002 -27.10 42.65 6.26
C ASN B 1002 -26.09 42.65 5.11
N VAL B 1003 -25.73 43.84 4.64
CA VAL B 1003 -24.80 43.94 3.51
C VAL B 1003 -23.43 43.38 3.90
N ALA B 1004 -22.94 43.74 5.09
CA ALA B 1004 -21.63 43.27 5.51
C ALA B 1004 -21.60 41.75 5.64
N ASP B 1005 -22.65 41.16 6.23
CA ASP B 1005 -22.69 39.72 6.37
C ASP B 1005 -22.73 39.03 5.00
N GLN B 1006 -23.51 39.58 4.07
CA GLN B 1006 -23.58 39.00 2.73
C GLN B 1006 -22.22 39.07 2.04
N LYS B 1007 -21.52 40.21 2.17
CA LYS B 1007 -20.20 40.33 1.58
C LYS B 1007 -19.22 39.34 2.20
N LEU B 1008 -19.30 39.17 3.52
CA LEU B 1008 -18.42 38.22 4.20
C LEU B 1008 -18.67 36.79 3.72
N LEU B 1009 -19.95 36.41 3.59
CA LEU B 1009 -20.27 35.08 3.09
C LEU B 1009 -19.79 34.88 1.66
N GLU B 1010 -19.97 35.91 0.82
CA GLU B 1010 -19.48 35.82 -0.56
C GLU B 1010 -17.96 35.64 -0.58
N ALA B 1011 -17.25 36.38 0.27
CA ALA B 1011 -15.80 36.21 0.34
C ALA B 1011 -15.44 34.81 0.81
N SER B 1012 -16.20 34.27 1.76
CA SER B 1012 -15.93 32.92 2.24
C SER B 1012 -16.09 31.90 1.13
N THR B 1013 -17.11 32.07 0.29
CA THR B 1013 -17.39 31.13 -0.79
C THR B 1013 -16.65 31.43 -2.08
N GLN B 1014 -15.89 32.52 -2.14
CA GLN B 1014 -15.27 32.95 -3.38
C GLN B 1014 -14.31 31.90 -3.94
N PHE B 1015 -13.52 31.27 -3.07
CA PHE B 1015 -12.44 30.39 -3.52
C PHE B 1015 -12.88 28.94 -3.70
N GLN B 1016 -14.18 28.68 -3.71
CA GLN B 1016 -14.70 27.32 -3.89
C GLN B 1016 -15.11 27.03 -5.33
N LYS B 1017 -14.97 27.99 -6.23
CA LYS B 1017 -15.39 27.84 -7.63
C LYS B 1017 -14.19 27.97 -8.55
N LYS B 1018 -14.44 27.82 -9.85
CA LYS B 1018 -13.39 28.02 -10.85
C LYS B 1018 -13.02 29.49 -10.93
N GLN B 1019 -11.72 29.77 -10.87
CA GLN B 1019 -11.27 31.16 -10.76
C GLN B 1019 -11.54 31.94 -12.04
N GLY B 1020 -11.18 31.37 -13.19
CA GLY B 1020 -11.35 32.06 -14.46
C GLY B 1020 -10.05 32.63 -14.99
N LYS B 1021 -10.19 33.44 -16.04
CA LYS B 1021 -9.04 34.01 -16.74
C LYS B 1021 -8.50 35.24 -15.98
N ASN B 1022 -8.12 35.01 -14.74
CA ASN B 1022 -7.49 36.01 -13.90
C ASN B 1022 -5.98 35.79 -13.88
N THR B 1023 -5.28 36.56 -13.04
CA THR B 1023 -3.84 36.45 -12.94
C THR B 1023 -3.43 36.30 -11.47
N ILE B 1024 -2.31 35.63 -11.26
CA ILE B 1024 -1.72 35.47 -9.94
C ILE B 1024 -0.47 36.33 -9.87
N ASP B 1025 -0.46 37.29 -8.95
CA ASP B 1025 0.64 38.23 -8.81
C ASP B 1025 1.54 37.78 -7.68
N VAL B 1026 2.81 37.51 -7.99
CA VAL B 1026 3.79 37.07 -7.02
C VAL B 1026 4.83 38.17 -6.88
N TRP B 1027 4.90 38.80 -5.72
CA TRP B 1027 5.88 39.84 -5.43
C TRP B 1027 7.02 39.23 -4.63
N TRP B 1028 7.87 38.50 -5.33
CA TRP B 1028 9.03 37.84 -4.71
C TRP B 1028 10.13 38.88 -4.53
N LEU B 1029 10.13 39.54 -3.38
CA LEU B 1029 11.09 40.60 -3.12
C LEU B 1029 12.33 40.13 -2.37
N PHE B 1030 12.19 39.12 -1.51
CA PHE B 1030 13.31 38.62 -0.73
C PHE B 1030 13.41 37.11 -0.88
N ASP B 1031 14.64 36.61 -0.95
CA ASP B 1031 14.86 35.19 -1.16
C ASP B 1031 14.63 34.47 0.16
N ASP B 1032 13.43 33.93 0.34
CA ASP B 1032 13.09 33.13 1.50
C ASP B 1032 13.35 31.65 1.29
N GLY B 1033 13.91 31.27 0.14
CA GLY B 1033 14.16 29.89 -0.20
C GLY B 1033 13.30 29.35 -1.33
N GLY B 1034 12.32 30.12 -1.79
CA GLY B 1034 11.48 29.71 -2.90
C GLY B 1034 10.05 29.39 -2.54
N LEU B 1035 9.70 29.38 -1.25
CA LEU B 1035 8.32 29.08 -0.87
C LEU B 1035 7.35 30.08 -1.48
N THR B 1036 7.73 31.36 -1.50
CA THR B 1036 6.87 32.40 -2.07
C THR B 1036 6.51 32.08 -3.52
N LEU B 1037 7.44 31.47 -4.26
CA LEU B 1037 7.16 31.05 -5.62
C LEU B 1037 6.58 29.65 -5.69
N LEU B 1038 6.94 28.78 -4.73
CA LEU B 1038 6.44 27.42 -4.76
C LEU B 1038 4.93 27.35 -4.54
N ILE B 1039 4.41 28.18 -3.64
CA ILE B 1039 2.96 28.13 -3.36
C ILE B 1039 2.13 28.49 -4.57
N PRO B 1040 2.36 29.62 -5.25
CA PRO B 1040 1.54 29.93 -6.44
C PRO B 1040 1.65 28.90 -7.54
N TYR B 1041 2.81 28.28 -7.72
CA TYR B 1041 2.93 27.22 -8.72
C TYR B 1041 2.03 26.05 -8.36
N LEU B 1042 2.05 25.63 -7.09
CA LEU B 1042 1.17 24.56 -6.66
C LEU B 1042 -0.30 24.95 -6.84
N LEU B 1043 -0.62 26.24 -6.67
CA LEU B 1043 -1.96 26.71 -6.97
C LEU B 1043 -2.29 26.49 -8.44
N THR B 1044 -1.38 26.88 -9.34
CA THR B 1044 -1.61 26.71 -10.76
C THR B 1044 -1.66 25.25 -11.17
N THR B 1045 -1.11 24.36 -10.35
CA THR B 1045 -1.11 22.94 -10.67
C THR B 1045 -2.52 22.33 -10.65
N LYS B 1046 -3.47 22.97 -9.98
CA LYS B 1046 -4.80 22.42 -9.80
C LYS B 1046 -5.76 22.92 -10.89
N LYS B 1047 -6.84 22.17 -11.09
CA LYS B 1047 -7.78 22.48 -12.15
C LYS B 1047 -8.48 23.81 -11.91
N LYS B 1048 -8.83 24.11 -10.67
CA LYS B 1048 -9.56 25.35 -10.36
C LYS B 1048 -8.73 26.60 -10.64
N TRP B 1049 -7.41 26.47 -10.79
CA TRP B 1049 -6.53 27.61 -11.04
C TRP B 1049 -5.81 27.50 -12.37
N LYS B 1050 -6.29 26.66 -13.28
CA LYS B 1050 -5.60 26.46 -14.55
C LYS B 1050 -5.52 27.75 -15.35
N ASP B 1051 -6.62 28.49 -15.43
CA ASP B 1051 -6.64 29.70 -16.26
C ASP B 1051 -5.67 30.75 -15.74
N CYS B 1052 -5.59 30.91 -14.42
CA CYS B 1052 -4.77 31.97 -13.84
C CYS B 1052 -3.31 31.81 -14.25
N LYS B 1053 -2.69 32.92 -14.63
CA LYS B 1053 -1.30 32.98 -15.02
C LYS B 1053 -0.48 33.70 -13.96
N ILE B 1054 0.76 33.26 -13.79
CA ILE B 1054 1.63 33.78 -12.73
C ILE B 1054 2.35 35.01 -13.26
N ARG B 1055 2.19 36.13 -12.56
CA ARG B 1055 2.93 37.36 -12.83
C ARG B 1055 3.92 37.57 -11.70
N VAL B 1056 5.18 37.82 -12.06
CA VAL B 1056 6.27 37.91 -11.09
C VAL B 1056 6.71 39.37 -10.99
N PHE B 1057 6.84 39.86 -9.76
CA PHE B 1057 7.33 41.20 -9.49
C PHE B 1057 8.61 41.11 -8.68
N ILE B 1058 9.65 41.81 -9.12
CA ILE B 1058 10.90 41.88 -8.38
C ILE B 1058 11.37 43.33 -8.37
N GLY B 1059 12.27 43.63 -7.43
CA GLY B 1059 12.82 44.95 -7.30
C GLY B 1059 14.19 45.05 -7.98
N GLY B 1060 14.34 46.07 -8.81
CA GLY B 1060 15.60 46.28 -9.51
C GLY B 1060 16.12 47.69 -9.37
N LYS B 1061 17.09 48.05 -10.20
CA LYS B 1061 17.67 49.39 -10.22
C LYS B 1061 17.36 50.06 -11.54
N ILE B 1062 16.95 51.33 -11.47
CA ILE B 1062 16.69 52.09 -12.69
C ILE B 1062 17.95 52.13 -13.54
N ASN B 1063 17.77 52.06 -14.86
CA ASN B 1063 18.82 51.98 -15.86
C ASN B 1063 19.38 50.56 -15.97
N ARG B 1064 18.90 49.62 -15.16
CA ARG B 1064 19.28 48.21 -15.26
C ARG B 1064 18.06 47.31 -15.35
N ILE B 1065 16.92 47.85 -15.80
CA ILE B 1065 15.68 47.08 -15.79
C ILE B 1065 15.81 45.84 -16.66
N ASP B 1066 16.34 46.01 -17.88
CA ASP B 1066 16.40 44.88 -18.81
C ASP B 1066 17.31 43.77 -18.28
N HIS B 1067 18.47 44.13 -17.72
CA HIS B 1067 19.39 43.12 -17.23
C HIS B 1067 18.78 42.33 -16.08
N ASP B 1068 18.17 43.03 -15.12
CA ASP B 1068 17.56 42.35 -13.98
C ASP B 1068 16.38 41.48 -14.43
N ARG B 1069 15.57 41.99 -15.36
CA ARG B 1069 14.45 41.19 -15.86
C ARG B 1069 14.95 39.92 -16.54
N ARG B 1070 15.99 40.04 -17.36
CA ARG B 1070 16.56 38.86 -18.02
C ARG B 1070 17.10 37.87 -16.99
N ALA B 1071 17.79 38.37 -15.97
CA ALA B 1071 18.33 37.48 -14.95
C ALA B 1071 17.21 36.75 -14.21
N MET B 1072 16.14 37.46 -13.85
CA MET B 1072 15.04 36.81 -13.17
C MET B 1072 14.37 35.78 -14.06
N ALA B 1073 14.16 36.12 -15.34
CA ALA B 1073 13.56 35.16 -16.26
C ALA B 1073 14.41 33.92 -16.40
N THR B 1074 15.73 34.08 -16.52
CA THR B 1074 16.61 32.92 -16.58
C THR B 1074 16.53 32.09 -15.31
N LEU B 1075 16.56 32.75 -14.15
CA LEU B 1075 16.54 32.01 -12.89
C LEU B 1075 15.27 31.19 -12.74
N LEU B 1076 14.12 31.78 -13.06
CA LEU B 1076 12.87 31.05 -12.94
C LEU B 1076 12.64 30.09 -14.10
N SER B 1077 13.36 30.24 -15.21
CA SER B 1077 13.31 29.24 -16.28
C SER B 1077 14.12 28.00 -15.91
N LYS B 1078 15.24 28.18 -15.21
CA LYS B 1078 15.94 27.02 -14.67
C LYS B 1078 15.09 26.27 -13.66
N PHE B 1079 14.24 26.99 -12.92
CA PHE B 1079 13.34 26.36 -11.97
C PHE B 1079 12.15 25.70 -12.65
N ARG B 1080 11.87 26.03 -13.91
CA ARG B 1080 10.77 25.45 -14.67
C ARG B 1080 9.41 25.81 -14.07
N ILE B 1081 9.28 27.04 -13.61
CA ILE B 1081 7.98 27.62 -13.25
C ILE B 1081 7.59 28.60 -14.34
N ASP B 1082 6.52 28.29 -15.06
CA ASP B 1082 6.07 29.15 -16.14
C ASP B 1082 5.52 30.46 -15.60
N PHE B 1083 5.79 31.54 -16.32
CA PHE B 1083 5.30 32.86 -15.97
C PHE B 1083 4.78 33.55 -17.23
N SER B 1084 3.83 34.46 -17.03
CA SER B 1084 3.24 35.19 -18.14
C SER B 1084 3.89 36.54 -18.39
N ASP B 1085 4.64 37.06 -17.43
CA ASP B 1085 5.33 38.34 -17.59
C ASP B 1085 6.14 38.59 -16.32
N ILE B 1086 7.13 39.47 -16.45
CA ILE B 1086 7.97 39.87 -15.33
C ILE B 1086 8.06 41.39 -15.32
N MET B 1087 7.65 41.99 -14.21
CA MET B 1087 7.72 43.44 -14.04
C MET B 1087 8.77 43.77 -12.99
N VAL B 1088 9.72 44.63 -13.37
CA VAL B 1088 10.78 45.08 -12.48
C VAL B 1088 10.46 46.51 -12.07
N LEU B 1089 10.30 46.73 -10.78
CA LEU B 1089 9.99 48.05 -10.24
C LEU B 1089 11.26 48.67 -9.66
N GLY B 1090 11.68 49.77 -10.26
CA GLY B 1090 12.78 50.55 -9.72
C GLY B 1090 12.38 51.67 -8.79
N ASP B 1091 11.08 51.94 -8.70
CA ASP B 1091 10.57 53.02 -7.85
C ASP B 1091 10.23 52.51 -6.45
N ILE B 1092 11.18 51.83 -5.83
CA ILE B 1092 11.08 51.45 -4.42
C ILE B 1092 12.16 52.20 -3.67
N ASN B 1093 12.02 52.23 -2.34
CA ASN B 1093 12.91 53.00 -1.49
C ASN B 1093 12.61 54.49 -1.61
N THR B 1094 11.71 54.85 -2.52
CA THR B 1094 11.26 56.22 -2.61
C THR B 1094 10.32 56.56 -1.45
N LYS B 1095 10.26 57.83 -1.12
CA LYS B 1095 9.42 58.27 -0.01
C LYS B 1095 7.96 58.21 -0.42
N PRO B 1096 7.11 57.48 0.30
CA PRO B 1096 5.69 57.43 -0.05
C PRO B 1096 5.02 58.79 0.15
N LYS B 1097 3.86 58.95 -0.47
CA LYS B 1097 3.14 60.21 -0.41
C LYS B 1097 2.95 60.65 1.04
N LYS B 1098 2.84 61.96 1.23
CA LYS B 1098 2.72 62.51 2.58
C LYS B 1098 1.44 62.02 3.26
N GLU B 1099 0.35 61.92 2.50
CA GLU B 1099 -0.93 61.52 3.10
C GLU B 1099 -0.83 60.13 3.71
N ASN B 1100 -0.18 59.19 3.02
CA ASN B 1100 -0.08 57.84 3.53
C ASN B 1100 0.75 57.78 4.81
N ILE B 1101 1.85 58.53 4.86
CA ILE B 1101 2.67 58.56 6.08
C ILE B 1101 1.87 59.18 7.22
N ILE B 1102 1.11 60.23 6.94
CA ILE B 1102 0.28 60.85 7.96
C ILE B 1102 -0.75 59.86 8.49
N ALA B 1103 -1.38 59.10 7.59
CA ALA B 1103 -2.35 58.11 8.01
C ALA B 1103 -1.71 57.03 8.86
N PHE B 1104 -0.51 56.57 8.48
CA PHE B 1104 0.18 55.57 9.29
C PHE B 1104 0.49 56.12 10.67
N GLU B 1105 0.96 57.36 10.75
CA GLU B 1105 1.27 57.95 12.05
C GLU B 1105 0.02 58.08 12.90
N GLU B 1106 -1.09 58.50 12.30
CA GLU B 1106 -2.35 58.60 13.05
C GLU B 1106 -2.79 57.23 13.56
N ILE B 1107 -2.62 56.20 12.74
CA ILE B 1107 -2.97 54.85 13.17
C ILE B 1107 -2.10 54.41 14.34
N ILE B 1108 -0.80 54.69 14.26
CA ILE B 1108 0.14 54.24 15.28
C ILE B 1108 0.12 55.07 16.56
N GLU B 1109 -0.48 56.26 16.53
CA GLU B 1109 -0.45 57.15 17.68
C GLU B 1109 -0.91 56.51 18.99
N PRO B 1110 -2.00 55.75 19.02
CA PRO B 1110 -2.52 55.27 20.32
C PRO B 1110 -1.70 54.15 20.93
N TYR B 1111 -0.56 53.81 20.33
CA TYR B 1111 0.27 52.72 20.84
C TYR B 1111 1.72 53.12 21.03
N ARG B 1112 2.04 54.42 20.95
CA ARG B 1112 3.41 54.88 21.09
C ARG B 1112 3.77 55.06 22.56
N LEU B 1113 5.00 54.72 22.90
CA LEU B 1113 5.47 54.91 24.27
C LEU B 1113 5.76 56.37 24.58
N HIS B 1114 6.17 57.13 23.57
CA HIS B 1114 6.55 58.53 23.75
C HIS B 1114 7.61 58.68 24.84
N GLU B 1115 8.62 57.81 24.76
CA GLU B 1115 9.69 57.83 25.76
C GLU B 1115 10.39 59.17 25.79
N ASP B 1116 10.50 59.86 24.66
CA ASP B 1116 11.19 61.14 24.63
C ASP B 1116 10.52 62.15 25.54
N ASP B 1117 9.19 62.23 25.49
CA ASP B 1117 8.43 63.13 26.35
C ASP B 1117 7.98 62.45 27.64
N LYS B 1118 8.94 61.85 28.35
CA LYS B 1118 8.67 61.14 29.59
C LYS B 1118 9.76 61.47 30.59
N GLU B 1119 9.60 60.94 31.81
CA GLU B 1119 10.52 61.22 32.90
C GLU B 1119 11.63 60.19 33.03
N GLN B 1120 11.71 59.22 32.12
CA GLN B 1120 12.68 58.14 32.09
C GLN B 1120 12.39 57.07 33.15
N ASP B 1121 11.41 57.26 34.01
CA ASP B 1121 10.98 56.25 34.96
C ASP B 1121 9.55 55.81 34.73
N ILE B 1122 8.62 56.76 34.56
CA ILE B 1122 7.27 56.41 34.18
C ILE B 1122 7.26 55.71 32.83
N ALA B 1123 8.14 56.15 31.92
CA ALA B 1123 8.24 55.49 30.61
C ALA B 1123 8.71 54.05 30.76
N ASP B 1124 9.71 53.82 31.61
CA ASP B 1124 10.18 52.46 31.83
C ASP B 1124 9.09 51.60 32.45
N LYS B 1125 8.34 52.15 33.41
CA LYS B 1125 7.25 51.41 34.02
C LYS B 1125 6.20 51.05 32.98
N MET B 1126 5.83 52.01 32.11
CA MET B 1126 4.84 51.73 31.08
C MET B 1126 5.35 50.65 30.12
N LYS B 1127 6.62 50.73 29.73
CA LYS B 1127 7.17 49.71 28.84
C LYS B 1127 7.15 48.33 29.47
N GLU B 1128 7.49 48.25 30.77
CA GLU B 1128 7.45 46.97 31.45
C GLU B 1128 6.02 46.43 31.56
N ASP B 1129 5.08 47.30 31.91
CA ASP B 1129 3.69 46.86 32.05
C ASP B 1129 3.10 46.45 30.71
N GLU B 1130 3.40 47.20 29.65
CA GLU B 1130 2.87 46.95 28.31
C GLU B 1130 4.04 46.84 27.35
N PRO B 1131 4.63 45.64 27.21
CA PRO B 1131 5.81 45.51 26.34
C PRO B 1131 5.52 45.81 24.88
N TRP B 1132 4.27 45.77 24.44
CA TRP B 1132 3.93 46.04 23.05
C TRP B 1132 4.05 47.50 22.69
N ARG B 1133 4.25 48.39 23.66
CA ARG B 1133 4.31 49.81 23.37
C ARG B 1133 5.44 50.13 22.39
N ILE B 1134 5.16 51.03 21.46
CA ILE B 1134 6.12 51.39 20.42
C ILE B 1134 7.03 52.49 20.94
N THR B 1135 8.32 52.23 20.96
CA THR B 1135 9.30 53.19 21.44
C THR B 1135 9.74 54.11 20.31
N ASP B 1136 10.05 55.36 20.66
CA ASP B 1136 10.50 56.33 19.66
C ASP B 1136 11.81 55.90 19.01
N ASN B 1137 12.70 55.26 19.78
CA ASN B 1137 13.99 54.84 19.23
C ASN B 1137 13.80 53.85 18.09
N GLU B 1138 12.92 52.87 18.28
CA GLU B 1138 12.69 51.88 17.23
C GLU B 1138 12.05 52.51 16.01
N LEU B 1139 11.12 53.46 16.21
CA LEU B 1139 10.51 54.14 15.08
C LEU B 1139 11.56 54.90 14.29
N GLU B 1140 12.45 55.62 14.98
CA GLU B 1140 13.52 56.32 14.28
C GLU B 1140 14.43 55.35 13.54
N LEU B 1141 14.75 54.22 14.16
CA LEU B 1141 15.65 53.25 13.54
C LEU B 1141 15.04 52.65 12.28
N TYR B 1142 13.74 52.32 12.31
CA TYR B 1142 13.10 51.58 11.24
C TYR B 1142 12.11 52.43 10.45
N LYS B 1143 12.31 53.75 10.45
CA LYS B 1143 11.58 54.60 9.51
C LYS B 1143 11.71 54.09 8.09
N THR B 1144 12.90 53.58 7.72
CA THR B 1144 13.09 53.06 6.38
C THR B 1144 12.17 51.88 6.10
N LYS B 1145 12.09 50.94 7.05
CA LYS B 1145 11.21 49.78 6.87
C LYS B 1145 9.74 50.20 6.83
N THR B 1146 9.36 51.17 7.67
CA THR B 1146 7.98 51.65 7.65
C THR B 1146 7.64 52.26 6.29
N TYR B 1147 8.53 53.12 5.78
CA TYR B 1147 8.31 53.72 4.47
C TYR B 1147 8.27 52.66 3.39
N ARG B 1148 9.09 51.61 3.53
CA ARG B 1148 9.07 50.53 2.56
C ARG B 1148 7.72 49.83 2.55
N GLN B 1149 7.16 49.56 3.74
CA GLN B 1149 5.84 48.94 3.79
C GLN B 1149 4.78 49.82 3.14
N ILE B 1150 4.80 51.11 3.44
CA ILE B 1150 3.80 52.02 2.88
C ILE B 1150 3.93 52.10 1.37
N ARG B 1151 5.16 52.22 0.87
CA ARG B 1151 5.37 52.32 -0.57
C ARG B 1151 5.02 51.01 -1.27
N LEU B 1152 5.30 49.88 -0.62
CA LEU B 1152 4.91 48.60 -1.21
C LEU B 1152 3.41 48.48 -1.31
N ASN B 1153 2.67 48.96 -0.30
CA ASN B 1153 1.22 48.98 -0.42
C ASN B 1153 0.78 49.87 -1.57
N GLU B 1154 1.40 51.04 -1.71
CA GLU B 1154 1.08 51.91 -2.84
C GLU B 1154 1.29 51.20 -4.16
N LEU B 1155 2.45 50.55 -4.32
CA LEU B 1155 2.76 49.86 -5.56
C LEU B 1155 1.79 48.72 -5.83
N LEU B 1156 1.46 47.95 -4.80
CA LEU B 1156 0.50 46.86 -4.98
C LEU B 1156 -0.85 47.39 -5.43
N LYS B 1157 -1.32 48.46 -4.80
CA LYS B 1157 -2.61 49.03 -5.18
C LYS B 1157 -2.58 49.56 -6.61
N GLU B 1158 -1.46 50.16 -7.02
CA GLU B 1158 -1.37 50.74 -8.35
C GLU B 1158 -1.22 49.68 -9.44
N HIS B 1159 -0.59 48.55 -9.12
CA HIS B 1159 -0.26 47.54 -10.13
C HIS B 1159 -1.09 46.27 -10.01
N SER B 1160 -1.14 45.66 -8.82
CA SER B 1160 -1.82 44.39 -8.61
C SER B 1160 -3.24 44.56 -8.08
N SER B 1161 -3.89 45.67 -8.41
CA SER B 1161 -5.23 45.93 -7.91
C SER B 1161 -6.29 45.06 -8.58
N THR B 1162 -5.95 44.34 -9.66
CA THR B 1162 -6.90 43.51 -10.38
C THR B 1162 -6.50 42.04 -10.37
N ALA B 1163 -5.51 41.65 -9.58
CA ALA B 1163 -5.09 40.26 -9.53
C ALA B 1163 -6.14 39.41 -8.83
N ASN B 1164 -6.24 38.15 -9.27
CA ASN B 1164 -7.11 37.20 -8.58
C ASN B 1164 -6.63 36.94 -7.16
N ILE B 1165 -5.31 36.78 -6.99
CA ILE B 1165 -4.71 36.58 -5.68
C ILE B 1165 -3.29 37.12 -5.73
N ILE B 1166 -2.84 37.66 -4.61
CA ILE B 1166 -1.51 38.25 -4.49
C ILE B 1166 -0.69 37.42 -3.51
N VAL B 1167 0.54 37.11 -3.91
CA VAL B 1167 1.52 36.50 -3.00
C VAL B 1167 2.68 37.48 -2.89
N MET B 1168 2.97 37.92 -1.67
CA MET B 1168 4.06 38.83 -1.41
C MET B 1168 4.90 38.30 -0.26
N SER B 1169 6.19 38.62 -0.30
CA SER B 1169 7.08 38.20 0.78
C SER B 1169 6.67 38.83 2.09
N LEU B 1170 6.74 38.05 3.16
CA LEU B 1170 6.33 38.52 4.48
C LEU B 1170 7.52 39.17 5.18
N PRO B 1171 7.43 40.43 5.58
CA PRO B 1171 8.55 41.05 6.29
C PRO B 1171 8.81 40.35 7.61
N VAL B 1172 10.08 40.27 7.98
CA VAL B 1172 10.51 39.62 9.22
C VAL B 1172 11.07 40.70 10.14
N ALA B 1173 10.48 40.81 11.33
CA ALA B 1173 10.91 41.78 12.33
C ALA B 1173 11.80 41.09 13.35
N ARG B 1174 12.98 41.67 13.60
CA ARG B 1174 13.89 41.09 14.57
C ARG B 1174 13.26 41.09 15.96
N LYS B 1175 13.32 39.94 16.62
CA LYS B 1175 12.70 39.81 17.93
C LYS B 1175 13.47 40.62 18.96
N GLY B 1176 12.73 41.34 19.80
CA GLY B 1176 13.32 42.19 20.82
C GLY B 1176 13.69 43.58 20.34
N ALA B 1177 13.70 43.81 19.03
CA ALA B 1177 14.01 45.13 18.49
C ALA B 1177 12.79 45.87 17.97
N VAL B 1178 11.75 45.16 17.55
CA VAL B 1178 10.54 45.75 17.03
C VAL B 1178 9.39 45.34 17.94
N SER B 1179 8.57 46.32 18.32
CA SER B 1179 7.43 46.05 19.17
C SER B 1179 6.35 45.28 18.43
N SER B 1180 5.51 44.58 19.19
CA SER B 1180 4.40 43.84 18.59
C SER B 1180 3.45 44.79 17.87
N ALA B 1181 3.17 45.94 18.47
CA ALA B 1181 2.30 46.92 17.82
C ALA B 1181 2.90 47.41 16.51
N LEU B 1182 4.21 47.65 16.49
CA LEU B 1182 4.85 48.09 15.25
C LEU B 1182 4.80 47.01 14.19
N TYR B 1183 5.02 45.76 14.57
CA TYR B 1183 4.93 44.67 13.60
C TYR B 1183 3.51 44.55 13.04
N MET B 1184 2.51 44.66 13.91
CA MET B 1184 1.13 44.61 13.43
C MET B 1184 0.82 45.77 12.50
N ALA B 1185 1.32 46.97 12.83
CA ALA B 1185 1.10 48.12 11.96
C ALA B 1185 1.79 47.94 10.62
N TRP B 1186 3.01 47.38 10.63
CA TRP B 1186 3.69 47.08 9.37
C TRP B 1186 2.86 46.13 8.51
N LEU B 1187 2.37 45.05 9.12
CA LEU B 1187 1.56 44.10 8.36
C LEU B 1187 0.29 44.76 7.83
N GLU B 1188 -0.38 45.57 8.65
CA GLU B 1188 -1.61 46.21 8.20
C GLU B 1188 -1.35 47.19 7.06
N ALA B 1189 -0.28 47.99 7.17
CA ALA B 1189 0.03 48.95 6.11
C ALA B 1189 0.43 48.24 4.82
N LEU B 1190 1.20 47.16 4.92
CA LEU B 1190 1.64 46.45 3.73
C LEU B 1190 0.47 45.93 2.92
N SER B 1191 -0.52 45.35 3.60
CA SER B 1191 -1.70 44.79 2.94
C SER B 1191 -2.94 45.52 3.44
N LYS B 1192 -3.65 46.16 2.53
CA LYS B 1192 -4.92 46.80 2.85
C LYS B 1192 -5.56 47.29 1.56
N ASP B 1193 -6.88 47.29 1.53
CA ASP B 1193 -7.63 47.69 0.34
C ASP B 1193 -7.14 46.94 -0.89
N LEU B 1194 -6.89 45.66 -0.73
CA LEU B 1194 -6.31 44.81 -1.75
C LEU B 1194 -7.14 43.56 -1.94
N PRO B 1195 -7.05 42.92 -3.10
CA PRO B 1195 -7.69 41.61 -3.27
C PRO B 1195 -7.05 40.60 -2.34
N PRO B 1196 -7.54 39.36 -2.33
CA PRO B 1196 -6.95 38.34 -1.46
C PRO B 1196 -5.43 38.29 -1.62
N ILE B 1197 -4.73 38.38 -0.50
CA ILE B 1197 -3.28 38.47 -0.49
C ILE B 1197 -2.73 37.44 0.49
N LEU B 1198 -1.58 36.87 0.14
CA LEU B 1198 -0.87 35.93 0.99
C LEU B 1198 0.52 36.47 1.28
N LEU B 1199 0.86 36.57 2.56
CA LEU B 1199 2.20 36.98 2.98
C LEU B 1199 2.97 35.73 3.38
N VAL B 1200 4.07 35.47 2.67
CA VAL B 1200 4.81 34.21 2.80
C VAL B 1200 6.24 34.53 3.21
N ARG B 1201 6.73 33.81 4.22
CA ARG B 1201 8.12 33.91 4.66
C ARG B 1201 8.59 32.48 4.90
N GLY B 1202 9.38 31.95 3.97
CA GLY B 1202 9.80 30.57 4.04
C GLY B 1202 10.88 30.33 5.08
N ASN B 1203 11.26 29.06 5.20
CA ASN B 1203 12.26 28.65 6.17
C ASN B 1203 13.62 29.28 5.91
N HIS B 1204 13.85 29.81 4.71
CA HIS B 1204 15.11 30.32 4.22
C HIS B 1204 16.02 29.17 3.79
N GLN B 1205 15.61 27.92 4.01
CA GLN B 1205 16.25 26.80 3.36
C GLN B 1205 15.64 26.61 1.98
N SER B 1206 16.49 26.37 0.99
CA SER B 1206 16.03 26.29 -0.39
C SER B 1206 14.99 25.18 -0.55
N VAL B 1207 13.88 25.52 -1.18
CA VAL B 1207 12.85 24.56 -1.55
C VAL B 1207 12.72 24.43 -3.06
N LEU B 1208 13.66 25.02 -3.80
CA LEU B 1208 13.69 24.93 -5.26
C LEU B 1208 15.10 24.54 -5.69
N THR B 1209 15.19 23.91 -6.86
CA THR B 1209 16.47 23.51 -7.40
C THR B 1209 16.35 23.37 -8.91
N PHE B 1210 17.42 23.71 -9.61
CA PHE B 1210 17.54 23.46 -11.04
C PHE B 1210 18.47 22.29 -11.34
N TYR B 1211 18.92 21.58 -10.31
CA TYR B 1211 19.67 20.35 -10.49
C TYR B 1211 18.74 19.15 -10.43
N SER B 1212 19.18 18.06 -11.05
CA SER B 1212 18.40 16.83 -11.06
C SER B 1212 19.20 15.66 -10.52
#